data_5AB2
#
_entry.id   5AB2
#
_cell.length_a   75.650
_cell.length_b   135.465
_cell.length_c   128.212
_cell.angle_alpha   90.00
_cell.angle_beta   90.24
_cell.angle_gamma   90.00
#
_symmetry.space_group_name_H-M   'P 1 21 1'
#
loop_
_entity.id
_entity.type
_entity.pdbx_description
1 polymer 'ENDOPLASMIC RETICULUM AMINOPEPTIDASE 2'
2 polymer GPI
3 branched beta-D-mannopyranose-(1-4)-2-acetamido-2-deoxy-beta-D-glucopyranose-(1-4)-2-acetamido-2-deoxy-beta-D-glucopyranose
4 branched 2-acetamido-2-deoxy-beta-D-glucopyranose-(1-4)-2-acetamido-2-deoxy-beta-D-glucopyranose
5 branched beta-D-mannopyranose-(1-6)-beta-D-mannopyranose-(1-4)-2-acetamido-2-deoxy-beta-D-glucopyranose-(1-4)-2-acetamido-2-deoxy-beta-D-glucopyranose
6 non-polymer 2-acetamido-2-deoxy-beta-D-glucopyranose
7 non-polymer 'ZINC ION'
8 non-polymer 1,2-ETHANEDIOL
9 water water
#
loop_
_entity_poly.entity_id
_entity_poly.type
_entity_poly.pdbx_seq_one_letter_code
_entity_poly.pdbx_strand_id
1 'polypeptide(L)'
;MFHSSAMVNSHRKPMFNIHRGFYCLTAILPQICICSQFSVPSSYHFTEDPGAFPVATNGERFPWQELRLPSVVIPLHYDL
FVHPNLTSLDFVASEKIEVLVSNATQFIILHSKDLEITNATLQSEEDSRYMKPGKELKVLSYPAHEQIALLVPEKLTPHL
KYYVAMDFQAKLGDGFEGFYKSTYRTLGGETRILAVTDFEPTQARMAFPCFDEPLFKANFSIKIRRESRHIALSNMPKVK
TIELEGGLLEDHFETTVKMSTYLVAYIVCDFHSLSGFTSSGVKVSIYASPDKRNQTHYALQASLKLLDFYEKYFDIYYPL
SKLDLIAIPDFAPGAMENWGLITYRETSLLFDPKTSSASDKLWVTRVIAHELAHQWFGNLVTMEWWNDIWLKEGFAKYME
LIAVNATYPELQFDDYFLNVCFEVITKDSLNSSRPISKPAETPTQIQEMFDEVSYNKGACILNMLKDFLGEEKFQKGIIQ
YLKKFSYRNAKNDDLWSSLSNSCLESDFTSGGVCHSDPKMTSNMLAFLGENAEVKEMMTTWTLQKGIPLLVVKQDGCSLR
LQQERFLQGVFQEDPEWRALQERYLWHIPLTYSTSSSNVIHRHILKSKTDTLDLPEKTSWVKFNVDSNGYYIVHYEGHGW
DQLITQLNQNHTLLRPKDRVGLIHDVFQLVGAGRLTLDKALDMTYYLQHETSSPALLEGLSYLESFYHMMDRRNISDISE
NLKRYLLQYFKPVIDRQSWSDKGSVWDRMLRSALLKLACDLNHAPCIQKAAELFSQWMESSGKLNIPTDVLKIVYSVGAQ
TTAGWNYLLEQYELSMSSAEQNKILYALSTSKHQEKLLKLIELGMEGKVIKTQNLAALLHAIARRPKGQQLAWDFVRENW
THLLKKFDLGSYDIRMIISGTTAHFSSKDKLQEVKLFFESLEAQGSHLDIFQTVLETITKNIKWLEKNLPTLRTWLMVNT
RHHHHHH
;
A,B
2 'polypeptide(L)' GPGRAF C,D
#
# COMPACT_ATOMS: atom_id res chain seq x y z
N PRO A 54 -6.89 35.40 31.71
CA PRO A 54 -6.48 34.01 31.97
C PRO A 54 -7.38 33.02 31.23
N VAL A 55 -7.90 33.43 30.07
CA VAL A 55 -9.19 32.95 29.55
C VAL A 55 -9.43 33.20 28.05
N ALA A 56 -10.29 32.39 27.42
CA ALA A 56 -10.62 32.61 26.03
C ALA A 56 -11.66 31.74 25.33
N THR A 57 -11.69 31.90 24.02
CA THR A 57 -12.36 31.07 22.99
C THR A 57 -13.54 31.75 22.34
N ASN A 58 -14.55 32.04 23.13
CA ASN A 58 -15.61 32.85 22.64
C ASN A 58 -15.35 34.24 23.17
N GLY A 59 -14.88 34.32 24.40
CA GLY A 59 -14.55 35.57 25.02
C GLY A 59 -14.42 35.24 26.48
N GLU A 60 -15.17 35.84 27.17
CA GLU A 60 -15.45 35.39 28.55
C GLU A 60 -14.33 34.84 29.47
N ARG A 61 -14.46 35.11 30.77
CA ARG A 61 -13.52 34.56 31.73
C ARG A 61 -13.74 33.07 31.90
N PHE A 62 -12.86 32.26 31.29
CA PHE A 62 -12.70 30.86 31.66
C PHE A 62 -12.32 30.79 33.13
N PRO A 63 -13.24 30.29 33.97
CA PRO A 63 -13.21 30.45 35.43
C PRO A 63 -12.07 29.75 36.16
N TRP A 64 -11.37 28.83 35.52
CA TRP A 64 -10.35 28.08 36.25
C TRP A 64 -9.01 28.37 35.63
N GLN A 65 -7.95 28.34 36.43
CA GLN A 65 -6.66 28.86 35.99
C GLN A 65 -5.52 27.83 36.00
N GLU A 66 -5.52 26.97 37.01
CA GLU A 66 -4.46 25.98 37.18
C GLU A 66 -4.52 24.86 36.15
N LEU A 67 -3.35 24.38 35.76
CA LEU A 67 -3.23 23.29 34.78
C LEU A 67 -3.81 22.00 35.35
N ARG A 68 -3.58 21.76 36.64
CA ARG A 68 -4.26 20.71 37.38
C ARG A 68 -5.73 21.08 37.55
N LEU A 69 -6.58 20.08 37.71
CA LEU A 69 -8.02 20.30 37.84
C LEU A 69 -8.37 20.67 39.27
N PRO A 70 -9.55 21.26 39.48
CA PRO A 70 -10.02 21.44 40.86
C PRO A 70 -10.37 20.09 41.45
N SER A 71 -10.50 20.00 42.77
CA SER A 71 -10.87 18.74 43.40
C SER A 71 -12.23 18.83 44.12
N VAL A 72 -13.02 19.83 43.76
CA VAL A 72 -14.33 20.02 44.38
C VAL A 72 -15.39 19.06 43.78
N VAL A 73 -15.18 18.61 42.56
CA VAL A 73 -16.09 17.71 41.88
C VAL A 73 -15.46 16.33 41.60
N ILE A 74 -15.71 15.37 42.46
CA ILE A 74 -15.20 14.03 42.23
C ILE A 74 -16.12 13.19 41.36
N PRO A 75 -15.59 12.59 40.28
CA PRO A 75 -16.28 11.58 39.44
C PRO A 75 -16.37 10.24 40.13
N LEU A 76 -17.45 9.51 39.87
CA LEU A 76 -17.66 8.24 40.54
C LEU A 76 -18.03 7.15 39.53
N HIS A 77 -18.83 7.53 38.55
CA HIS A 77 -19.26 6.61 37.52
C HIS A 77 -19.48 7.30 36.17
N TYR A 78 -19.01 6.67 35.13
CA TYR A 78 -19.06 7.19 33.80
C TYR A 78 -19.92 6.24 33.01
N ASP A 79 -20.93 6.75 32.33
CA ASP A 79 -21.63 5.90 31.39
C ASP A 79 -21.09 6.32 30.09
N LEU A 80 -20.35 5.46 29.43
CA LEU A 80 -19.72 5.87 28.21
C LEU A 80 -20.33 5.09 27.06
N PHE A 81 -20.79 5.80 26.04
CA PHE A 81 -21.36 5.17 24.85
C PHE A 81 -20.58 5.68 23.66
N VAL A 82 -19.97 4.77 22.93
CA VAL A 82 -19.13 5.12 21.81
C VAL A 82 -19.64 4.42 20.58
N HIS A 83 -19.80 5.19 19.51
CA HIS A 83 -20.34 4.70 18.22
C HIS A 83 -19.42 5.08 17.06
N PRO A 84 -18.44 4.21 16.76
CA PRO A 84 -17.47 4.56 15.71
C PRO A 84 -17.88 4.02 14.33
N ASN A 85 -17.44 4.67 13.25
CA ASN A 85 -17.66 4.16 11.91
C ASN A 85 -16.33 4.00 11.19
N LEU A 86 -15.99 2.77 10.85
CA LEU A 86 -14.68 2.44 10.32
C LEU A 86 -14.68 2.58 8.81
N THR A 87 -15.69 3.26 8.29
CA THR A 87 -15.72 3.60 6.87
C THR A 87 -15.57 5.11 6.70
N SER A 88 -16.28 5.88 7.51
CA SER A 88 -16.15 7.33 7.47
C SER A 88 -14.97 7.75 8.33
N LEU A 89 -14.43 6.77 9.05
CA LEU A 89 -13.28 6.95 9.94
C LEU A 89 -13.55 8.07 10.98
N ASP A 90 -14.72 8.01 11.60
CA ASP A 90 -15.09 8.94 12.66
C ASP A 90 -15.91 8.22 13.68
N PHE A 91 -16.39 8.98 14.67
CA PHE A 91 -17.21 8.41 15.70
C PHE A 91 -18.15 9.46 16.29
N VAL A 92 -19.23 8.97 16.85
CA VAL A 92 -20.14 9.80 17.60
C VAL A 92 -20.16 9.17 19.00
N ALA A 93 -20.43 9.96 20.02
CA ALA A 93 -20.37 9.42 21.38
C ALA A 93 -21.09 10.29 22.38
N SER A 94 -21.43 9.70 23.50
CA SER A 94 -22.00 10.46 24.61
C SER A 94 -21.62 9.82 25.93
N GLU A 95 -21.65 10.61 27.00
CA GLU A 95 -21.38 10.06 28.33
C GLU A 95 -22.31 10.70 29.35
N LYS A 96 -22.58 9.96 30.43
CA LYS A 96 -23.21 10.48 31.63
C LYS A 96 -22.27 10.23 32.83
N ILE A 97 -21.85 11.31 33.49
CA ILE A 97 -20.89 11.25 34.60
C ILE A 97 -21.50 11.52 35.97
N GLU A 98 -21.55 10.53 36.83
CA GLU A 98 -22.08 10.80 38.15
C GLU A 98 -21.01 11.43 39.03
N VAL A 99 -21.24 12.66 39.48
CA VAL A 99 -20.25 13.32 40.32
C VAL A 99 -20.77 13.66 41.71
N LEU A 100 -19.87 13.74 42.67
CA LEU A 100 -20.17 14.22 44.01
C LEU A 100 -19.41 15.53 44.26
N VAL A 101 -20.15 16.55 44.70
CA VAL A 101 -19.59 17.88 44.93
C VAL A 101 -19.27 18.01 46.41
N SER A 102 -18.04 18.44 46.73
CA SER A 102 -17.67 18.54 48.14
C SER A 102 -17.67 19.99 48.60
N ASN A 103 -17.87 20.88 47.64
CA ASN A 103 -17.82 22.33 47.84
C ASN A 103 -18.87 22.99 46.96
N ALA A 104 -19.32 24.19 47.31
CA ALA A 104 -20.31 24.81 46.46
C ALA A 104 -19.59 25.49 45.29
N THR A 105 -20.12 25.32 44.07
CA THR A 105 -19.46 25.82 42.87
C THR A 105 -20.46 26.27 41.81
N GLN A 106 -20.02 27.21 40.99
CA GLN A 106 -20.80 27.70 39.89
C GLN A 106 -20.42 26.95 38.61
N PHE A 107 -19.31 26.22 38.66
CA PHE A 107 -18.77 25.62 37.43
C PHE A 107 -18.06 24.31 37.67
N ILE A 108 -18.04 23.49 36.64
CA ILE A 108 -17.32 22.24 36.66
C ILE A 108 -16.23 22.28 35.59
N ILE A 109 -15.05 21.80 35.97
CA ILE A 109 -13.90 21.77 35.08
C ILE A 109 -13.45 20.35 34.77
N LEU A 110 -13.35 20.02 33.48
CA LEU A 110 -12.66 18.78 33.12
C LEU A 110 -11.97 18.83 31.74
N HIS A 111 -11.19 17.79 31.44
CA HIS A 111 -10.39 17.81 30.24
C HIS A 111 -11.20 17.46 29.00
N SER A 112 -10.72 17.93 27.86
CA SER A 112 -11.32 17.64 26.57
C SER A 112 -10.42 18.29 25.52
N LYS A 113 -9.89 17.50 24.59
CA LYS A 113 -9.08 18.02 23.50
C LYS A 113 -9.57 17.43 22.18
N ASP A 114 -9.70 18.29 21.17
CA ASP A 114 -10.09 17.91 19.80
C ASP A 114 -11.46 17.24 19.69
N LEU A 115 -12.29 17.43 20.70
CA LEU A 115 -13.66 16.91 20.68
C LEU A 115 -14.64 18.08 20.57
N GLU A 116 -15.62 17.93 19.71
CA GLU A 116 -16.71 18.88 19.54
C GLU A 116 -17.90 18.48 20.42
N ILE A 117 -18.39 19.43 21.22
CA ILE A 117 -19.41 19.14 22.22
C ILE A 117 -20.74 19.82 21.92
N THR A 118 -21.82 19.05 21.89
CA THR A 118 -23.07 19.54 21.35
C THR A 118 -24.26 19.55 22.33
N ASN A 119 -24.15 18.83 23.45
CA ASN A 119 -25.16 18.91 24.51
C ASN A 119 -24.51 18.99 25.87
N ALA A 120 -25.12 19.69 26.79
CA ALA A 120 -24.53 19.81 28.11
C ALA A 120 -25.61 20.00 29.14
N THR A 121 -25.91 18.94 29.87
CA THR A 121 -26.98 18.97 30.85
C THR A 121 -26.47 18.50 32.21
N LEU A 122 -27.24 18.80 33.26
CA LEU A 122 -26.92 18.37 34.63
C LEU A 122 -28.20 17.86 35.27
N GLN A 123 -28.15 16.86 36.16
CA GLN A 123 -29.45 16.27 36.56
C GLN A 123 -29.74 16.03 38.06
N SER A 124 -29.00 15.21 38.77
CA SER A 124 -29.34 14.96 40.20
C SER A 124 -30.72 14.38 40.56
N GLU A 125 -30.68 13.34 41.39
CA GLU A 125 -31.87 12.79 42.01
C GLU A 125 -32.02 13.36 43.41
N GLU A 126 -31.03 14.16 43.82
CA GLU A 126 -30.93 14.65 45.19
C GLU A 126 -31.07 16.16 45.31
N ASP A 127 -30.96 16.86 44.17
CA ASP A 127 -31.05 18.30 44.15
C ASP A 127 -32.20 18.70 43.22
N SER A 128 -33.38 18.87 43.81
CA SER A 128 -34.64 19.10 43.10
C SER A 128 -34.53 20.08 41.93
N ARG A 129 -33.78 21.16 42.14
CA ARG A 129 -33.59 22.19 41.12
C ARG A 129 -33.13 21.60 39.78
N TYR A 130 -32.46 20.47 39.84
CA TYR A 130 -31.92 19.86 38.65
C TYR A 130 -32.66 18.56 38.30
N MET A 131 -33.71 18.24 39.05
CA MET A 131 -34.57 17.11 38.69
C MET A 131 -34.84 17.01 37.18
N LYS A 132 -34.81 15.78 36.68
CA LYS A 132 -34.96 15.43 35.26
C LYS A 132 -35.90 16.37 34.52
N PRO A 133 -35.55 16.79 33.30
CA PRO A 133 -34.45 16.42 32.42
C PRO A 133 -33.34 17.46 32.34
N GLY A 134 -33.70 18.74 32.30
CA GLY A 134 -32.77 19.84 32.24
C GLY A 134 -32.12 19.89 33.60
N LYS A 135 -31.25 20.85 33.85
CA LYS A 135 -31.03 21.99 32.99
C LYS A 135 -29.94 21.82 31.92
N GLU A 136 -29.75 22.85 31.10
CA GLU A 136 -28.68 22.89 30.11
C GLU A 136 -27.54 23.74 30.61
N LEU A 137 -26.30 23.34 30.30
CA LEU A 137 -25.12 24.06 30.78
C LEU A 137 -24.41 24.78 29.63
N LYS A 138 -23.85 25.95 29.93
CA LYS A 138 -23.03 26.68 28.98
C LYS A 138 -21.61 26.13 29.02
N VAL A 139 -21.09 25.84 27.83
CA VAL A 139 -19.82 25.15 27.71
C VAL A 139 -18.74 26.08 27.24
N LEU A 140 -17.63 26.13 27.96
CA LEU A 140 -16.56 27.04 27.66
C LEU A 140 -15.25 26.32 27.53
N SER A 141 -14.60 26.46 26.38
CA SER A 141 -13.38 25.77 26.00
C SER A 141 -12.11 26.61 26.09
N TYR A 142 -11.04 26.03 26.62
CA TYR A 142 -9.74 26.69 26.79
C TYR A 142 -8.62 25.76 26.35
N PRO A 143 -8.35 25.69 25.07
CA PRO A 143 -7.47 24.64 24.53
C PRO A 143 -6.06 24.60 25.13
N ALA A 144 -5.43 25.75 25.28
CA ALA A 144 -4.10 25.83 25.88
C ALA A 144 -3.90 24.98 27.15
N HIS A 145 -4.98 24.69 27.87
CA HIS A 145 -4.86 23.85 29.08
C HIS A 145 -5.61 22.54 28.89
N GLU A 146 -6.05 22.31 27.67
CA GLU A 146 -6.80 21.12 27.32
C GLU A 146 -8.04 20.94 28.22
N GLN A 147 -8.58 22.07 28.66
CA GLN A 147 -9.71 22.08 29.59
C GLN A 147 -11.01 22.60 28.96
N ILE A 148 -12.13 22.18 29.53
CA ILE A 148 -13.39 22.84 29.30
C ILE A 148 -14.07 23.06 30.65
N ALA A 149 -15.00 24.02 30.61
CA ALA A 149 -15.72 24.49 31.78
C ALA A 149 -17.20 24.31 31.53
N LEU A 150 -17.87 23.67 32.47
CA LEU A 150 -19.32 23.57 32.39
C LEU A 150 -19.90 24.59 33.36
N LEU A 151 -20.65 25.54 32.81
CA LEU A 151 -21.20 26.65 33.60
C LEU A 151 -22.62 26.37 34.09
N VAL A 152 -22.73 26.11 35.39
CA VAL A 152 -23.98 25.73 36.02
C VAL A 152 -24.85 26.98 36.28
N PRO A 153 -26.15 26.89 35.97
CA PRO A 153 -27.05 28.05 36.17
C PRO A 153 -27.24 28.43 37.66
N GLU A 154 -27.13 27.46 38.56
CA GLU A 154 -27.37 27.71 39.96
C GLU A 154 -26.40 26.96 40.85
N LYS A 155 -25.46 27.71 41.45
CA LYS A 155 -24.44 27.19 42.37
C LYS A 155 -24.87 25.88 43.05
N LEU A 156 -23.98 24.91 43.05
CA LEU A 156 -24.37 23.55 43.41
C LEU A 156 -24.19 23.28 44.90
N THR A 157 -24.62 22.10 45.32
CA THR A 157 -24.82 21.86 46.73
C THR A 157 -23.84 20.81 47.20
N PRO A 158 -23.05 21.17 48.22
CA PRO A 158 -22.10 20.26 48.85
C PRO A 158 -22.76 18.92 49.24
N HIS A 159 -22.05 17.82 49.01
CA HIS A 159 -22.43 16.48 49.46
C HIS A 159 -23.57 15.85 48.68
N LEU A 160 -24.07 16.54 47.66
CA LEU A 160 -25.08 15.93 46.81
C LEU A 160 -24.51 15.52 45.46
N LYS A 161 -25.10 14.48 44.86
CA LYS A 161 -24.63 13.94 43.60
C LYS A 161 -25.35 14.51 42.38
N TYR A 162 -24.62 14.73 41.29
CA TYR A 162 -25.19 15.20 40.04
C TYR A 162 -24.76 14.33 38.86
N TYR A 163 -25.45 14.49 37.74
CA TYR A 163 -25.18 13.73 36.53
C TYR A 163 -24.90 14.66 35.32
N VAL A 164 -23.62 14.80 34.98
CA VAL A 164 -23.19 15.55 33.81
C VAL A 164 -23.42 14.71 32.56
N ALA A 165 -23.78 15.36 31.45
CA ALA A 165 -24.07 14.64 30.22
C ALA A 165 -23.75 15.45 28.99
N MET A 166 -22.95 14.87 28.10
CA MET A 166 -22.56 15.55 26.87
C MET A 166 -22.60 14.62 25.69
N ASP A 167 -22.62 15.22 24.51
CA ASP A 167 -22.56 14.50 23.27
C ASP A 167 -21.35 15.04 22.56
N PHE A 168 -20.51 14.14 22.05
CA PHE A 168 -19.30 14.60 21.41
C PHE A 168 -19.00 13.77 20.16
N GLN A 169 -18.16 14.32 19.30
CA GLN A 169 -17.78 13.65 18.08
C GLN A 169 -16.39 14.12 17.59
N ALA A 170 -15.70 13.26 16.85
CA ALA A 170 -14.46 13.67 16.18
C ALA A 170 -14.16 12.67 15.08
N LYS A 171 -13.22 13.03 14.20
CA LYS A 171 -12.61 12.08 13.27
C LYS A 171 -11.78 11.07 14.07
N LEU A 172 -11.65 9.83 13.57
CA LEU A 172 -10.72 8.90 14.19
C LEU A 172 -9.34 9.49 14.09
N GLY A 173 -8.56 9.35 15.14
CA GLY A 173 -7.20 9.88 15.18
C GLY A 173 -6.23 9.43 14.08
N ASP A 174 -5.14 10.18 13.95
CA ASP A 174 -4.18 10.05 12.87
C ASP A 174 -2.79 9.68 13.35
N GLY A 175 -2.67 9.45 14.66
CA GLY A 175 -1.37 9.20 15.22
C GLY A 175 -1.25 7.87 15.92
N PHE A 176 -1.17 7.97 17.23
CA PHE A 176 -0.98 6.84 18.09
C PHE A 176 -1.63 7.31 19.36
N GLU A 177 -2.65 8.15 19.22
CA GLU A 177 -3.20 8.83 20.37
C GLU A 177 -4.71 8.81 20.45
N GLY A 178 -5.21 8.48 21.64
CA GLY A 178 -6.63 8.51 21.89
C GLY A 178 -7.32 7.52 20.99
N PHE A 179 -8.40 7.94 20.36
CA PHE A 179 -9.16 6.99 19.54
C PHE A 179 -8.73 7.07 18.08
N TYR A 180 -7.82 6.19 17.68
CA TYR A 180 -7.19 6.28 16.38
C TYR A 180 -7.36 5.08 15.42
N LYS A 181 -6.99 5.27 14.15
CA LYS A 181 -7.13 4.22 13.14
CA LYS A 181 -7.11 4.24 13.09
C LYS A 181 -5.83 3.49 12.86
N SER A 182 -5.92 2.17 12.75
CA SER A 182 -4.78 1.35 12.38
C SER A 182 -5.19 0.45 11.22
N THR A 183 -4.22 -0.10 10.52
CA THR A 183 -4.54 -0.94 9.41
C THR A 183 -3.59 -2.11 9.39
N TYR A 184 -4.02 -3.24 8.85
CA TYR A 184 -3.10 -4.32 8.67
C TYR A 184 -3.27 -4.93 7.29
N ARG A 185 -2.34 -5.80 6.93
CA ARG A 185 -2.46 -6.53 5.67
C ARG A 185 -2.87 -7.99 5.95
N THR A 186 -3.66 -8.58 5.06
CA THR A 186 -3.98 -10.00 5.18
C THR A 186 -3.04 -10.83 4.35
N LEU A 187 -3.17 -12.14 4.48
CA LEU A 187 -2.38 -13.10 3.70
C LEU A 187 -2.66 -13.01 2.21
N GLY A 188 -3.80 -12.45 1.86
CA GLY A 188 -4.17 -12.35 0.47
C GLY A 188 -3.94 -10.95 -0.05
N GLY A 189 -3.36 -10.11 0.79
CA GLY A 189 -2.98 -8.77 0.37
C GLY A 189 -4.13 -7.80 0.49
N GLU A 190 -5.09 -8.14 1.32
CA GLU A 190 -6.16 -7.22 1.66
C GLU A 190 -5.67 -6.32 2.76
N THR A 191 -6.14 -5.08 2.79
CA THR A 191 -5.79 -4.14 3.85
C THR A 191 -7.02 -3.83 4.65
N ARG A 192 -7.05 -4.16 5.94
CA ARG A 192 -8.20 -3.84 6.78
C ARG A 192 -7.92 -2.73 7.79
N ILE A 193 -8.96 -2.32 8.50
CA ILE A 193 -8.95 -1.17 9.39
C ILE A 193 -9.51 -1.58 10.72
N LEU A 194 -8.87 -1.16 11.81
CA LEU A 194 -9.41 -1.36 13.14
C LEU A 194 -9.44 0.00 13.83
N ALA A 195 -10.21 0.16 14.90
CA ALA A 195 -10.05 1.39 15.69
C ALA A 195 -9.66 1.04 17.11
N VAL A 196 -8.67 1.77 17.61
CA VAL A 196 -8.04 1.40 18.85
C VAL A 196 -7.72 2.67 19.65
N THR A 197 -7.74 2.51 20.98
CA THR A 197 -7.43 3.52 21.97
C THR A 197 -6.00 3.34 22.46
N ASP A 198 -5.28 4.44 22.68
CA ASP A 198 -4.12 4.46 23.58
C ASP A 198 -4.16 5.75 24.36
N PHE A 199 -4.17 5.70 25.68
CA PHE A 199 -4.48 6.94 26.44
C PHE A 199 -3.33 7.53 27.27
N GLU A 200 -2.48 6.68 27.81
CA GLU A 200 -1.41 7.13 28.66
C GLU A 200 -0.46 8.13 28.01
N PRO A 201 -0.13 9.22 28.71
CA PRO A 201 -0.71 9.65 30.00
C PRO A 201 -2.00 10.42 29.89
N THR A 202 -2.11 11.34 28.92
CA THR A 202 -3.18 12.34 28.96
C THR A 202 -4.04 12.37 27.71
N GLN A 203 -4.32 11.24 27.07
CA GLN A 203 -5.12 11.34 25.85
C GLN A 203 -6.49 10.71 25.92
N ALA A 204 -6.94 10.20 27.08
CA ALA A 204 -8.34 9.80 27.15
C ALA A 204 -9.19 11.01 26.85
N ARG A 205 -8.71 12.18 27.25
CA ARG A 205 -9.42 13.43 26.99
C ARG A 205 -9.60 13.75 25.50
N MET A 206 -9.04 12.94 24.61
CA MET A 206 -9.21 13.16 23.16
C MET A 206 -10.29 12.26 22.67
N ALA A 207 -10.76 11.39 23.56
CA ALA A 207 -11.82 10.43 23.24
C ALA A 207 -13.14 10.76 23.95
N PHE A 208 -13.07 11.30 25.15
CA PHE A 208 -14.28 11.66 25.86
C PHE A 208 -13.95 12.62 26.98
N PRO A 209 -14.77 13.65 27.18
CA PRO A 209 -14.48 14.60 28.26
C PRO A 209 -14.44 13.89 29.60
N CYS A 210 -13.43 14.16 30.41
CA CYS A 210 -13.30 13.41 31.65
C CYS A 210 -12.33 14.10 32.59
N PHE A 211 -12.46 13.79 33.87
CA PHE A 211 -11.54 14.26 34.87
C PHE A 211 -10.30 13.41 34.71
N ASP A 212 -9.39 13.91 33.87
CA ASP A 212 -8.33 13.11 33.29
C ASP A 212 -7.00 13.21 34.01
N GLU A 213 -6.99 12.80 35.27
CA GLU A 213 -5.76 12.70 36.07
C GLU A 213 -5.95 11.45 36.92
N PRO A 214 -4.90 10.62 37.08
CA PRO A 214 -5.06 9.28 37.66
C PRO A 214 -5.69 9.20 39.06
N LEU A 215 -5.86 10.32 39.76
CA LEU A 215 -6.51 10.32 41.08
C LEU A 215 -8.03 10.17 41.01
N PHE A 216 -8.57 10.62 39.88
CA PHE A 216 -9.99 10.65 39.67
C PHE A 216 -10.47 9.31 39.22
N LYS A 217 -10.17 8.32 40.03
CA LYS A 217 -10.58 6.96 39.71
C LYS A 217 -12.11 6.88 39.77
N ALA A 218 -12.68 6.10 38.89
CA ALA A 218 -14.12 6.01 38.76
C ALA A 218 -14.52 4.59 38.32
N ASN A 219 -15.80 4.27 38.36
CA ASN A 219 -16.28 3.08 37.65
C ASN A 219 -16.62 3.47 36.21
N PHE A 220 -16.42 2.56 35.25
CA PHE A 220 -16.73 2.83 33.85
C PHE A 220 -17.69 1.79 33.28
N SER A 221 -18.68 2.29 32.52
CA SER A 221 -19.67 1.40 31.89
C SER A 221 -19.79 1.77 30.44
N ILE A 222 -19.38 0.85 29.59
CA ILE A 222 -19.06 1.17 28.23
C ILE A 222 -19.96 0.34 27.32
N LYS A 223 -20.54 0.99 26.32
CA LYS A 223 -21.34 0.36 25.27
C LYS A 223 -20.77 0.77 23.91
N ILE A 224 -20.80 -0.13 22.93
CA ILE A 224 -20.19 0.20 21.64
C ILE A 224 -21.07 -0.30 20.51
N ARG A 225 -21.29 0.56 19.51
CA ARG A 225 -22.05 0.21 18.32
C ARG A 225 -21.14 -0.23 17.16
N ARG A 226 -21.52 -1.28 16.44
CA ARG A 226 -20.62 -1.90 15.47
C ARG A 226 -21.36 -2.72 14.46
N GLU A 227 -20.70 -3.00 13.34
CA GLU A 227 -21.27 -3.80 12.27
C GLU A 227 -21.03 -5.25 12.57
N SER A 228 -21.58 -6.14 11.75
CA SER A 228 -21.53 -7.55 12.08
C SER A 228 -20.17 -8.13 11.73
N ARG A 229 -19.44 -7.45 10.84
CA ARG A 229 -18.12 -7.93 10.45
C ARG A 229 -17.05 -7.61 11.52
N HIS A 230 -17.41 -6.75 12.48
CA HIS A 230 -16.56 -6.44 13.63
C HIS A 230 -16.96 -7.05 14.97
N ILE A 231 -15.96 -7.26 15.83
CA ILE A 231 -16.21 -7.44 17.24
C ILE A 231 -15.87 -6.12 17.94
N ALA A 232 -16.17 -6.01 19.22
CA ALA A 232 -15.77 -4.84 19.99
C ALA A 232 -15.25 -5.34 21.32
N LEU A 233 -14.12 -4.78 21.77
CA LEU A 233 -13.44 -5.26 22.95
C LEU A 233 -13.29 -4.09 23.88
N SER A 234 -13.22 -4.37 25.18
CA SER A 234 -13.02 -3.33 26.18
C SER A 234 -12.39 -3.89 27.45
N ASN A 235 -12.18 -3.02 28.44
CA ASN A 235 -11.56 -3.46 29.70
C ASN A 235 -12.24 -4.69 30.29
N MET A 236 -13.57 -4.76 30.21
CA MET A 236 -14.34 -5.75 30.94
C MET A 236 -15.04 -6.74 30.03
N PRO A 237 -15.52 -7.88 30.57
CA PRO A 237 -16.19 -8.84 29.67
C PRO A 237 -17.44 -8.26 29.01
N LYS A 238 -17.90 -8.87 27.94
CA LYS A 238 -19.15 -8.44 27.32
C LYS A 238 -20.36 -9.15 27.89
N VAL A 239 -21.21 -8.38 28.55
CA VAL A 239 -22.43 -8.91 29.11
C VAL A 239 -23.52 -9.15 28.08
N LYS A 240 -23.72 -8.18 27.19
CA LYS A 240 -24.86 -8.18 26.30
C LYS A 240 -24.51 -7.71 24.87
N THR A 241 -24.93 -8.44 23.85
CA THR A 241 -25.10 -7.80 22.55
C THR A 241 -26.60 -7.72 22.27
N ILE A 242 -27.07 -6.56 21.83
CA ILE A 242 -28.46 -6.43 21.38
C ILE A 242 -28.49 -5.89 19.97
N GLU A 243 -29.38 -6.43 19.14
CA GLU A 243 -29.44 -6.02 17.74
C GLU A 243 -30.34 -4.80 17.53
N LEU A 244 -30.08 -4.07 16.46
CA LEU A 244 -30.74 -2.79 16.26
C LEU A 244 -31.44 -2.71 14.91
N GLU A 245 -32.22 -1.65 14.76
CA GLU A 245 -32.96 -1.33 13.54
C GLU A 245 -32.23 -1.70 12.25
N GLY A 246 -31.47 -0.76 11.70
CA GLY A 246 -30.81 -0.95 10.41
C GLY A 246 -29.90 -2.16 10.25
N GLY A 247 -29.64 -2.87 11.35
CA GLY A 247 -28.86 -4.09 11.32
C GLY A 247 -27.56 -4.01 12.08
N LEU A 248 -27.32 -2.88 12.77
CA LEU A 248 -26.11 -2.70 13.56
C LEU A 248 -26.26 -3.43 14.89
N LEU A 249 -25.15 -3.70 15.55
CA LEU A 249 -25.18 -4.34 16.87
C LEU A 249 -24.60 -3.42 17.91
N GLU A 250 -24.74 -3.78 19.18
CA GLU A 250 -24.33 -2.88 20.27
C GLU A 250 -23.97 -3.66 21.51
N ASP A 251 -22.67 -3.65 21.84
CA ASP A 251 -22.15 -4.47 22.91
C ASP A 251 -22.18 -3.71 24.24
N HIS A 252 -22.62 -4.40 25.28
CA HIS A 252 -22.61 -3.84 26.61
C HIS A 252 -21.51 -4.59 27.37
N PHE A 253 -20.73 -3.88 28.18
CA PHE A 253 -19.63 -4.46 28.91
C PHE A 253 -19.89 -4.24 30.39
N GLU A 254 -19.50 -5.20 31.20
CA GLU A 254 -19.70 -5.16 32.63
C GLU A 254 -19.01 -3.93 33.19
N THR A 255 -19.61 -3.22 34.13
CA THR A 255 -19.02 -2.01 34.68
C THR A 255 -17.62 -2.26 35.25
N THR A 256 -16.66 -1.38 35.00
CA THR A 256 -15.29 -1.59 35.53
C THR A 256 -15.24 -1.47 37.03
N VAL A 257 -14.14 -1.91 37.64
CA VAL A 257 -13.87 -1.58 39.04
C VAL A 257 -13.43 -0.13 39.09
N LYS A 258 -13.07 0.38 40.25
CA LYS A 258 -12.59 1.75 40.31
C LYS A 258 -11.21 1.89 39.60
N MET A 259 -11.08 2.85 38.70
CA MET A 259 -9.88 2.85 37.91
C MET A 259 -9.56 4.22 37.29
N SER A 260 -8.28 4.47 36.92
CA SER A 260 -7.83 5.79 36.37
C SER A 260 -8.14 5.97 34.90
N THR A 261 -8.47 7.18 34.46
CA THR A 261 -8.88 7.32 33.07
C THR A 261 -7.88 6.79 32.02
N TYR A 262 -6.58 6.88 32.29
CA TYR A 262 -5.59 6.55 31.26
C TYR A 262 -5.61 5.07 30.88
N LEU A 263 -6.25 4.25 31.69
CA LEU A 263 -6.32 2.81 31.44
C LEU A 263 -7.58 2.37 30.74
N VAL A 264 -8.61 3.21 30.66
CA VAL A 264 -9.81 2.87 29.88
C VAL A 264 -9.47 2.50 28.45
N ALA A 265 -10.04 1.40 27.91
CA ALA A 265 -9.74 0.98 26.53
C ALA A 265 -10.90 0.38 25.74
N TYR A 266 -10.93 0.65 24.44
CA TYR A 266 -11.83 -0.09 23.56
C TYR A 266 -11.31 -0.21 22.13
N ILE A 267 -11.66 -1.29 21.47
CA ILE A 267 -11.14 -1.60 20.14
C ILE A 267 -12.28 -2.14 19.32
N VAL A 268 -12.32 -1.80 18.05
CA VAL A 268 -13.30 -2.38 17.14
C VAL A 268 -12.55 -2.99 15.96
N CYS A 269 -12.56 -4.31 15.86
CA CYS A 269 -11.73 -4.98 14.87
C CYS A 269 -12.40 -6.25 14.39
N ASP A 270 -11.70 -7.03 13.59
CA ASP A 270 -12.21 -8.30 13.08
C ASP A 270 -11.18 -9.35 13.37
N PHE A 271 -10.72 -9.40 14.60
CA PHE A 271 -9.58 -10.23 14.94
C PHE A 271 -10.04 -11.63 15.35
N HIS A 272 -9.09 -12.52 15.55
CA HIS A 272 -9.32 -13.89 16.03
C HIS A 272 -8.52 -14.13 17.30
N SER A 273 -8.93 -15.10 18.09
CA SER A 273 -8.30 -15.36 19.36
C SER A 273 -8.00 -16.82 19.68
N LEU A 274 -7.17 -17.00 20.69
CA LEU A 274 -6.99 -18.28 21.35
C LEU A 274 -7.29 -17.96 22.79
N SER A 275 -7.94 -18.85 23.51
CA SER A 275 -8.31 -18.59 24.89
C SER A 275 -7.84 -19.75 25.75
N GLY A 276 -7.84 -19.52 27.05
CA GLY A 276 -7.36 -20.49 27.98
C GLY A 276 -7.72 -19.95 29.34
N PHE A 277 -7.58 -20.77 30.37
CA PHE A 277 -8.01 -20.34 31.67
C PHE A 277 -6.88 -20.53 32.63
N THR A 278 -6.69 -19.55 33.51
CA THR A 278 -5.67 -19.66 34.52
C THR A 278 -6.14 -20.55 35.63
N SER A 279 -5.24 -20.87 36.55
CA SER A 279 -5.58 -21.79 37.59
C SER A 279 -6.72 -21.23 38.46
N SER A 280 -6.97 -19.93 38.42
CA SER A 280 -7.97 -19.35 39.30
C SER A 280 -9.18 -18.86 38.55
N GLY A 281 -9.31 -19.28 37.30
CA GLY A 281 -10.54 -19.03 36.56
C GLY A 281 -10.62 -17.86 35.60
N VAL A 282 -9.50 -17.12 35.43
CA VAL A 282 -9.45 -16.03 34.46
C VAL A 282 -9.29 -16.55 33.06
N LYS A 283 -10.21 -16.16 32.19
CA LYS A 283 -10.14 -16.41 30.75
C LYS A 283 -9.11 -15.45 30.03
N VAL A 284 -7.93 -15.98 29.73
CA VAL A 284 -6.96 -15.25 28.95
C VAL A 284 -7.19 -15.46 27.47
N SER A 285 -7.18 -14.40 26.69
CA SER A 285 -7.30 -14.54 25.25
C SER A 285 -6.23 -13.71 24.52
N ILE A 286 -5.57 -14.30 23.53
CA ILE A 286 -4.71 -13.51 22.66
C ILE A 286 -5.42 -13.22 21.36
N TYR A 287 -5.59 -11.93 21.07
CA TYR A 287 -6.19 -11.51 19.82
C TYR A 287 -5.12 -11.04 18.82
N ALA A 288 -5.25 -11.44 17.58
CA ALA A 288 -4.40 -10.95 16.53
C ALA A 288 -5.20 -10.98 15.25
N SER A 289 -4.67 -10.43 14.17
CA SER A 289 -5.41 -10.40 12.92
C SER A 289 -5.54 -11.84 12.45
N PRO A 290 -6.60 -12.14 11.68
CA PRO A 290 -6.98 -13.55 11.58
C PRO A 290 -5.89 -14.43 10.99
N ASP A 291 -5.08 -13.91 10.09
CA ASP A 291 -4.07 -14.74 9.43
C ASP A 291 -2.85 -14.96 10.30
N LYS A 292 -2.86 -14.41 11.51
CA LYS A 292 -1.73 -14.64 12.40
C LYS A 292 -2.06 -15.44 13.66
N ARG A 293 -3.19 -16.18 13.66
CA ARG A 293 -3.68 -16.79 14.89
C ARG A 293 -2.62 -17.73 15.44
N ASN A 294 -1.93 -18.40 14.53
CA ASN A 294 -0.97 -19.43 14.90
C ASN A 294 0.16 -18.84 15.71
N GLN A 295 0.41 -17.55 15.54
CA GLN A 295 1.55 -16.94 16.17
C GLN A 295 1.26 -16.56 17.59
N THR A 296 0.11 -16.98 18.13
CA THR A 296 -0.29 -16.52 19.46
C THR A 296 -0.10 -17.55 20.51
N HIS A 297 0.34 -18.75 20.13
CA HIS A 297 0.35 -19.85 21.09
C HIS A 297 1.23 -19.56 22.28
N TYR A 298 2.45 -19.11 22.01
CA TYR A 298 3.40 -18.88 23.08
C TYR A 298 2.93 -17.76 24.06
N ALA A 299 2.23 -16.76 23.53
CA ALA A 299 1.71 -15.70 24.38
C ALA A 299 0.65 -16.26 25.31
N LEU A 300 -0.21 -17.14 24.80
CA LEU A 300 -1.23 -17.77 25.67
C LEU A 300 -0.59 -18.58 26.76
N GLN A 301 0.43 -19.35 26.38
CA GLN A 301 1.13 -20.18 27.35
C GLN A 301 1.83 -19.38 28.42
N ALA A 302 2.48 -18.29 28.05
CA ALA A 302 3.22 -17.50 29.04
C ALA A 302 2.33 -16.62 29.91
N SER A 303 1.24 -16.08 29.37
CA SER A 303 0.39 -15.21 30.19
C SER A 303 -0.21 -16.02 31.35
N LEU A 304 -0.82 -17.15 31.01
CA LEU A 304 -1.34 -18.10 32.02
C LEU A 304 -0.38 -18.37 33.16
N LYS A 305 0.88 -18.71 32.87
CA LYS A 305 1.83 -19.02 33.95
C LYS A 305 2.26 -17.78 34.71
N LEU A 306 2.22 -16.63 34.04
CA LEU A 306 2.64 -15.43 34.75
C LEU A 306 1.47 -14.92 35.57
N LEU A 307 0.27 -14.91 35.00
CA LEU A 307 -0.85 -14.44 35.80
C LEU A 307 -1.06 -15.38 37.00
N ASP A 308 -0.81 -16.69 36.82
CA ASP A 308 -0.79 -17.62 37.95
C ASP A 308 0.23 -17.10 38.95
N PHE A 309 1.48 -17.00 38.53
CA PHE A 309 2.59 -16.59 39.40
C PHE A 309 2.27 -15.33 40.16
N TYR A 310 1.76 -14.31 39.49
CA TYR A 310 1.51 -13.05 40.12
C TYR A 310 0.42 -13.12 41.16
N GLU A 311 -0.60 -13.95 40.94
CA GLU A 311 -1.68 -14.08 41.91
C GLU A 311 -1.12 -14.64 43.23
N LYS A 312 -0.31 -15.67 43.12
CA LYS A 312 0.28 -16.32 44.27
C LYS A 312 1.34 -15.45 44.91
N TYR A 313 2.18 -14.82 44.09
CA TYR A 313 3.26 -14.00 44.61
C TYR A 313 2.72 -12.78 45.32
N PHE A 314 1.75 -12.10 44.73
CA PHE A 314 1.21 -10.89 45.34
C PHE A 314 0.11 -11.20 46.35
N ASP A 315 -0.28 -12.48 46.41
CA ASP A 315 -1.40 -12.97 47.22
C ASP A 315 -2.65 -12.13 47.03
N ILE A 316 -2.96 -11.81 45.78
CA ILE A 316 -4.09 -10.91 45.46
C ILE A 316 -4.62 -11.32 44.11
N TYR A 317 -5.80 -11.91 44.07
CA TYR A 317 -6.35 -12.33 42.79
C TYR A 317 -6.39 -11.14 41.82
N TYR A 318 -6.16 -11.40 40.54
CA TYR A 318 -6.61 -10.47 39.53
C TYR A 318 -8.15 -10.47 39.63
N PRO A 319 -8.77 -9.27 39.61
CA PRO A 319 -10.21 -9.12 39.91
C PRO A 319 -11.22 -9.33 38.75
N LEU A 320 -10.80 -9.37 37.50
CA LEU A 320 -11.74 -9.38 36.37
C LEU A 320 -11.77 -10.79 35.86
N SER A 321 -12.75 -11.12 35.03
CA SER A 321 -12.99 -12.51 34.68
C SER A 321 -12.14 -12.92 33.51
N LYS A 322 -11.87 -11.93 32.67
CA LYS A 322 -11.03 -12.10 31.49
C LYS A 322 -9.83 -11.15 31.48
N LEU A 323 -8.75 -11.59 30.85
CA LEU A 323 -7.61 -10.74 30.51
C LEU A 323 -7.34 -10.96 29.06
N ASP A 324 -7.50 -9.90 28.26
CA ASP A 324 -7.18 -9.93 26.86
C ASP A 324 -5.81 -9.29 26.52
N LEU A 325 -5.05 -9.93 25.63
CA LEU A 325 -3.83 -9.36 25.09
C LEU A 325 -4.00 -9.26 23.60
N ILE A 326 -3.85 -8.08 23.01
CA ILE A 326 -4.11 -7.95 21.59
C ILE A 326 -2.92 -7.31 20.86
N ALA A 327 -2.65 -7.81 19.67
CA ALA A 327 -1.50 -7.37 18.92
C ALA A 327 -1.92 -6.44 17.78
N ILE A 328 -1.73 -5.14 18.02
CA ILE A 328 -2.09 -4.04 17.15
C ILE A 328 -0.97 -3.80 16.11
N PRO A 329 -1.33 -3.87 14.82
CA PRO A 329 -0.36 -3.57 13.75
C PRO A 329 0.35 -2.22 13.91
N ASP A 330 -0.36 -1.10 13.96
CA ASP A 330 0.29 0.21 14.17
C ASP A 330 0.27 0.62 15.63
N PHE A 331 1.40 0.43 16.32
CA PHE A 331 1.39 0.73 17.74
C PHE A 331 2.65 1.38 18.21
N ALA A 332 2.54 2.57 18.79
CA ALA A 332 3.74 3.33 19.05
C ALA A 332 4.43 2.77 20.28
N PRO A 333 3.78 2.77 21.45
CA PRO A 333 4.57 2.20 22.55
C PRO A 333 4.84 0.72 22.31
N GLY A 334 5.54 0.05 23.20
CA GLY A 334 5.79 -1.35 22.95
C GLY A 334 4.61 -2.19 23.37
N ALA A 335 3.85 -1.63 24.31
CA ALA A 335 2.70 -2.26 24.89
C ALA A 335 2.06 -1.28 25.88
N MET A 336 0.76 -1.46 26.18
CA MET A 336 0.08 -0.63 27.19
C MET A 336 -0.90 -1.46 28.03
N GLU A 337 -0.89 -1.23 29.33
CA GLU A 337 -1.35 -2.20 30.27
C GLU A 337 -2.82 -1.98 30.58
N ASN A 338 -3.53 -1.34 29.66
CA ASN A 338 -5.00 -1.16 29.80
C ASN A 338 -5.67 -2.31 30.48
N TRP A 339 -6.32 -2.04 31.61
CA TRP A 339 -6.81 -3.09 32.51
C TRP A 339 -7.78 -4.04 31.83
N GLY A 340 -7.38 -5.28 31.63
CA GLY A 340 -8.26 -6.26 31.01
C GLY A 340 -8.14 -6.31 29.50
N LEU A 341 -7.52 -5.30 28.93
CA LEU A 341 -7.30 -5.29 27.49
C LEU A 341 -5.90 -4.72 27.19
N ILE A 342 -4.88 -5.53 27.37
CA ILE A 342 -3.52 -5.05 27.18
C ILE A 342 -3.21 -5.00 25.70
N THR A 343 -2.73 -3.86 25.20
CA THR A 343 -2.37 -3.76 23.79
C THR A 343 -0.84 -3.98 23.57
N TYR A 344 -0.47 -4.53 22.42
CA TYR A 344 0.92 -4.82 22.09
C TYR A 344 1.33 -4.51 20.65
N ARG A 345 2.51 -3.95 20.52
CA ARG A 345 3.25 -4.03 19.30
C ARG A 345 3.26 -5.52 18.87
N GLU A 346 3.01 -5.84 17.61
CA GLU A 346 3.14 -7.25 17.18
C GLU A 346 4.44 -7.94 17.61
N THR A 347 5.55 -7.23 17.65
CA THR A 347 6.82 -7.84 18.02
C THR A 347 6.99 -8.07 19.51
N SER A 348 6.08 -7.50 20.31
CA SER A 348 6.09 -7.75 21.76
C SER A 348 5.26 -8.99 22.17
N LEU A 349 4.39 -9.48 21.28
CA LEU A 349 3.40 -10.48 21.65
C LEU A 349 3.48 -11.74 20.79
N LEU A 350 3.47 -11.55 19.47
CA LEU A 350 3.50 -12.66 18.53
C LEU A 350 4.88 -13.31 18.40
N PHE A 351 4.88 -14.60 18.17
CA PHE A 351 6.06 -15.42 18.13
C PHE A 351 5.82 -16.51 17.11
N ASP A 352 6.84 -16.98 16.44
CA ASP A 352 6.64 -17.98 15.39
C ASP A 352 7.95 -18.70 15.10
N PRO A 353 8.00 -19.99 15.42
CA PRO A 353 9.24 -20.73 15.66
C PRO A 353 10.21 -20.76 14.49
N LYS A 354 9.73 -20.47 13.28
CA LYS A 354 10.55 -20.56 12.09
C LYS A 354 11.32 -19.26 11.82
N THR A 355 10.82 -18.13 12.32
CA THR A 355 11.49 -16.84 12.13
C THR A 355 11.79 -16.03 13.38
N SER A 356 11.45 -16.54 14.55
CA SER A 356 11.65 -15.77 15.76
C SER A 356 12.72 -16.39 16.57
N SER A 357 13.70 -15.60 16.96
CA SER A 357 14.89 -16.17 17.61
C SER A 357 14.72 -16.39 19.10
N ALA A 358 15.79 -16.80 19.75
CA ALA A 358 15.76 -17.02 21.19
C ALA A 358 15.67 -15.67 21.89
N SER A 359 16.31 -14.67 21.30
CA SER A 359 16.24 -13.31 21.82
C SER A 359 14.84 -12.77 21.72
N ASP A 360 14.16 -13.13 20.63
CA ASP A 360 12.78 -12.71 20.38
C ASP A 360 11.85 -13.21 21.45
N LYS A 361 11.96 -14.50 21.72
CA LYS A 361 11.15 -15.14 22.74
C LYS A 361 11.35 -14.43 24.07
N LEU A 362 12.59 -14.06 24.29
CA LEU A 362 12.98 -13.54 25.57
C LEU A 362 12.37 -12.15 25.73
N TRP A 363 12.34 -11.40 24.63
CA TRP A 363 11.70 -10.10 24.61
C TRP A 363 10.17 -10.22 24.81
N VAL A 364 9.52 -11.12 24.07
CA VAL A 364 8.09 -11.31 24.20
C VAL A 364 7.69 -11.71 25.63
N THR A 365 8.42 -12.65 26.23
CA THR A 365 8.17 -13.01 27.63
C THR A 365 8.33 -11.82 28.57
N ARG A 366 9.39 -11.04 28.38
CA ARG A 366 9.61 -9.86 29.19
C ARG A 366 8.44 -8.93 29.14
N VAL A 367 8.04 -8.50 27.95
CA VAL A 367 6.95 -7.53 27.78
C VAL A 367 5.62 -8.06 28.34
N ILE A 368 5.29 -9.30 28.04
CA ILE A 368 4.16 -9.94 28.69
C ILE A 368 4.29 -9.94 30.22
N ALA A 369 5.46 -10.30 30.75
CA ALA A 369 5.60 -10.29 32.21
C ALA A 369 5.53 -8.87 32.77
N HIS A 370 5.96 -7.91 31.96
CA HIS A 370 5.94 -6.51 32.33
C HIS A 370 4.48 -5.99 32.42
N GLU A 371 3.72 -6.16 31.36
CA GLU A 371 2.31 -5.72 31.36
C GLU A 371 1.44 -6.40 32.41
N LEU A 372 1.58 -7.71 32.62
CA LEU A 372 0.76 -8.35 33.65
C LEU A 372 1.12 -7.76 35.01
N ALA A 373 2.42 -7.57 35.29
CA ALA A 373 2.86 -6.93 36.53
C ALA A 373 2.13 -5.63 36.80
N HIS A 374 1.93 -4.83 35.75
CA HIS A 374 1.19 -3.59 35.86
C HIS A 374 -0.25 -3.75 36.39
N GLN A 375 -0.87 -4.91 36.17
CA GLN A 375 -2.28 -5.07 36.52
C GLN A 375 -2.41 -4.80 38.03
N TRP A 376 -1.43 -5.28 38.80
CA TRP A 376 -1.30 -4.85 40.18
C TRP A 376 -0.54 -3.51 40.32
N PHE A 377 0.70 -3.40 39.83
CA PHE A 377 1.44 -2.13 39.96
C PHE A 377 1.08 -1.11 38.88
N GLY A 378 0.11 -0.27 39.16
CA GLY A 378 -0.29 0.74 38.20
C GLY A 378 -1.80 0.76 38.11
N ASN A 379 -2.38 -0.40 37.82
CA ASN A 379 -3.82 -0.45 37.67
C ASN A 379 -4.52 -0.58 39.04
N LEU A 380 -4.14 -1.60 39.79
CA LEU A 380 -4.68 -1.79 41.13
C LEU A 380 -4.20 -0.64 41.99
N VAL A 381 -2.90 -0.56 42.26
CA VAL A 381 -2.27 0.59 42.93
C VAL A 381 -1.70 1.60 41.92
N THR A 382 -2.07 2.86 42.01
CA THR A 382 -1.72 3.84 40.98
C THR A 382 -1.02 5.06 41.54
N MET A 383 -0.08 5.65 40.79
CA MET A 383 0.61 6.83 41.27
C MET A 383 -0.44 7.84 41.60
N GLU A 384 -0.21 8.57 42.67
CA GLU A 384 -0.97 9.78 42.89
C GLU A 384 -0.83 10.69 41.67
N TRP A 385 0.37 10.95 41.22
CA TRP A 385 0.53 11.78 40.02
C TRP A 385 1.80 11.38 39.26
N TRP A 386 2.00 11.95 38.08
CA TRP A 386 3.02 11.47 37.16
C TRP A 386 4.48 11.71 37.64
N ASN A 387 4.62 12.43 38.72
CA ASN A 387 5.94 12.66 39.27
C ASN A 387 6.52 11.34 39.78
N ASP A 388 5.66 10.50 40.34
CA ASP A 388 6.08 9.23 40.91
C ASP A 388 5.78 8.06 39.99
N ILE A 389 5.85 8.31 38.69
CA ILE A 389 5.56 7.28 37.75
C ILE A 389 6.47 6.04 37.82
N TRP A 390 7.70 6.17 38.32
CA TRP A 390 8.55 5.00 38.51
C TRP A 390 7.86 4.02 39.47
N LEU A 391 6.96 4.50 40.32
CA LEU A 391 6.28 3.60 41.26
C LEU A 391 5.66 2.41 40.56
N LYS A 392 5.15 2.62 39.34
CA LYS A 392 4.64 1.51 38.52
C LYS A 392 5.64 1.00 37.46
N GLU A 393 6.41 1.87 36.80
CA GLU A 393 7.29 1.33 35.76
C GLU A 393 8.56 0.70 36.34
N GLY A 394 9.11 1.30 37.37
CA GLY A 394 10.21 0.68 38.08
C GLY A 394 9.85 -0.69 38.61
N PHE A 395 8.63 -0.84 39.10
CA PHE A 395 8.20 -2.12 39.70
C PHE A 395 7.82 -3.15 38.65
N ALA A 396 7.16 -2.69 37.59
CA ALA A 396 6.83 -3.65 36.57
C ALA A 396 8.13 -4.17 36.02
N LYS A 397 9.06 -3.27 35.74
CA LYS A 397 10.38 -3.65 35.24
C LYS A 397 11.12 -4.62 36.19
N TYR A 398 11.21 -4.27 37.45
CA TYR A 398 11.78 -5.18 38.42
C TYR A 398 11.08 -6.55 38.43
N MET A 399 9.76 -6.57 38.49
CA MET A 399 9.04 -7.83 38.51
C MET A 399 9.25 -8.68 37.22
N GLU A 400 9.71 -8.10 36.09
CA GLU A 400 9.98 -8.99 34.95
C GLU A 400 11.02 -10.01 35.42
N LEU A 401 11.99 -9.53 36.18
CA LEU A 401 13.04 -10.39 36.70
C LEU A 401 12.52 -11.50 37.63
N ILE A 402 11.82 -11.14 38.70
CA ILE A 402 11.30 -12.16 39.61
C ILE A 402 10.37 -13.12 38.88
N ALA A 403 9.39 -12.60 38.14
CA ALA A 403 8.39 -13.43 37.50
C ALA A 403 8.93 -14.32 36.37
N VAL A 404 9.79 -13.77 35.53
CA VAL A 404 10.37 -14.57 34.45
C VAL A 404 11.41 -15.55 34.99
N ASN A 405 12.22 -15.12 35.95
CA ASN A 405 13.07 -16.06 36.63
C ASN A 405 12.32 -17.23 37.27
N ALA A 406 11.28 -16.92 38.05
CA ALA A 406 10.41 -17.94 38.63
C ALA A 406 9.70 -18.86 37.61
N THR A 407 9.08 -18.29 36.60
CA THR A 407 8.30 -19.07 35.65
C THR A 407 9.09 -19.72 34.50
N TYR A 408 10.22 -19.15 34.13
CA TYR A 408 10.97 -19.63 32.98
C TYR A 408 12.50 -19.57 33.21
N PRO A 409 12.97 -20.30 34.20
CA PRO A 409 14.40 -20.18 34.55
C PRO A 409 15.33 -20.53 33.38
N GLU A 410 14.85 -21.39 32.51
CA GLU A 410 15.65 -21.74 31.35
C GLU A 410 16.01 -20.52 30.47
N LEU A 411 15.17 -19.47 30.50
CA LEU A 411 15.42 -18.26 29.74
C LEU A 411 16.58 -17.49 30.33
N GLN A 412 17.04 -17.94 31.49
CA GLN A 412 18.24 -17.40 32.10
C GLN A 412 18.19 -15.87 32.22
N PHE A 413 16.99 -15.31 32.25
CA PHE A 413 16.79 -13.86 32.26
C PHE A 413 17.56 -13.17 33.37
N ASP A 414 17.84 -13.92 34.43
CA ASP A 414 18.62 -13.45 35.57
C ASP A 414 19.97 -12.80 35.20
N ASP A 415 20.62 -13.36 34.18
CA ASP A 415 21.94 -12.92 33.74
C ASP A 415 21.81 -11.73 32.79
N TYR A 416 20.62 -11.52 32.27
CA TYR A 416 20.40 -10.41 31.36
C TYR A 416 19.99 -9.15 32.15
N PHE A 417 19.70 -9.30 33.44
CA PHE A 417 19.18 -8.17 34.18
C PHE A 417 20.26 -7.14 34.51
N LEU A 418 21.50 -7.58 34.71
CA LEU A 418 22.59 -6.62 34.89
C LEU A 418 22.73 -5.65 33.70
N ASN A 419 22.38 -6.09 32.49
CA ASN A 419 22.40 -5.18 31.33
C ASN A 419 21.41 -4.06 31.46
N VAL A 420 20.25 -4.33 32.05
CA VAL A 420 19.29 -3.26 32.23
C VAL A 420 19.94 -2.17 33.06
N CYS A 421 20.67 -2.56 34.10
CA CYS A 421 21.25 -1.59 35.01
C CYS A 421 22.54 -0.91 34.47
N PHE A 422 23.40 -1.65 33.79
CA PHE A 422 24.54 -1.00 33.13
C PHE A 422 24.05 0.04 32.11
N GLU A 423 23.01 -0.29 31.36
CA GLU A 423 22.54 0.59 30.30
C GLU A 423 22.07 1.91 30.87
N VAL A 424 21.62 1.91 32.13
CA VAL A 424 21.15 3.17 32.70
C VAL A 424 22.30 3.86 33.44
N ILE A 425 23.38 3.14 33.74
CA ILE A 425 24.51 3.77 34.41
C ILE A 425 25.22 4.77 33.47
N THR A 426 25.18 4.53 32.16
CA THR A 426 25.46 5.62 31.19
C THR A 426 24.38 6.63 31.45
N LYS A 427 24.18 7.64 30.63
CA LYS A 427 23.08 8.57 30.95
C LYS A 427 23.20 9.14 32.39
N ASP A 428 23.17 8.24 33.39
CA ASP A 428 23.19 8.55 34.83
C ASP A 428 24.57 8.94 35.34
N SER A 429 25.58 8.75 34.50
CA SER A 429 26.94 9.17 34.82
C SER A 429 27.20 10.55 34.20
N LEU A 430 26.15 11.18 33.67
CA LEU A 430 26.23 12.53 33.15
C LEU A 430 25.51 13.50 34.07
N ASN A 431 25.80 14.79 33.98
CA ASN A 431 25.20 15.71 34.94
C ASN A 431 23.79 16.08 34.50
N SER A 432 23.50 15.84 33.21
CA SER A 432 22.16 16.04 32.65
C SER A 432 21.15 14.97 33.10
N SER A 433 21.58 14.10 33.99
CA SER A 433 20.68 13.09 34.47
C SER A 433 19.59 13.75 35.32
N ARG A 434 18.65 12.95 35.82
CA ARG A 434 17.62 13.49 36.68
C ARG A 434 17.38 12.49 37.79
N PRO A 435 16.75 12.95 38.88
CA PRO A 435 16.36 11.97 39.90
C PRO A 435 15.15 11.19 39.42
N ILE A 436 14.84 10.10 40.11
CA ILE A 436 13.83 9.17 39.64
C ILE A 436 12.43 9.78 39.82
N SER A 437 12.23 10.56 40.88
CA SER A 437 11.03 11.38 41.07
C SER A 437 11.41 12.84 40.91
N LYS A 438 10.79 13.54 39.99
CA LYS A 438 10.90 14.98 39.98
C LYS A 438 9.55 15.58 39.60
N PRO A 439 9.33 16.88 39.91
CA PRO A 439 8.05 17.47 39.48
C PRO A 439 7.88 17.49 37.97
N ALA A 440 6.64 17.31 37.54
CA ALA A 440 6.28 17.31 36.12
C ALA A 440 4.81 17.68 35.96
N GLU A 441 4.53 18.60 35.06
CA GLU A 441 3.21 19.20 35.03
C GLU A 441 2.61 19.33 33.62
N THR A 442 3.38 19.77 32.62
CA THR A 442 2.83 19.83 31.26
C THR A 442 2.84 18.43 30.66
N PRO A 443 2.01 18.21 29.63
CA PRO A 443 1.95 16.82 29.18
C PRO A 443 3.27 16.34 28.66
N THR A 444 4.01 17.17 27.92
CA THR A 444 5.29 16.71 27.39
C THR A 444 6.24 16.26 28.52
N GLN A 445 6.37 17.06 29.57
CA GLN A 445 7.19 16.69 30.72
CA GLN A 445 7.19 16.69 30.71
C GLN A 445 6.73 15.36 31.30
N ILE A 446 5.42 15.16 31.36
CA ILE A 446 4.89 13.89 31.82
C ILE A 446 5.35 12.71 30.93
N GLN A 447 5.46 12.96 29.62
CA GLN A 447 5.89 11.91 28.69
C GLN A 447 7.39 11.65 28.88
N GLU A 448 8.12 12.75 28.92
CA GLU A 448 9.51 12.75 29.34
C GLU A 448 9.84 11.98 30.63
N MET A 449 8.85 11.66 31.45
CA MET A 449 9.15 10.89 32.67
C MET A 449 9.29 9.42 32.33
N PHE A 450 9.01 9.07 31.08
CA PHE A 450 9.17 7.68 30.65
C PHE A 450 10.55 7.49 30.00
N ASP A 451 11.54 7.06 30.79
CA ASP A 451 12.89 6.89 30.28
C ASP A 451 13.66 5.90 31.15
N GLU A 452 14.96 5.68 30.85
CA GLU A 452 15.74 4.64 31.52
C GLU A 452 15.82 4.92 32.98
N VAL A 453 15.43 6.11 33.39
CA VAL A 453 15.54 6.36 34.81
C VAL A 453 14.29 5.82 35.51
N SER A 454 13.11 6.22 35.04
CA SER A 454 11.87 5.76 35.67
C SER A 454 11.73 4.24 35.61
N TYR A 455 12.28 3.66 34.54
CA TYR A 455 12.12 2.22 34.34
C TYR A 455 13.32 1.48 34.88
N ASN A 456 14.39 1.46 34.08
CA ASN A 456 15.61 0.73 34.42
C ASN A 456 16.16 1.07 35.79
N LYS A 457 16.47 2.35 36.03
CA LYS A 457 17.10 2.73 37.31
C LYS A 457 16.22 2.43 38.50
N GLY A 458 14.92 2.67 38.35
CA GLY A 458 13.95 2.33 39.38
C GLY A 458 13.88 0.86 39.67
N ALA A 459 13.94 0.05 38.63
CA ALA A 459 13.96 -1.39 38.82
C ALA A 459 15.27 -1.81 39.49
N CYS A 460 16.36 -1.11 39.20
CA CYS A 460 17.69 -1.54 39.68
C CYS A 460 17.85 -1.27 41.15
N ILE A 461 17.42 -0.10 41.62
CA ILE A 461 17.50 0.17 43.05
C ILE A 461 16.50 -0.63 43.85
N LEU A 462 15.39 -1.04 43.24
CA LEU A 462 14.54 -1.95 43.98
C LEU A 462 15.29 -3.25 44.18
N ASN A 463 16.03 -3.70 43.17
CA ASN A 463 16.80 -4.93 43.35
C ASN A 463 17.79 -4.84 44.49
N MET A 464 18.42 -3.68 44.59
CA MET A 464 19.35 -3.41 45.68
C MET A 464 18.65 -3.60 47.02
N LEU A 465 17.51 -2.92 47.18
CA LEU A 465 16.78 -3.00 48.42
C LEU A 465 16.29 -4.41 48.73
N LYS A 466 15.90 -5.17 47.71
CA LYS A 466 15.46 -6.54 47.96
C LYS A 466 16.58 -7.42 48.52
N ASP A 467 17.81 -7.10 48.14
CA ASP A 467 18.96 -7.95 48.47
C ASP A 467 19.37 -7.65 49.90
N PHE A 468 19.11 -6.41 50.28
CA PHE A 468 19.31 -5.91 51.63
C PHE A 468 18.31 -6.55 52.63
N LEU A 469 17.02 -6.31 52.44
CA LEU A 469 15.98 -6.85 53.31
C LEU A 469 15.69 -8.32 53.10
N GLY A 470 16.33 -8.93 52.11
CA GLY A 470 16.02 -10.31 51.77
C GLY A 470 14.64 -10.47 51.12
N GLU A 471 14.48 -11.53 50.32
CA GLU A 471 13.28 -11.72 49.51
C GLU A 471 12.00 -11.71 50.34
N GLU A 472 12.00 -12.45 51.44
CA GLU A 472 10.80 -12.61 52.29
CA GLU A 472 10.79 -12.60 52.25
C GLU A 472 10.29 -11.27 52.83
N LYS A 473 11.18 -10.46 53.39
CA LYS A 473 10.72 -9.19 53.94
C LYS A 473 10.34 -8.24 52.79
N PHE A 474 10.86 -8.54 51.60
CA PHE A 474 10.61 -7.70 50.45
C PHE A 474 9.24 -8.04 49.86
N GLN A 475 9.04 -9.31 49.56
CA GLN A 475 7.74 -9.81 49.15
C GLN A 475 6.64 -9.37 50.10
N LYS A 476 6.84 -9.59 51.40
CA LYS A 476 5.88 -9.22 52.44
C LYS A 476 5.56 -7.75 52.37
N GLY A 477 6.57 -6.93 52.13
CA GLY A 477 6.38 -5.49 52.09
C GLY A 477 5.54 -5.12 50.90
N ILE A 478 5.86 -5.76 49.78
CA ILE A 478 5.14 -5.56 48.57
C ILE A 478 3.66 -5.88 48.77
N ILE A 479 3.37 -7.11 49.21
CA ILE A 479 2.00 -7.55 49.43
C ILE A 479 1.18 -6.55 50.27
N GLN A 480 1.83 -5.95 51.26
CA GLN A 480 1.19 -4.94 52.10
C GLN A 480 0.95 -3.65 51.33
N TYR A 481 1.93 -3.19 50.56
CA TYR A 481 1.71 -2.04 49.66
C TYR A 481 0.50 -2.24 48.77
N LEU A 482 0.42 -3.36 48.08
CA LEU A 482 -0.66 -3.60 47.13
C LEU A 482 -2.02 -3.75 47.84
N LYS A 483 -2.07 -4.55 48.91
CA LYS A 483 -3.32 -4.80 49.64
C LYS A 483 -3.93 -3.52 50.19
N LYS A 484 -3.08 -2.56 50.51
CA LYS A 484 -3.45 -1.38 51.28
C LYS A 484 -3.91 -0.22 50.44
N PHE A 485 -3.53 -0.23 49.16
CA PHE A 485 -3.85 0.88 48.27
C PHE A 485 -4.63 0.36 47.09
N SER A 486 -4.98 -0.92 47.15
CA SER A 486 -5.98 -1.52 46.28
C SER A 486 -7.03 -0.53 45.89
N TYR A 487 -7.18 -0.31 44.59
CA TYR A 487 -8.23 0.56 44.05
C TYR A 487 -8.14 2.02 44.48
N ARG A 488 -6.97 2.45 44.96
CA ARG A 488 -6.68 3.90 45.07
C ARG A 488 -5.20 4.20 44.77
N ASN A 489 -4.66 5.28 45.33
CA ASN A 489 -3.34 5.78 44.92
C ASN A 489 -2.29 5.94 46.04
N ALA A 490 -1.01 5.75 45.69
CA ALA A 490 0.11 5.97 46.62
C ALA A 490 1.16 6.92 46.04
N LYS A 491 1.99 7.49 46.92
CA LYS A 491 3.17 8.17 46.44
C LYS A 491 4.41 7.53 47.06
N ASN A 492 5.57 8.02 46.65
CA ASN A 492 6.85 7.52 47.14
C ASN A 492 6.84 7.08 48.59
N ASP A 493 6.34 7.94 49.47
CA ASP A 493 6.49 7.68 50.90
C ASP A 493 5.60 6.54 51.38
N ASP A 494 4.52 6.27 50.66
CA ASP A 494 3.67 5.16 51.04
C ASP A 494 4.40 3.85 50.75
N LEU A 495 5.17 3.84 49.67
CA LEU A 495 5.96 2.68 49.37
C LEU A 495 7.02 2.44 50.42
N TRP A 496 7.72 3.50 50.85
CA TRP A 496 8.87 3.29 51.73
C TRP A 496 8.41 2.87 53.12
N SER A 497 7.30 3.44 53.55
CA SER A 497 6.70 3.01 54.81
C SER A 497 6.32 1.54 54.72
N SER A 498 5.65 1.17 53.64
CA SER A 498 5.17 -0.19 53.50
C SER A 498 6.29 -1.21 53.28
N LEU A 499 7.39 -0.76 52.71
CA LEU A 499 8.53 -1.65 52.45
C LEU A 499 9.37 -1.83 53.71
N SER A 500 9.38 -0.81 54.56
CA SER A 500 10.10 -0.89 55.83
C SER A 500 9.34 -1.73 56.87
N ASN A 501 8.03 -1.55 56.97
CA ASN A 501 7.21 -2.31 57.92
C ASN A 501 6.88 -3.72 57.42
N SER A 502 7.50 -4.73 58.03
CA SER A 502 7.29 -6.12 57.61
C SER A 502 6.21 -6.83 58.43
N HIS A 515 -6.07 -6.74 70.82
CA HIS A 515 -4.97 -7.67 71.04
C HIS A 515 -3.94 -7.56 69.88
N SER A 516 -2.70 -7.97 70.13
CA SER A 516 -1.54 -7.51 69.33
C SER A 516 -1.06 -8.42 68.17
N ASP A 517 -0.36 -7.81 67.21
CA ASP A 517 0.19 -8.52 66.06
C ASP A 517 1.55 -9.19 66.40
N PRO A 518 2.60 -8.41 66.82
CA PRO A 518 3.83 -9.14 67.18
C PRO A 518 4.10 -9.25 68.70
N LYS A 519 4.93 -10.23 69.08
CA LYS A 519 5.34 -10.41 70.48
C LYS A 519 6.35 -9.34 70.91
N MET A 520 6.21 -8.86 72.14
CA MET A 520 7.10 -7.81 72.66
C MET A 520 8.47 -8.36 73.01
N THR A 521 9.53 -7.64 72.62
CA THR A 521 10.91 -8.04 72.92
C THR A 521 11.82 -6.83 73.18
N SER A 522 13.05 -7.12 73.61
CA SER A 522 14.09 -6.12 73.71
C SER A 522 14.67 -5.86 72.32
N ASN A 523 14.74 -6.92 71.51
CA ASN A 523 15.20 -6.84 70.12
C ASN A 523 14.20 -6.06 69.24
N MET A 524 13.02 -5.78 69.78
CA MET A 524 11.97 -5.05 69.06
C MET A 524 12.40 -3.64 68.65
N LEU A 525 13.18 -2.97 69.49
CA LEU A 525 13.66 -1.62 69.20
C LEU A 525 14.48 -1.52 67.92
N ALA A 526 15.23 -2.57 67.60
CA ALA A 526 15.97 -2.61 66.34
C ALA A 526 15.03 -2.94 65.18
N PHE A 527 13.82 -3.39 65.48
CA PHE A 527 12.83 -3.65 64.44
C PHE A 527 12.04 -2.39 64.11
N LEU A 528 12.00 -1.44 65.05
CA LEU A 528 11.32 -0.18 64.80
C LEU A 528 12.29 0.87 64.28
N GLY A 529 13.59 0.63 64.50
CA GLY A 529 14.64 1.56 64.12
C GLY A 529 15.35 1.21 62.81
N GLU A 530 15.53 -0.08 62.57
CA GLU A 530 16.04 -0.55 61.27
C GLU A 530 15.01 -0.24 60.20
N ASN A 531 13.73 -0.33 60.56
CA ASN A 531 12.65 0.05 59.66
C ASN A 531 12.78 1.51 59.25
N ALA A 532 12.99 2.40 60.22
CA ALA A 532 13.17 3.82 59.93
C ALA A 532 14.41 4.09 59.09
N GLU A 533 15.40 3.20 59.18
CA GLU A 533 16.61 3.28 58.37
CA GLU A 533 16.60 3.33 58.36
C GLU A 533 16.26 3.07 56.90
N VAL A 534 15.52 1.99 56.65
CA VAL A 534 15.06 1.66 55.29
C VAL A 534 14.45 2.85 54.58
N LYS A 535 13.59 3.60 55.26
CA LYS A 535 12.95 4.72 54.60
C LYS A 535 13.97 5.85 54.34
N GLU A 536 14.76 6.15 55.36
CA GLU A 536 15.77 7.20 55.25
C GLU A 536 16.70 6.90 54.08
N MET A 537 17.09 5.64 53.95
CA MET A 537 17.99 5.19 52.90
C MET A 537 17.53 5.57 51.48
N MET A 538 16.42 5.00 51.03
CA MET A 538 15.99 5.12 49.64
C MET A 538 15.61 6.52 49.18
N THR A 539 15.34 7.43 50.11
CA THR A 539 14.90 8.78 49.72
C THR A 539 16.06 9.52 49.09
N THR A 540 17.27 9.07 49.43
CA THR A 540 18.49 9.52 48.77
C THR A 540 18.64 8.96 47.34
N TRP A 541 18.16 7.73 47.14
CA TRP A 541 18.25 7.08 45.85
C TRP A 541 17.20 7.62 44.87
N THR A 542 16.11 8.17 45.39
CA THR A 542 15.08 8.72 44.53
C THR A 542 15.18 10.22 44.30
N LEU A 543 15.66 10.98 45.28
CA LEU A 543 15.68 12.42 45.12
C LEU A 543 16.99 12.98 44.59
N GLN A 544 17.98 12.10 44.42
CA GLN A 544 19.30 12.47 43.90
C GLN A 544 19.57 11.94 42.49
N LYS A 545 19.99 12.82 41.59
CA LYS A 545 20.38 12.39 40.28
C LYS A 545 21.67 11.57 40.37
N GLY A 546 22.05 10.90 39.29
CA GLY A 546 23.31 10.15 39.23
C GLY A 546 23.52 8.98 40.18
N ILE A 547 24.75 8.48 40.20
CA ILE A 547 25.11 7.24 40.90
C ILE A 547 26.43 7.40 41.65
N PRO A 548 26.56 6.74 42.82
CA PRO A 548 27.78 6.91 43.62
C PRO A 548 28.99 6.08 43.21
N LEU A 549 30.15 6.73 43.15
CA LEU A 549 31.41 6.01 43.09
C LEU A 549 31.89 5.66 44.49
N LEU A 550 32.08 4.38 44.76
CA LEU A 550 32.69 3.94 46.00
C LEU A 550 34.14 3.72 45.76
N VAL A 551 34.98 4.52 46.42
CA VAL A 551 36.42 4.35 46.28
C VAL A 551 37.04 3.63 47.47
N VAL A 552 37.59 2.43 47.22
CA VAL A 552 38.24 1.64 48.25
C VAL A 552 39.78 1.72 48.23
N LYS A 553 40.38 2.02 49.38
CA LYS A 553 41.84 1.89 49.55
C LYS A 553 42.21 0.73 50.48
N GLN A 554 43.04 -0.19 49.98
CA GLN A 554 43.55 -1.28 50.82
C GLN A 554 45.00 -1.02 51.22
N ASP A 555 45.22 -0.85 52.52
CA ASP A 555 46.56 -0.69 53.09
C ASP A 555 46.55 -1.22 54.52
N GLY A 556 46.97 -2.47 54.66
CA GLY A 556 46.89 -3.19 55.93
C GLY A 556 45.73 -4.17 55.85
N CYS A 557 45.07 -4.37 56.98
CA CYS A 557 43.75 -4.99 57.01
C CYS A 557 42.78 -3.88 57.40
N SER A 558 43.04 -2.72 56.82
CA SER A 558 42.25 -1.51 57.05
C SER A 558 41.87 -0.89 55.70
N LEU A 559 40.56 -0.89 55.41
CA LEU A 559 39.99 -0.44 54.14
C LEU A 559 39.33 0.92 54.28
N ARG A 560 39.84 1.92 53.58
CA ARG A 560 39.21 3.22 53.67
C ARG A 560 38.10 3.31 52.63
N LEU A 561 36.91 3.72 53.06
CA LEU A 561 35.78 3.86 52.15
C LEU A 561 35.50 5.33 51.88
N GLN A 562 34.97 5.63 50.71
CA GLN A 562 34.77 7.02 50.33
C GLN A 562 33.83 7.10 49.15
N GLN A 563 32.77 7.89 49.27
CA GLN A 563 31.81 8.04 48.18
C GLN A 563 31.87 9.38 47.50
N GLU A 564 31.94 9.34 46.18
CA GLU A 564 31.80 10.52 45.34
C GLU A 564 30.62 10.29 44.39
N ARG A 565 30.24 11.32 43.65
CA ARG A 565 29.28 11.19 42.56
C ARG A 565 30.00 10.83 41.27
N PHE A 566 29.68 9.68 40.68
CA PHE A 566 30.40 9.22 39.52
C PHE A 566 30.17 10.10 38.30
N LEU A 567 31.24 10.61 37.71
CA LEU A 567 31.13 11.54 36.56
C LEU A 567 31.99 11.12 35.38
N GLN A 568 31.44 11.21 34.18
CA GLN A 568 32.15 10.71 33.01
C GLN A 568 32.42 11.77 31.93
N GLY A 569 33.70 11.95 31.66
CA GLY A 569 34.16 13.04 30.82
C GLY A 569 34.42 14.23 31.74
N VAL A 570 34.63 13.89 33.02
CA VAL A 570 34.98 14.85 34.05
C VAL A 570 35.91 14.13 35.03
N PHE A 571 37.21 14.41 34.91
CA PHE A 571 38.22 13.66 35.63
C PHE A 571 38.42 14.24 37.02
N GLN A 572 39.05 13.46 37.90
CA GLN A 572 39.25 13.83 39.31
C GLN A 572 39.78 15.25 39.55
N GLU A 573 40.61 15.71 38.61
CA GLU A 573 41.22 17.03 38.65
C GLU A 573 40.83 17.81 37.40
N ASP A 574 39.57 18.24 37.40
CA ASP A 574 38.95 18.99 36.32
C ASP A 574 38.46 20.29 36.97
N PRO A 575 38.46 21.41 36.22
CA PRO A 575 37.98 22.67 36.80
C PRO A 575 36.51 22.62 37.20
N GLU A 576 35.75 21.74 36.55
CA GLU A 576 34.32 21.64 36.80
C GLU A 576 34.00 20.54 37.81
N TRP A 577 35.00 19.79 38.25
CA TRP A 577 34.72 18.64 39.10
C TRP A 577 34.18 19.01 40.50
N ARG A 578 34.76 20.02 41.15
CA ARG A 578 34.43 20.26 42.56
C ARG A 578 32.97 20.70 42.79
N ALA A 579 32.43 21.48 41.86
CA ALA A 579 31.05 21.95 41.97
C ALA A 579 30.03 20.80 41.83
N LEU A 580 30.21 19.98 40.79
CA LEU A 580 29.31 18.86 40.52
C LEU A 580 29.29 17.83 41.63
N GLN A 581 30.26 17.91 42.53
CA GLN A 581 30.44 16.95 43.61
C GLN A 581 29.78 17.38 44.90
N GLU A 582 29.13 18.55 44.85
CA GLU A 582 28.75 19.29 46.04
C GLU A 582 27.99 18.50 47.11
N ARG A 583 26.66 18.50 47.05
CA ARG A 583 25.86 18.09 48.19
C ARG A 583 25.41 16.62 48.18
N TYR A 584 26.07 15.76 47.39
CA TYR A 584 25.62 14.37 47.19
C TYR A 584 26.12 13.36 48.20
N LEU A 585 25.19 12.56 48.71
CA LEU A 585 25.52 11.55 49.70
C LEU A 585 24.44 10.47 49.69
N TRP A 586 24.87 9.21 49.61
CA TRP A 586 23.95 8.10 49.48
C TRP A 586 24.11 7.13 50.65
N HIS A 587 23.00 6.58 51.14
CA HIS A 587 23.11 5.48 52.08
C HIS A 587 23.33 4.19 51.29
N ILE A 588 24.59 3.88 50.98
CA ILE A 588 24.93 2.81 50.05
C ILE A 588 25.11 1.50 50.78
N PRO A 589 24.13 0.58 50.65
CA PRO A 589 24.25 -0.70 51.38
C PRO A 589 25.37 -1.54 50.79
N LEU A 590 26.54 -1.50 51.41
CA LEU A 590 27.69 -2.17 50.82
C LEU A 590 27.60 -3.66 51.00
N THR A 591 28.29 -4.39 50.14
CA THR A 591 28.52 -5.80 50.35
C THR A 591 29.93 -6.01 49.87
N TYR A 592 30.53 -7.15 50.22
CA TYR A 592 31.85 -7.51 49.72
C TYR A 592 32.26 -8.91 50.12
N SER A 593 33.35 -9.36 49.52
CA SER A 593 33.91 -10.63 49.90
C SER A 593 35.40 -10.53 49.64
N THR A 594 36.16 -11.50 50.15
CA THR A 594 37.62 -11.46 50.04
C THR A 594 38.14 -12.75 49.46
N SER A 595 39.45 -12.80 49.21
CA SER A 595 40.08 -14.00 48.66
C SER A 595 40.12 -15.11 49.69
N SER A 596 40.11 -14.74 50.97
CA SER A 596 40.06 -15.70 52.07
C SER A 596 38.74 -16.47 52.10
N SER A 597 37.68 -15.82 52.55
CA SER A 597 36.37 -16.47 52.56
C SER A 597 35.38 -15.79 51.63
N ASN A 598 34.76 -16.61 50.77
CA ASN A 598 33.63 -16.15 49.98
C ASN A 598 32.39 -16.03 50.86
N VAL A 599 32.48 -15.21 51.92
CA VAL A 599 31.34 -14.97 52.77
C VAL A 599 31.00 -13.49 52.75
N ILE A 600 29.76 -13.17 52.42
CA ILE A 600 29.39 -11.80 52.17
C ILE A 600 29.28 -11.01 53.46
N HIS A 601 29.84 -9.82 53.49
CA HIS A 601 29.72 -8.96 54.65
C HIS A 601 29.03 -7.68 54.21
N ARG A 602 28.35 -7.01 55.14
CA ARG A 602 27.47 -5.91 54.78
C ARG A 602 27.56 -4.72 55.73
N HIS A 603 27.72 -3.54 55.16
CA HIS A 603 27.96 -2.35 55.92
C HIS A 603 27.33 -1.16 55.17
N ILE A 604 26.96 -0.12 55.90
CA ILE A 604 26.07 0.88 55.34
C ILE A 604 26.68 2.29 55.35
N LEU A 605 27.52 2.56 54.37
CA LEU A 605 28.24 3.82 54.28
C LEU A 605 27.35 5.08 54.18
N LYS A 606 26.96 5.62 55.35
CA LYS A 606 26.07 6.81 55.39
C LYS A 606 26.77 8.17 55.28
N SER A 607 28.08 8.18 55.04
CA SER A 607 28.86 9.41 55.23
C SER A 607 29.99 9.54 54.21
N LYS A 608 30.42 10.75 53.95
CA LYS A 608 31.38 10.96 52.86
C LYS A 608 32.77 10.32 53.13
N THR A 609 32.88 9.51 54.18
CA THR A 609 34.15 8.93 54.63
C THR A 609 33.89 7.86 55.68
N ASP A 610 34.56 6.73 55.59
CA ASP A 610 34.43 5.68 56.61
C ASP A 610 35.39 4.52 56.36
N THR A 611 35.57 3.65 57.35
CA THR A 611 36.67 2.70 57.35
C THR A 611 36.28 1.37 57.98
N LEU A 612 36.96 0.31 57.59
CA LEU A 612 36.61 -1.04 58.03
C LEU A 612 37.85 -1.89 58.21
N ASP A 613 37.86 -2.70 59.26
CA ASP A 613 38.97 -3.61 59.51
C ASP A 613 38.62 -5.02 59.06
N LEU A 614 39.49 -5.61 58.26
CA LEU A 614 39.27 -6.96 57.77
C LEU A 614 39.73 -8.00 58.77
N PRO A 615 38.85 -8.97 59.10
CA PRO A 615 39.17 -10.08 59.99
C PRO A 615 40.14 -11.10 59.37
N GLU A 616 41.29 -10.61 58.87
CA GLU A 616 42.38 -11.36 58.22
C GLU A 616 43.10 -10.48 57.19
N LYS A 617 44.21 -10.98 56.67
CA LYS A 617 44.85 -10.36 55.50
C LYS A 617 44.48 -11.17 54.27
N THR A 618 44.52 -10.54 53.10
CA THR A 618 44.01 -11.14 51.89
C THR A 618 44.64 -10.56 50.63
N SER A 619 44.71 -11.39 49.59
CA SER A 619 45.11 -10.93 48.27
C SER A 619 44.21 -9.78 47.82
N TRP A 620 42.92 -10.07 47.60
CA TRP A 620 42.02 -9.02 47.13
C TRP A 620 40.68 -8.91 47.87
N VAL A 621 40.10 -7.74 47.77
CA VAL A 621 38.74 -7.49 48.22
C VAL A 621 37.88 -7.15 47.01
N LYS A 622 36.77 -7.86 46.85
CA LYS A 622 35.85 -7.57 45.74
C LYS A 622 34.54 -7.03 46.29
N PHE A 623 34.35 -5.73 46.15
CA PHE A 623 33.14 -5.09 46.59
C PHE A 623 31.99 -5.24 45.59
N ASN A 624 30.78 -5.00 46.08
CA ASN A 624 29.53 -5.07 45.31
C ASN A 624 29.30 -6.49 44.76
N VAL A 625 28.95 -7.39 45.66
CA VAL A 625 28.88 -8.80 45.29
C VAL A 625 27.84 -8.96 44.20
N ASP A 626 28.19 -9.69 43.16
CA ASP A 626 27.25 -9.98 42.09
C ASP A 626 26.57 -8.71 41.49
N SER A 627 27.11 -7.54 41.83
CA SER A 627 26.60 -6.26 41.35
C SER A 627 25.13 -5.97 41.73
N ASN A 628 24.68 -6.50 42.86
CA ASN A 628 23.37 -6.19 43.38
C ASN A 628 23.13 -4.73 43.71
N GLY A 629 24.14 -3.89 43.56
CA GLY A 629 24.03 -2.56 44.12
C GLY A 629 24.27 -1.48 43.11
N TYR A 630 23.60 -0.35 43.31
CA TYR A 630 23.59 0.64 42.27
C TYR A 630 24.79 1.58 42.51
N TYR A 631 25.99 1.04 42.40
CA TYR A 631 27.23 1.83 42.58
C TYR A 631 28.42 1.20 41.84
N ILE A 632 29.37 2.05 41.47
CA ILE A 632 30.63 1.61 40.85
C ILE A 632 31.74 1.54 41.89
N VAL A 633 32.69 0.62 41.72
CA VAL A 633 33.79 0.47 42.69
C VAL A 633 35.16 0.79 42.11
N HIS A 634 35.92 1.59 42.83
CA HIS A 634 37.29 1.86 42.44
C HIS A 634 38.23 1.30 43.48
N TYR A 635 39.37 0.75 43.04
CA TYR A 635 40.40 0.34 43.98
C TYR A 635 41.65 1.17 43.81
N GLU A 636 42.08 1.79 44.91
CA GLU A 636 43.35 2.50 44.92
C GLU A 636 44.49 1.53 45.28
N GLY A 637 45.63 1.75 44.64
CA GLY A 637 46.81 0.98 44.93
C GLY A 637 47.00 -0.24 44.04
N HIS A 638 46.91 -1.41 44.66
CA HIS A 638 47.19 -2.67 43.96
C HIS A 638 45.91 -3.43 43.71
N GLY A 639 44.83 -2.96 44.34
CA GLY A 639 43.49 -3.52 44.18
C GLY A 639 43.18 -3.92 42.75
N TRP A 640 43.26 -2.96 41.83
CA TRP A 640 42.97 -3.30 40.44
C TRP A 640 44.00 -4.28 39.89
N ASP A 641 45.28 -4.06 40.17
CA ASP A 641 46.34 -5.00 39.78
C ASP A 641 46.08 -6.38 40.40
N GLN A 642 45.69 -6.38 41.67
CA GLN A 642 45.42 -7.61 42.39
C GLN A 642 44.33 -8.42 41.72
N LEU A 643 43.13 -7.83 41.60
CA LEU A 643 41.94 -8.53 41.07
C LEU A 643 42.14 -8.99 39.65
N ILE A 644 42.69 -8.12 38.81
CA ILE A 644 43.02 -8.50 37.44
C ILE A 644 43.99 -9.68 37.40
N THR A 645 44.94 -9.71 38.33
CA THR A 645 45.87 -10.82 38.36
C THR A 645 45.07 -12.08 38.65
N GLN A 646 44.26 -12.04 39.69
CA GLN A 646 43.39 -13.17 39.99
C GLN A 646 42.65 -13.68 38.77
N LEU A 647 42.14 -12.75 37.96
CA LEU A 647 41.38 -13.13 36.77
C LEU A 647 42.24 -13.78 35.71
N ASN A 648 43.48 -13.32 35.63
CA ASN A 648 44.48 -13.91 34.76
C ASN A 648 44.93 -15.31 35.16
N GLN A 649 45.05 -15.54 36.46
CA GLN A 649 45.54 -16.83 36.91
C GLN A 649 44.43 -17.83 37.11
N ASN A 650 43.55 -17.57 38.05
CA ASN A 650 42.39 -18.40 38.23
C ASN A 650 41.20 -17.49 38.31
N HIS A 651 40.36 -17.49 37.29
CA HIS A 651 39.25 -16.54 37.21
C HIS A 651 37.98 -17.04 37.92
N THR A 652 37.87 -18.34 38.09
CA THR A 652 36.69 -18.90 38.72
C THR A 652 36.69 -18.75 40.23
N LEU A 653 37.68 -18.06 40.78
CA LEU A 653 37.67 -17.81 42.21
C LEU A 653 36.94 -16.50 42.49
N LEU A 654 36.44 -15.91 41.41
CA LEU A 654 35.48 -14.81 41.49
C LEU A 654 34.16 -15.28 40.89
N ARG A 655 33.06 -14.95 41.55
CA ARG A 655 31.75 -15.31 41.05
C ARG A 655 31.49 -14.65 39.71
N PRO A 656 30.77 -15.34 38.82
CA PRO A 656 30.48 -14.84 37.46
C PRO A 656 29.98 -13.39 37.39
N LYS A 657 29.04 -13.00 38.24
CA LYS A 657 28.48 -11.66 38.22
C LYS A 657 29.48 -10.67 38.79
N ASP A 658 30.40 -11.17 39.61
CA ASP A 658 31.49 -10.33 40.08
C ASP A 658 32.39 -10.04 38.90
N ARG A 659 32.63 -11.08 38.08
CA ARG A 659 33.42 -10.88 36.87
C ARG A 659 32.77 -9.83 35.95
N VAL A 660 31.49 -10.01 35.62
CA VAL A 660 30.77 -9.08 34.76
C VAL A 660 30.91 -7.66 35.29
N GLY A 661 30.69 -7.48 36.59
CA GLY A 661 30.88 -6.19 37.19
C GLY A 661 32.28 -5.60 37.08
N LEU A 662 33.30 -6.40 37.41
CA LEU A 662 34.68 -5.92 37.32
C LEU A 662 34.99 -5.48 35.90
N ILE A 663 34.62 -6.29 34.92
CA ILE A 663 34.83 -5.87 33.54
C ILE A 663 34.15 -4.54 33.30
N HIS A 664 32.86 -4.47 33.66
CA HIS A 664 32.07 -3.26 33.49
C HIS A 664 32.74 -2.06 34.14
N ASP A 665 33.10 -2.19 35.41
CA ASP A 665 33.57 -1.04 36.17
C ASP A 665 34.91 -0.48 35.70
N VAL A 666 35.84 -1.38 35.37
CA VAL A 666 37.13 -1.03 34.79
C VAL A 666 36.98 -0.09 33.62
N PHE A 667 36.13 -0.46 32.67
CA PHE A 667 35.99 0.32 31.44
C PHE A 667 35.27 1.64 31.76
N GLN A 668 34.30 1.59 32.66
CA GLN A 668 33.66 2.80 33.15
C GLN A 668 34.62 3.73 33.87
N LEU A 669 35.60 3.19 34.59
CA LEU A 669 36.54 4.02 35.34
C LEU A 669 37.60 4.73 34.46
N VAL A 670 38.06 4.07 33.39
CA VAL A 670 38.81 4.72 32.32
C VAL A 670 38.13 6.03 31.90
N GLY A 671 36.87 5.90 31.50
CA GLY A 671 36.03 7.04 31.17
C GLY A 671 36.11 8.17 32.18
N ALA A 672 36.16 7.83 33.47
CA ALA A 672 36.23 8.83 34.53
C ALA A 672 37.66 9.34 34.82
N GLY A 673 38.65 8.82 34.08
CA GLY A 673 40.04 9.21 34.26
C GLY A 673 40.73 8.63 35.50
N ARG A 674 40.11 7.66 36.13
CA ARG A 674 40.61 7.05 37.35
C ARG A 674 41.42 5.81 37.07
N LEU A 675 41.86 5.68 35.84
CA LEU A 675 42.37 4.42 35.36
C LEU A 675 42.70 4.57 33.89
N THR A 676 43.85 4.05 33.49
CA THR A 676 44.24 4.19 32.10
C THR A 676 43.73 3.04 31.25
N LEU A 677 43.41 3.35 30.01
CA LEU A 677 42.77 2.37 29.14
C LEU A 677 43.58 1.09 28.99
N ASP A 678 44.90 1.22 28.93
CA ASP A 678 45.76 0.05 28.81
C ASP A 678 45.58 -0.97 29.94
N LYS A 679 45.04 -0.54 31.08
CA LYS A 679 44.81 -1.44 32.21
C LYS A 679 43.49 -2.22 32.02
N ALA A 680 42.46 -1.55 31.53
CA ALA A 680 41.24 -2.20 31.07
C ALA A 680 41.50 -3.23 29.97
N LEU A 681 42.29 -2.81 28.98
CA LEU A 681 42.57 -3.65 27.84
C LEU A 681 43.41 -4.82 28.31
N ASP A 682 44.08 -4.62 29.44
CA ASP A 682 44.86 -5.68 30.02
C ASP A 682 43.96 -6.79 30.55
N MET A 683 42.83 -6.40 31.13
CA MET A 683 41.89 -7.30 31.77
C MET A 683 41.19 -8.22 30.78
N THR A 684 40.98 -7.73 29.56
CA THR A 684 40.29 -8.52 28.56
C THR A 684 41.07 -9.73 28.10
N TYR A 685 42.36 -9.80 28.43
CA TYR A 685 43.18 -10.92 27.99
C TYR A 685 42.61 -12.24 28.51
N TYR A 686 42.09 -12.25 29.74
CA TYR A 686 41.61 -13.51 30.32
C TYR A 686 40.40 -14.08 29.59
N LEU A 687 39.70 -13.26 28.80
CA LEU A 687 38.53 -13.69 28.05
C LEU A 687 38.81 -14.92 27.17
N GLN A 688 40.08 -15.21 26.94
CA GLN A 688 40.45 -16.37 26.16
C GLN A 688 40.11 -17.65 26.91
N HIS A 689 39.97 -17.53 28.22
CA HIS A 689 39.63 -18.64 29.11
C HIS A 689 38.18 -18.59 29.66
N GLU A 690 37.40 -17.59 29.24
CA GLU A 690 36.14 -17.30 29.89
C GLU A 690 34.96 -17.96 29.20
N THR A 691 34.24 -18.82 29.92
CA THR A 691 33.17 -19.59 29.29
C THR A 691 31.77 -19.18 29.75
N SER A 692 31.72 -18.48 30.89
CA SER A 692 30.53 -17.77 31.30
C SER A 692 30.17 -16.68 30.28
N SER A 693 29.18 -16.98 29.44
CA SER A 693 28.76 -16.07 28.40
C SER A 693 28.44 -14.63 28.82
N PRO A 694 27.85 -14.41 29.99
CA PRO A 694 27.61 -12.98 30.26
C PRO A 694 28.90 -12.18 30.34
N ALA A 695 29.94 -12.68 30.99
CA ALA A 695 31.15 -11.90 31.15
C ALA A 695 31.94 -11.85 29.83
N LEU A 696 31.92 -12.94 29.07
CA LEU A 696 32.60 -12.98 27.79
C LEU A 696 32.02 -11.95 26.83
N LEU A 697 30.69 -11.87 26.80
CA LEU A 697 30.01 -10.93 25.92
C LEU A 697 30.09 -9.46 26.40
N GLU A 698 30.14 -9.23 27.70
CA GLU A 698 30.36 -7.89 28.21
C GLU A 698 31.71 -7.39 27.73
N GLY A 699 32.75 -8.15 28.09
CA GLY A 699 34.09 -7.96 27.56
C GLY A 699 34.09 -7.70 26.09
N LEU A 700 33.54 -8.59 25.27
CA LEU A 700 33.64 -8.39 23.83
C LEU A 700 33.03 -7.07 23.44
N SER A 701 31.96 -6.70 24.13
CA SER A 701 31.16 -5.56 23.72
C SER A 701 31.99 -4.27 23.80
N TYR A 702 32.90 -4.20 24.74
CA TYR A 702 33.78 -3.06 24.75
C TYR A 702 34.70 -3.07 23.54
N LEU A 703 35.33 -4.21 23.24
CA LEU A 703 36.24 -4.23 22.08
C LEU A 703 35.48 -3.92 20.81
N GLU A 704 34.24 -4.41 20.75
CA GLU A 704 33.44 -4.23 19.54
C GLU A 704 33.00 -2.78 19.38
N SER A 705 32.84 -2.06 20.48
CA SER A 705 32.43 -0.68 20.35
C SER A 705 33.63 0.23 20.03
N PHE A 706 34.81 -0.07 20.60
CA PHE A 706 36.02 0.64 20.19
C PHE A 706 36.19 0.54 18.69
N TYR A 707 36.09 -0.67 18.13
CA TYR A 707 36.16 -0.83 16.68
C TYR A 707 35.18 0.10 15.93
N HIS A 708 33.88 -0.01 16.21
CA HIS A 708 32.88 0.76 15.46
C HIS A 708 33.13 2.26 15.59
N MET A 709 33.47 2.69 16.79
CA MET A 709 33.89 4.06 17.06
C MET A 709 35.11 4.52 16.21
N MET A 710 36.14 3.68 16.14
CA MET A 710 37.22 3.94 15.21
C MET A 710 36.68 3.99 13.80
N ASP A 711 35.93 2.97 13.43
CA ASP A 711 35.43 2.82 12.07
C ASP A 711 34.58 4.02 11.63
N ARG A 712 33.96 4.67 12.61
CA ARG A 712 33.05 5.76 12.36
C ARG A 712 33.81 7.03 12.00
N ARG A 713 34.95 7.26 12.66
CA ARG A 713 35.95 8.17 12.12
C ARG A 713 36.73 7.38 11.08
N ASN A 714 37.66 7.96 10.38
CA ASN A 714 38.38 7.12 9.44
C ASN A 714 39.52 6.34 10.08
N ILE A 715 39.65 6.40 11.39
CA ILE A 715 40.87 5.95 12.05
C ILE A 715 41.15 4.47 11.75
N SER A 716 41.59 4.22 10.52
CA SER A 716 41.57 2.87 9.97
C SER A 716 42.79 2.05 10.31
N ASP A 717 43.78 2.67 10.93
CA ASP A 717 44.92 1.87 11.34
C ASP A 717 44.54 1.15 12.64
N ILE A 718 43.87 1.88 13.54
CA ILE A 718 43.44 1.28 14.79
C ILE A 718 42.28 0.30 14.53
N SER A 719 41.37 0.65 13.62
CA SER A 719 40.26 -0.25 13.34
C SER A 719 40.75 -1.59 12.80
N GLU A 720 41.67 -1.56 11.84
CA GLU A 720 42.18 -2.80 11.28
C GLU A 720 42.96 -3.60 12.30
N ASN A 721 43.55 -2.95 13.31
CA ASN A 721 44.25 -3.74 14.31
C ASN A 721 43.28 -4.46 15.21
N LEU A 722 42.22 -3.75 15.59
CA LEU A 722 41.14 -4.33 16.38
C LEU A 722 40.52 -5.51 15.68
N LYS A 723 40.21 -5.36 14.40
CA LYS A 723 39.62 -6.42 13.60
C LYS A 723 40.52 -7.65 13.65
N ARG A 724 41.82 -7.44 13.46
CA ARG A 724 42.76 -8.55 13.60
C ARG A 724 42.86 -9.10 15.02
N TYR A 725 42.83 -8.28 16.06
CA TYR A 725 43.01 -8.86 17.40
C TYR A 725 41.75 -9.67 17.81
N LEU A 726 40.58 -9.20 17.36
CA LEU A 726 39.30 -9.87 17.65
C LEU A 726 39.17 -11.22 16.95
N LEU A 727 39.57 -11.27 15.68
CA LEU A 727 39.55 -12.52 14.93
C LEU A 727 40.66 -13.48 15.34
N GLN A 728 41.79 -12.96 15.81
CA GLN A 728 42.96 -13.78 16.18
C GLN A 728 42.77 -14.34 17.58
N TYR A 729 42.88 -13.50 18.60
CA TYR A 729 42.38 -13.82 19.93
C TYR A 729 40.91 -14.17 19.72
N PHE A 730 40.36 -15.15 20.42
CA PHE A 730 38.94 -15.54 20.22
C PHE A 730 38.66 -16.34 18.96
N LYS A 731 39.63 -16.43 18.05
CA LYS A 731 39.52 -17.33 16.90
C LYS A 731 38.97 -18.71 17.26
N PRO A 732 39.44 -19.31 18.37
CA PRO A 732 38.82 -20.60 18.75
C PRO A 732 37.33 -20.52 19.09
N VAL A 733 36.89 -19.57 19.91
CA VAL A 733 35.46 -19.56 20.28
C VAL A 733 34.59 -19.25 19.06
N ILE A 734 34.94 -18.24 18.27
CA ILE A 734 34.22 -17.92 17.04
C ILE A 734 34.07 -19.17 16.17
N ASP A 735 35.05 -20.07 16.22
CA ASP A 735 35.11 -21.25 15.34
C ASP A 735 34.30 -22.46 15.83
N ARG A 736 34.05 -22.57 17.14
CA ARG A 736 33.17 -23.63 17.62
C ARG A 736 31.72 -23.37 17.23
N GLN A 737 31.40 -22.16 16.81
CA GLN A 737 30.02 -21.80 16.60
C GLN A 737 29.42 -22.45 15.37
N SER A 738 28.31 -23.16 15.58
CA SER A 738 27.54 -23.74 14.48
C SER A 738 26.59 -22.73 13.91
N TRP A 739 26.21 -22.88 12.65
CA TRP A 739 25.13 -22.07 12.14
C TRP A 739 23.79 -22.75 12.37
N SER A 740 23.39 -22.89 13.63
CA SER A 740 22.17 -23.60 13.98
C SER A 740 21.36 -22.91 15.07
N ASP A 741 20.27 -23.56 15.50
CA ASP A 741 19.52 -23.08 16.66
C ASP A 741 19.73 -23.92 17.91
N LYS A 742 20.80 -24.72 17.95
CA LYS A 742 20.93 -25.74 18.98
C LYS A 742 21.48 -25.16 20.30
N GLY A 743 21.27 -25.88 21.41
CA GLY A 743 21.71 -25.42 22.72
C GLY A 743 20.76 -24.54 23.54
N SER A 744 21.29 -24.07 24.67
CA SER A 744 20.55 -23.23 25.60
C SER A 744 20.34 -21.82 25.07
N VAL A 745 19.87 -20.91 25.92
CA VAL A 745 19.56 -19.57 25.44
C VAL A 745 20.83 -18.70 25.40
N TRP A 746 21.67 -18.78 26.43
CA TRP A 746 22.98 -18.13 26.34
C TRP A 746 23.78 -18.76 25.21
N ASP A 747 23.73 -20.09 25.05
CA ASP A 747 24.41 -20.71 23.93
C ASP A 747 24.08 -20.02 22.62
N ARG A 748 22.82 -19.63 22.46
CA ARG A 748 22.35 -19.06 21.20
C ARG A 748 22.55 -17.55 21.20
N MET A 749 22.58 -16.97 22.39
CA MET A 749 22.88 -15.55 22.46
C MET A 749 24.36 -15.39 22.12
N LEU A 750 25.16 -16.37 22.52
CA LEU A 750 26.56 -16.35 22.21
C LEU A 750 26.75 -16.54 20.70
N ARG A 751 26.08 -17.54 20.14
CA ARG A 751 26.27 -17.82 18.72
C ARG A 751 25.94 -16.61 17.82
N SER A 752 24.80 -15.98 18.00
CA SER A 752 24.42 -14.84 17.15
C SER A 752 25.40 -13.69 17.32
N ALA A 753 25.85 -13.46 18.55
CA ALA A 753 26.79 -12.39 18.80
C ALA A 753 28.08 -12.67 18.07
N LEU A 754 28.70 -13.80 18.40
CA LEU A 754 29.99 -14.14 17.81
C LEU A 754 29.99 -14.15 16.28
N LEU A 755 28.96 -14.74 15.66
CA LEU A 755 28.90 -14.75 14.19
C LEU A 755 28.63 -13.37 13.60
N LYS A 756 27.85 -12.55 14.30
CA LYS A 756 27.58 -11.20 13.84
C LYS A 756 28.87 -10.39 13.84
N LEU A 757 29.66 -10.59 14.88
CA LEU A 757 30.94 -9.93 14.96
C LEU A 757 31.86 -10.35 13.82
N ALA A 758 31.90 -11.64 13.53
CA ALA A 758 32.80 -12.11 12.48
C ALA A 758 32.40 -11.63 11.10
N CYS A 759 31.11 -11.42 10.86
CA CYS A 759 30.69 -10.97 9.54
C CYS A 759 30.72 -9.47 9.46
N ASP A 760 30.70 -8.80 10.60
CA ASP A 760 30.94 -7.37 10.63
C ASP A 760 32.41 -7.09 10.29
N LEU A 761 33.30 -7.95 10.77
CA LEU A 761 34.73 -7.78 10.54
C LEU A 761 35.19 -8.56 9.31
N ASN A 762 34.27 -8.78 8.38
CA ASN A 762 34.51 -9.50 7.12
C ASN A 762 35.37 -10.76 7.16
N HIS A 763 35.28 -11.51 8.27
CA HIS A 763 35.88 -12.82 8.35
C HIS A 763 35.47 -13.66 7.14
N ALA A 764 36.43 -14.26 6.46
CA ALA A 764 36.09 -14.92 5.20
C ALA A 764 35.19 -16.15 5.38
N PRO A 765 35.43 -17.00 6.40
CA PRO A 765 34.51 -18.11 6.60
C PRO A 765 33.09 -17.64 6.81
N CYS A 766 32.88 -16.83 7.85
CA CYS A 766 31.58 -16.29 8.21
C CYS A 766 30.85 -15.67 6.98
N ILE A 767 31.48 -14.75 6.25
CA ILE A 767 30.85 -14.14 5.09
C ILE A 767 30.47 -15.17 4.05
N GLN A 768 31.21 -16.26 3.96
CA GLN A 768 30.94 -17.23 2.90
C GLN A 768 29.81 -18.20 3.27
N LYS A 769 29.79 -18.63 4.53
CA LYS A 769 28.68 -19.46 5.00
C LYS A 769 27.38 -18.67 4.88
N ALA A 770 27.37 -17.48 5.46
CA ALA A 770 26.19 -16.62 5.43
C ALA A 770 25.77 -16.34 4.01
N ALA A 771 26.72 -16.11 3.12
CA ALA A 771 26.36 -15.80 1.74
C ALA A 771 25.76 -17.01 1.00
N GLU A 772 26.14 -18.21 1.44
CA GLU A 772 25.67 -19.44 0.81
C GLU A 772 24.21 -19.63 1.18
N LEU A 773 23.96 -19.70 2.49
CA LEU A 773 22.60 -19.72 3.03
C LEU A 773 21.68 -18.74 2.32
N PHE A 774 22.19 -17.55 2.01
CA PHE A 774 21.31 -16.61 1.35
C PHE A 774 20.93 -17.02 -0.06
N SER A 775 21.88 -17.52 -0.85
CA SER A 775 21.53 -18.02 -2.18
C SER A 775 20.59 -19.21 -2.05
N GLN A 776 21.03 -20.26 -1.34
CA GLN A 776 20.16 -21.41 -1.04
C GLN A 776 18.73 -20.98 -0.65
N TRP A 777 18.63 -19.83 0.04
CA TRP A 777 17.34 -19.33 0.48
C TRP A 777 16.63 -18.59 -0.64
N MET A 778 17.31 -17.65 -1.28
CA MET A 778 16.70 -16.90 -2.37
C MET A 778 16.39 -17.75 -3.60
N GLU A 779 17.24 -18.72 -3.94
CA GLU A 779 17.00 -19.53 -5.15
C GLU A 779 16.05 -20.71 -4.88
N SER A 780 15.51 -20.79 -3.67
CA SER A 780 14.41 -21.71 -3.39
C SER A 780 13.18 -20.90 -3.01
N SER A 781 13.33 -19.58 -3.10
CA SER A 781 12.29 -18.62 -2.72
C SER A 781 11.64 -18.98 -1.39
N GLY A 782 12.46 -19.12 -0.35
CA GLY A 782 11.97 -19.34 1.00
C GLY A 782 11.72 -20.78 1.41
N LYS A 783 11.96 -21.72 0.49
CA LYS A 783 11.70 -23.14 0.76
C LYS A 783 12.67 -23.75 1.78
N LEU A 784 13.96 -23.86 1.42
CA LEU A 784 14.99 -24.26 2.40
C LEU A 784 15.13 -23.11 3.39
N ASN A 785 15.37 -23.41 4.66
CA ASN A 785 15.23 -22.36 5.67
C ASN A 785 16.38 -22.16 6.65
N ILE A 786 16.52 -20.91 7.07
CA ILE A 786 17.68 -20.44 7.82
C ILE A 786 17.46 -20.47 9.31
N PRO A 787 18.37 -21.11 10.07
CA PRO A 787 18.15 -21.17 11.52
C PRO A 787 18.00 -19.77 12.12
N THR A 788 17.07 -19.60 13.06
CA THR A 788 16.68 -18.26 13.47
C THR A 788 17.88 -17.45 13.98
N ASP A 789 18.71 -18.09 14.80
CA ASP A 789 19.85 -17.42 15.41
C ASP A 789 20.81 -16.76 14.45
N VAL A 790 20.73 -17.09 13.17
CA VAL A 790 21.65 -16.48 12.24
C VAL A 790 20.87 -15.79 11.15
N LEU A 791 19.57 -15.69 11.36
CA LEU A 791 18.71 -15.12 10.34
C LEU A 791 19.15 -13.70 9.96
N LYS A 792 19.30 -12.85 10.97
CA LYS A 792 19.71 -11.45 10.80
C LYS A 792 21.09 -11.30 10.11
N ILE A 793 22.07 -12.07 10.57
CA ILE A 793 23.34 -12.14 9.87
C ILE A 793 23.09 -12.51 8.39
N VAL A 794 22.61 -13.73 8.13
CA VAL A 794 22.48 -14.22 6.76
C VAL A 794 21.79 -13.22 5.88
N TYR A 795 20.70 -12.62 6.35
CA TYR A 795 20.01 -11.62 5.53
C TYR A 795 20.84 -10.38 5.29
N SER A 796 21.68 -10.01 6.23
CA SER A 796 22.34 -8.71 6.07
C SER A 796 23.53 -8.89 5.16
N VAL A 797 24.19 -10.03 5.23
CA VAL A 797 25.20 -10.34 4.21
C VAL A 797 24.53 -10.47 2.85
N GLY A 798 23.35 -11.07 2.83
CA GLY A 798 22.56 -11.12 1.63
C GLY A 798 22.30 -9.75 1.04
N ALA A 799 22.13 -8.75 1.88
CA ALA A 799 21.69 -7.45 1.41
C ALA A 799 22.79 -6.65 0.75
N GLN A 800 23.98 -7.24 0.65
CA GLN A 800 25.12 -6.51 0.13
C GLN A 800 25.18 -6.45 -1.40
N THR A 801 24.08 -6.79 -2.07
CA THR A 801 24.02 -6.67 -3.52
C THR A 801 22.66 -6.17 -3.95
N THR A 802 22.61 -5.42 -5.04
CA THR A 802 21.36 -4.87 -5.52
C THR A 802 20.32 -5.99 -5.72
N ALA A 803 20.78 -7.23 -5.80
CA ALA A 803 19.90 -8.38 -6.01
C ALA A 803 19.26 -8.84 -4.71
N GLY A 804 20.10 -9.22 -3.76
CA GLY A 804 19.64 -9.57 -2.42
C GLY A 804 18.76 -8.51 -1.77
N TRP A 805 19.22 -7.27 -1.79
CA TRP A 805 18.51 -6.12 -1.23
C TRP A 805 17.13 -5.93 -1.90
N ASN A 806 17.08 -6.03 -3.22
CA ASN A 806 15.78 -5.96 -3.91
C ASN A 806 14.88 -7.10 -3.46
N TYR A 807 15.47 -8.28 -3.31
CA TYR A 807 14.68 -9.46 -3.03
C TYR A 807 14.14 -9.35 -1.63
N LEU A 808 15.02 -8.95 -0.72
CA LEU A 808 14.68 -8.74 0.68
C LEU A 808 13.62 -7.66 0.82
N LEU A 809 13.76 -6.54 0.12
CA LEU A 809 12.74 -5.49 0.22
C LEU A 809 11.36 -6.05 -0.21
N GLU A 810 11.38 -6.98 -1.15
CA GLU A 810 10.14 -7.50 -1.66
C GLU A 810 9.59 -8.50 -0.65
N GLN A 811 10.50 -9.27 -0.04
CA GLN A 811 10.12 -10.25 0.97
C GLN A 811 9.53 -9.55 2.20
N TYR A 812 9.99 -8.33 2.48
CA TYR A 812 9.47 -7.51 3.57
C TYR A 812 7.98 -7.27 3.44
N GLU A 813 7.54 -6.84 2.26
CA GLU A 813 6.13 -6.51 2.00
C GLU A 813 5.25 -7.74 2.12
N LEU A 814 5.78 -8.91 1.77
CA LEU A 814 4.96 -10.13 1.70
C LEU A 814 4.94 -10.89 3.02
N SER A 815 5.94 -10.70 3.86
CA SER A 815 6.08 -11.48 5.09
C SER A 815 4.90 -11.34 6.08
N MET A 816 4.73 -12.33 6.93
CA MET A 816 3.68 -12.30 7.93
C MET A 816 4.22 -12.47 9.36
N SER A 817 5.54 -12.49 9.50
CA SER A 817 6.17 -12.44 10.81
C SER A 817 6.76 -11.08 10.95
N SER A 818 6.22 -10.27 11.85
CA SER A 818 6.74 -8.93 11.90
C SER A 818 8.08 -8.93 12.65
N ALA A 819 8.45 -10.10 13.19
CA ALA A 819 9.80 -10.34 13.69
C ALA A 819 10.78 -10.62 12.56
N GLU A 820 10.35 -11.37 11.55
CA GLU A 820 11.14 -11.45 10.36
C GLU A 820 11.29 -10.07 9.71
N GLN A 821 10.19 -9.33 9.62
CA GLN A 821 10.24 -8.00 8.98
C GLN A 821 11.28 -7.19 9.68
N ASN A 822 11.30 -7.30 11.01
CA ASN A 822 12.25 -6.57 11.79
C ASN A 822 13.71 -6.89 11.46
N LYS A 823 14.00 -8.16 11.20
CA LYS A 823 15.30 -8.61 10.84
C LYS A 823 15.65 -8.23 9.40
N ILE A 824 14.64 -8.10 8.57
CA ILE A 824 14.86 -7.79 7.19
C ILE A 824 15.16 -6.30 7.06
N LEU A 825 14.37 -5.48 7.73
CA LEU A 825 14.56 -4.05 7.64
C LEU A 825 15.92 -3.65 8.24
N TYR A 826 16.45 -4.43 9.18
CA TYR A 826 17.76 -4.08 9.67
CA TYR A 826 17.80 -4.21 9.71
C TYR A 826 18.84 -4.50 8.66
N ALA A 827 18.81 -5.75 8.19
CA ALA A 827 19.65 -6.22 7.10
C ALA A 827 19.67 -5.19 5.98
N LEU A 828 18.49 -4.70 5.65
CA LEU A 828 18.34 -3.71 4.59
C LEU A 828 19.07 -2.41 4.91
N SER A 829 19.34 -2.17 6.19
CA SER A 829 19.95 -0.89 6.53
C SER A 829 21.46 -1.03 6.71
N THR A 830 21.96 -2.25 6.52
CA THR A 830 23.41 -2.45 6.50
C THR A 830 23.88 -2.50 5.06
N SER A 831 23.25 -1.73 4.20
CA SER A 831 23.73 -1.63 2.82
C SER A 831 24.67 -0.46 2.70
N LYS A 832 25.49 -0.42 1.65
CA LYS A 832 26.47 0.68 1.56
C LYS A 832 26.09 1.79 0.56
N HIS A 833 25.16 1.50 -0.36
CA HIS A 833 24.68 2.51 -1.32
C HIS A 833 23.75 3.55 -0.71
N GLN A 834 24.18 4.81 -0.68
CA GLN A 834 23.31 5.93 -0.27
C GLN A 834 21.88 5.87 -0.79
N GLU A 835 21.74 5.50 -2.07
CA GLU A 835 20.41 5.45 -2.69
C GLU A 835 19.48 4.51 -1.93
N LYS A 836 20.02 3.35 -1.53
CA LYS A 836 19.23 2.33 -0.86
C LYS A 836 18.77 2.78 0.52
N LEU A 837 19.71 3.33 1.30
CA LEU A 837 19.44 3.85 2.64
C LEU A 837 18.36 4.96 2.67
N LEU A 838 18.45 5.92 1.75
CA LEU A 838 17.48 7.01 1.72
C LEU A 838 16.12 6.51 1.25
N LYS A 839 16.14 5.54 0.33
CA LYS A 839 14.92 4.89 -0.11
C LYS A 839 14.22 4.33 1.09
N LEU A 840 14.97 3.64 1.95
CA LEU A 840 14.41 3.05 3.16
C LEU A 840 13.74 4.10 4.00
N ILE A 841 14.40 5.24 4.16
CA ILE A 841 13.86 6.38 4.90
C ILE A 841 12.60 6.97 4.26
N GLU A 842 12.70 7.33 2.98
CA GLU A 842 11.55 7.87 2.24
CA GLU A 842 11.55 7.88 2.27
C GLU A 842 10.33 6.97 2.42
N LEU A 843 10.53 5.66 2.30
CA LEU A 843 9.44 4.74 2.46
C LEU A 843 8.91 4.89 3.86
N GLY A 844 9.85 4.95 4.81
CA GLY A 844 9.51 5.14 6.21
C GLY A 844 8.64 6.37 6.46
N MET A 845 8.95 7.49 5.82
CA MET A 845 8.09 8.65 5.90
C MET A 845 6.70 8.33 5.38
N GLU A 846 6.64 7.70 4.20
CA GLU A 846 5.38 7.34 3.52
C GLU A 846 4.42 6.59 4.44
N GLY A 847 4.92 5.51 5.05
CA GLY A 847 4.12 4.78 6.02
C GLY A 847 3.30 3.69 5.39
N LYS A 848 3.52 3.44 4.10
CA LYS A 848 2.77 2.43 3.40
C LYS A 848 3.56 1.12 3.41
N VAL A 849 4.76 1.16 2.87
CA VAL A 849 5.57 -0.04 2.87
C VAL A 849 6.15 -0.33 4.26
N ILE A 850 6.86 0.65 4.77
CA ILE A 850 7.50 0.59 6.06
C ILE A 850 6.70 1.44 7.01
N LYS A 851 6.07 0.83 8.00
CA LYS A 851 5.14 1.53 8.89
C LYS A 851 5.85 2.64 9.63
N THR A 852 5.16 3.73 9.95
CA THR A 852 5.81 4.86 10.62
C THR A 852 6.18 4.57 12.08
N GLN A 853 5.48 3.66 12.74
CA GLN A 853 5.91 3.18 14.03
C GLN A 853 7.38 2.67 14.02
N ASN A 854 7.89 2.33 12.84
CA ASN A 854 9.26 1.81 12.71
C ASN A 854 10.31 2.78 12.26
N LEU A 855 9.93 4.03 11.99
CA LEU A 855 10.87 5.00 11.39
C LEU A 855 12.04 5.35 12.28
N ALA A 856 11.74 5.68 13.52
CA ALA A 856 12.76 6.09 14.48
C ALA A 856 13.81 5.04 14.68
N ALA A 857 13.43 3.77 14.70
CA ALA A 857 14.46 2.76 14.90
C ALA A 857 15.26 2.55 13.62
N LEU A 858 14.66 2.89 12.48
CA LEU A 858 15.32 2.73 11.21
C LEU A 858 16.43 3.77 11.01
N LEU A 859 16.13 5.01 11.38
CA LEU A 859 17.10 6.08 11.30
C LEU A 859 18.24 5.76 12.23
N HIS A 860 17.90 5.12 13.34
CA HIS A 860 18.90 4.78 14.32
C HIS A 860 19.81 3.73 13.72
N ALA A 861 19.24 2.69 13.11
CA ALA A 861 20.10 1.67 12.51
C ALA A 861 20.96 2.24 11.39
N ILE A 862 20.39 3.13 10.58
CA ILE A 862 21.16 3.71 9.49
C ILE A 862 22.34 4.55 9.99
N ALA A 863 22.08 5.50 10.87
CA ALA A 863 23.10 6.38 11.49
C ALA A 863 24.23 5.68 12.22
N ARG A 864 23.92 4.51 12.78
CA ARG A 864 24.86 3.68 13.52
C ARG A 864 26.07 3.29 12.69
N ARG A 865 25.88 3.17 11.37
CA ARG A 865 26.94 2.65 10.50
C ARG A 865 27.60 3.75 9.66
N PRO A 866 28.92 3.64 9.43
CA PRO A 866 29.67 4.74 8.79
C PRO A 866 29.02 5.29 7.52
N LYS A 867 28.57 4.43 6.63
CA LYS A 867 27.99 4.89 5.38
C LYS A 867 26.69 5.67 5.57
N GLY A 868 26.05 5.54 6.73
CA GLY A 868 24.78 6.20 6.99
C GLY A 868 24.75 7.33 8.01
N GLN A 869 25.77 7.42 8.85
CA GLN A 869 26.02 8.58 9.71
C GLN A 869 25.54 9.96 9.17
N GLN A 870 26.03 10.35 8.00
CA GLN A 870 25.81 11.70 7.49
C GLN A 870 24.40 11.89 6.94
N LEU A 871 23.94 10.88 6.23
CA LEU A 871 22.63 10.86 5.63
C LEU A 871 21.54 11.04 6.70
N ALA A 872 21.65 10.32 7.81
CA ALA A 872 20.62 10.36 8.83
C ALA A 872 20.55 11.75 9.44
N TRP A 873 21.71 12.30 9.79
CA TRP A 873 21.85 13.69 10.25
C TRP A 873 21.27 14.70 9.27
N ASP A 874 21.71 14.66 8.01
CA ASP A 874 21.18 15.59 7.02
C ASP A 874 19.66 15.48 7.05
N PHE A 875 19.14 14.25 6.98
CA PHE A 875 17.70 14.07 6.93
C PHE A 875 16.99 14.65 8.16
N VAL A 876 17.49 14.35 9.35
CA VAL A 876 16.78 14.83 10.54
C VAL A 876 16.71 16.35 10.54
N ARG A 877 17.82 17.03 10.26
CA ARG A 877 17.79 18.50 10.15
C ARG A 877 16.87 19.02 9.04
N GLU A 878 17.09 18.57 7.82
CA GLU A 878 16.32 19.05 6.68
C GLU A 878 14.89 18.54 6.60
N ASN A 879 14.42 17.80 7.60
CA ASN A 879 13.03 17.34 7.57
C ASN A 879 12.35 17.38 8.93
N TRP A 880 12.95 18.12 9.85
CA TRP A 880 12.44 18.19 11.21
C TRP A 880 10.94 18.52 11.29
N THR A 881 10.47 19.41 10.43
CA THR A 881 9.07 19.86 10.55
C THR A 881 8.10 18.73 10.25
N HIS A 882 8.42 17.97 9.22
CA HIS A 882 7.58 16.85 8.82
C HIS A 882 7.59 15.77 9.90
N LEU A 883 8.76 15.56 10.52
CA LEU A 883 8.93 14.54 11.54
C LEU A 883 7.97 14.81 12.70
N LEU A 884 7.77 16.09 13.00
CA LEU A 884 6.97 16.43 14.16
C LEU A 884 5.48 16.35 13.88
N LYS A 885 5.10 16.35 12.61
CA LYS A 885 3.69 16.25 12.26
C LYS A 885 3.19 14.84 12.54
N LYS A 886 4.12 13.88 12.59
CA LYS A 886 3.77 12.48 12.78
C LYS A 886 3.87 12.02 14.24
N PHE A 887 4.69 12.71 15.03
CA PHE A 887 4.91 12.33 16.43
C PHE A 887 4.86 13.55 17.38
N ASP A 888 4.48 13.33 18.64
CA ASP A 888 4.61 14.36 19.67
C ASP A 888 6.08 14.68 19.97
N LEU A 889 6.37 15.94 20.28
CA LEU A 889 7.71 16.34 20.68
C LEU A 889 8.28 15.53 21.87
N GLY A 890 7.42 14.97 22.69
CA GLY A 890 7.87 14.25 23.88
C GLY A 890 7.69 12.75 23.74
N SER A 891 7.37 12.35 22.50
CA SER A 891 7.22 10.95 22.12
C SER A 891 8.56 10.21 22.15
N TYR A 892 8.52 8.91 22.46
CA TYR A 892 9.74 8.10 22.44
C TYR A 892 10.28 8.05 21.04
N ASP A 893 9.41 8.28 20.06
CA ASP A 893 9.87 8.39 18.67
C ASP A 893 10.84 9.55 18.49
N ILE A 894 10.44 10.77 18.79
CA ILE A 894 11.32 11.92 18.55
C ILE A 894 12.57 11.89 19.44
N ARG A 895 12.42 11.37 20.66
CA ARG A 895 13.55 11.25 21.57
C ARG A 895 14.61 10.39 20.91
N MET A 896 14.20 9.23 20.41
CA MET A 896 15.13 8.33 19.77
C MET A 896 15.63 8.84 18.42
N ILE A 897 14.78 9.50 17.63
CA ILE A 897 15.21 10.06 16.34
C ILE A 897 16.30 11.10 16.53
N ILE A 898 16.15 11.93 17.56
CA ILE A 898 17.17 12.91 17.86
C ILE A 898 18.48 12.24 18.29
N SER A 899 18.39 11.56 19.43
CA SER A 899 19.49 10.82 20.03
C SER A 899 20.18 9.84 19.06
N GLY A 900 19.41 9.13 18.24
CA GLY A 900 19.97 8.02 17.48
C GLY A 900 20.80 8.49 16.32
N THR A 901 20.66 9.75 15.99
CA THR A 901 21.31 10.30 14.83
C THR A 901 22.50 11.20 15.20
N THR A 902 22.59 11.58 16.48
CA THR A 902 23.64 12.46 16.96
C THR A 902 24.55 11.93 18.07
N ALA A 903 24.02 11.13 18.98
CA ALA A 903 24.78 10.81 20.21
C ALA A 903 26.07 9.99 20.01
N HIS A 904 26.30 9.41 18.85
CA HIS A 904 27.52 8.63 18.63
C HIS A 904 28.66 9.46 18.03
N PHE A 905 28.33 10.67 17.54
CA PHE A 905 29.27 11.70 17.08
C PHE A 905 30.37 11.96 18.12
N SER A 906 31.60 12.15 17.66
CA SER A 906 32.71 12.18 18.57
C SER A 906 33.79 13.20 18.18
N SER A 907 33.34 14.31 17.60
CA SER A 907 34.26 15.33 17.12
C SER A 907 33.78 16.73 17.43
N LYS A 908 34.75 17.64 17.55
CA LYS A 908 34.46 19.06 17.76
C LYS A 908 33.49 19.57 16.69
N ASP A 909 33.76 19.23 15.42
CA ASP A 909 32.89 19.66 14.31
CA ASP A 909 32.89 19.66 14.31
C ASP A 909 31.43 19.28 14.54
N LYS A 910 31.16 17.98 14.69
CA LYS A 910 29.80 17.49 14.86
C LYS A 910 29.15 18.09 16.08
N LEU A 911 29.93 18.25 17.16
CA LEU A 911 29.39 18.86 18.38
C LEU A 911 28.84 20.25 18.10
N GLN A 912 29.51 20.99 17.22
CA GLN A 912 29.08 22.35 16.96
CA GLN A 912 29.13 22.36 16.90
C GLN A 912 27.75 22.40 16.24
N GLU A 913 27.63 21.60 15.18
CA GLU A 913 26.42 21.56 14.36
C GLU A 913 25.22 21.18 15.19
N VAL A 914 25.42 20.29 16.15
CA VAL A 914 24.28 19.80 16.89
C VAL A 914 23.84 20.85 17.90
N LYS A 915 24.81 21.47 18.57
CA LYS A 915 24.56 22.64 19.40
C LYS A 915 23.73 23.68 18.64
N LEU A 916 24.10 23.98 17.40
CA LEU A 916 23.31 24.87 16.55
C LEU A 916 21.88 24.39 16.27
N PHE A 917 21.72 23.11 15.91
CA PHE A 917 20.42 22.58 15.51
C PHE A 917 19.47 22.50 16.70
N PHE A 918 20.04 22.37 17.89
CA PHE A 918 19.21 22.33 19.09
C PHE A 918 18.78 23.75 19.49
N GLU A 919 19.67 24.72 19.30
CA GLU A 919 19.37 26.13 19.55
C GLU A 919 18.18 26.58 18.74
N SER A 920 18.19 26.22 17.47
CA SER A 920 17.15 26.62 16.55
C SER A 920 15.81 26.03 16.95
N LEU A 921 15.83 24.85 17.57
CA LEU A 921 14.60 24.20 17.99
C LEU A 921 14.00 24.86 19.22
N GLU A 922 14.78 25.71 19.86
CA GLU A 922 14.28 26.47 20.98
C GLU A 922 14.01 27.91 20.57
N ALA A 923 14.23 28.22 19.29
CA ALA A 923 13.67 29.43 18.70
C ALA A 923 12.17 29.19 18.60
N GLN A 924 11.84 28.20 17.79
CA GLN A 924 10.51 27.61 17.76
C GLN A 924 10.16 27.07 19.16
N GLY A 925 8.90 26.73 19.40
CA GLY A 925 8.50 26.31 20.73
C GLY A 925 8.79 24.85 21.03
N SER A 926 10.05 24.51 21.27
CA SER A 926 10.42 23.11 21.52
C SER A 926 11.61 22.95 22.48
N HIS A 927 11.33 22.43 23.68
CA HIS A 927 12.36 22.05 24.64
C HIS A 927 12.23 20.62 25.20
N LEU A 928 13.34 19.88 25.13
CA LEU A 928 13.48 18.57 25.76
C LEU A 928 14.83 18.42 26.46
N ASP A 929 14.84 17.66 27.54
CA ASP A 929 16.09 17.33 28.21
C ASP A 929 17.08 16.63 27.29
N ILE A 930 16.59 15.83 26.34
CA ILE A 930 17.44 14.99 25.51
C ILE A 930 18.49 15.80 24.77
N PHE A 931 18.26 17.11 24.71
CA PHE A 931 19.19 18.07 24.11
C PHE A 931 20.52 18.15 24.88
N GLN A 932 20.43 18.38 26.19
CA GLN A 932 21.63 18.50 27.02
C GLN A 932 22.36 17.18 27.11
N THR A 933 21.57 16.14 27.36
CA THR A 933 22.05 14.76 27.44
C THR A 933 22.84 14.31 26.21
N VAL A 934 22.40 14.69 25.02
CA VAL A 934 23.14 14.44 23.80
C VAL A 934 24.47 15.19 23.77
N LEU A 935 24.40 16.51 23.92
CA LEU A 935 25.60 17.36 23.93
C LEU A 935 26.59 16.87 24.96
N GLU A 936 26.09 16.54 26.15
CA GLU A 936 26.96 15.97 27.18
C GLU A 936 27.49 14.62 26.77
N THR A 937 26.85 13.94 25.82
CA THR A 937 27.34 12.64 25.36
C THR A 937 28.34 12.78 24.20
N ILE A 938 28.09 13.73 23.31
CA ILE A 938 29.10 14.03 22.29
C ILE A 938 30.36 14.65 22.90
N THR A 939 30.21 15.42 23.98
CA THR A 939 31.37 15.93 24.70
C THR A 939 32.11 14.79 25.38
N LYS A 940 31.36 13.93 26.07
CA LYS A 940 31.94 12.78 26.76
C LYS A 940 32.78 11.95 25.80
N ASN A 941 32.30 11.84 24.58
CA ASN A 941 32.96 11.09 23.52
C ASN A 941 34.26 11.70 23.07
N ILE A 942 34.24 13.00 22.75
CA ILE A 942 35.42 13.76 22.31
C ILE A 942 36.57 13.66 23.30
N LYS A 943 36.28 13.94 24.56
CA LYS A 943 37.28 13.79 25.60
C LYS A 943 37.84 12.38 25.60
N TRP A 944 36.96 11.38 25.52
CA TRP A 944 37.40 9.99 25.59
C TRP A 944 38.51 9.69 24.59
N LEU A 945 38.27 10.12 23.36
CA LEU A 945 39.23 9.96 22.29
C LEU A 945 40.50 10.73 22.62
N GLU A 946 40.38 12.01 22.94
CA GLU A 946 41.58 12.82 23.07
C GLU A 946 42.37 12.35 24.28
N LYS A 947 41.68 11.78 25.27
CA LYS A 947 42.34 11.35 26.49
C LYS A 947 42.68 9.85 26.57
N ASN A 948 42.61 9.11 25.46
CA ASN A 948 42.72 7.65 25.53
C ASN A 948 43.09 6.94 24.25
N LEU A 949 42.94 7.66 23.13
CA LEU A 949 43.16 7.10 21.80
C LEU A 949 44.60 6.67 21.55
N PRO A 950 45.60 7.51 21.88
CA PRO A 950 46.93 7.00 21.61
C PRO A 950 47.28 5.81 22.49
N THR A 951 46.69 5.73 23.67
CA THR A 951 46.86 4.54 24.50
C THR A 951 46.30 3.29 23.80
N LEU A 952 45.16 3.43 23.12
CA LEU A 952 44.57 2.30 22.39
C LEU A 952 45.45 1.94 21.16
N ARG A 953 45.92 2.96 20.43
CA ARG A 953 46.82 2.76 19.29
C ARG A 953 48.08 1.98 19.69
N THR A 954 48.72 2.34 20.81
CA THR A 954 49.94 1.64 21.12
C THR A 954 49.67 0.27 21.73
N TRP A 955 48.61 0.11 22.54
CA TRP A 955 48.27 -1.21 23.12
C TRP A 955 48.01 -2.25 22.05
N LEU A 956 47.40 -1.85 20.95
CA LEU A 956 47.24 -2.79 19.86
C LEU A 956 48.58 -3.10 19.26
N MET A 957 49.34 -2.07 18.84
CA MET A 957 50.67 -2.29 18.24
C MET A 957 51.60 -3.13 19.11
N VAL A 958 51.56 -2.87 20.42
CA VAL A 958 52.34 -3.67 21.38
C VAL A 958 51.88 -5.10 21.23
N ASN A 959 50.57 -5.25 21.15
CA ASN A 959 49.95 -6.58 21.09
C ASN A 959 50.33 -7.33 19.80
N THR A 960 50.33 -6.67 18.67
CA THR A 960 50.77 -7.28 17.43
C THR A 960 52.20 -7.75 17.53
N ARG A 961 52.89 -7.33 18.57
CA ARG A 961 54.29 -7.66 18.70
C ARG A 961 54.54 -8.75 19.70
N HIS A 962 55.42 -9.56 19.31
N PRO B 54 5.71 -34.45 -33.57
CA PRO B 54 6.47 -33.44 -32.83
C PRO B 54 7.32 -34.08 -31.74
N VAL B 55 7.23 -33.55 -30.52
CA VAL B 55 7.85 -34.18 -29.37
C VAL B 55 6.75 -34.55 -28.38
N ALA B 56 7.05 -34.38 -27.09
CA ALA B 56 6.07 -34.51 -26.00
C ALA B 56 6.72 -34.11 -24.69
N THR B 57 6.00 -34.30 -23.59
CA THR B 57 6.48 -33.94 -22.27
C THR B 57 5.65 -34.67 -21.22
N ASN B 58 6.21 -35.73 -20.63
CA ASN B 58 7.54 -36.21 -20.99
C ASN B 58 7.51 -37.58 -21.64
N GLY B 59 8.67 -37.99 -22.14
CA GLY B 59 8.82 -39.19 -22.95
C GLY B 59 9.35 -38.68 -24.27
N GLU B 60 8.63 -38.76 -25.40
CA GLU B 60 7.37 -39.50 -25.69
C GLU B 60 6.92 -38.97 -27.05
N ARG B 61 6.00 -39.65 -27.73
CA ARG B 61 5.43 -39.13 -28.96
C ARG B 61 4.06 -38.55 -28.69
N PHE B 62 3.91 -37.24 -28.81
CA PHE B 62 2.59 -36.63 -28.69
C PHE B 62 1.81 -37.01 -29.92
N PRO B 63 0.69 -37.72 -29.70
CA PRO B 63 -0.23 -38.21 -30.74
C PRO B 63 -0.53 -37.20 -31.84
N TRP B 64 -1.48 -36.29 -31.60
CA TRP B 64 -1.85 -35.25 -32.55
C TRP B 64 -0.66 -34.34 -32.88
N GLN B 65 -0.86 -33.39 -33.78
CA GLN B 65 0.25 -32.59 -34.26
C GLN B 65 -0.23 -31.26 -34.83
N GLU B 66 -1.55 -31.17 -35.05
CA GLU B 66 -2.12 -29.97 -35.64
C GLU B 66 -2.35 -28.88 -34.58
N LEU B 67 -2.09 -27.64 -34.96
CA LEU B 67 -2.30 -26.46 -34.12
C LEU B 67 -3.79 -26.12 -34.08
N ARG B 68 -4.58 -27.15 -33.81
CA ARG B 68 -6.03 -27.06 -33.75
C ARG B 68 -6.60 -28.44 -33.39
N LEU B 69 -7.64 -28.45 -32.56
CA LEU B 69 -8.35 -29.68 -32.22
C LEU B 69 -9.09 -30.22 -33.44
N PRO B 70 -8.81 -31.49 -33.82
CA PRO B 70 -9.52 -32.13 -34.92
C PRO B 70 -11.03 -32.16 -34.69
N SER B 71 -11.79 -32.20 -35.78
CA SER B 71 -13.25 -32.17 -35.72
C SER B 71 -13.85 -33.49 -35.22
N VAL B 72 -12.99 -34.33 -34.64
CA VAL B 72 -13.37 -35.65 -34.14
C VAL B 72 -14.44 -35.57 -33.04
N VAL B 73 -13.99 -35.31 -31.81
CA VAL B 73 -14.89 -35.33 -30.65
C VAL B 73 -15.57 -33.98 -30.44
N ILE B 74 -16.89 -33.95 -30.64
CA ILE B 74 -17.66 -32.75 -30.35
C ILE B 74 -18.28 -32.92 -28.96
N PRO B 75 -18.29 -31.83 -28.18
CA PRO B 75 -18.95 -31.81 -26.87
C PRO B 75 -20.33 -31.16 -26.92
N LEU B 76 -21.17 -31.51 -25.95
CA LEU B 76 -22.50 -30.93 -25.85
C LEU B 76 -22.68 -30.31 -24.48
N HIS B 77 -21.89 -30.80 -23.54
CA HIS B 77 -22.05 -30.42 -22.15
C HIS B 77 -20.73 -30.37 -21.37
N TYR B 78 -20.59 -29.31 -20.58
CA TYR B 78 -19.54 -29.20 -19.60
C TYR B 78 -20.19 -29.16 -18.23
N ASP B 79 -19.75 -30.01 -17.31
CA ASP B 79 -20.03 -29.77 -15.91
C ASP B 79 -18.77 -29.18 -15.32
N LEU B 80 -18.89 -28.07 -14.62
CA LEU B 80 -17.73 -27.31 -14.20
C LEU B 80 -17.82 -26.89 -12.75
N PHE B 81 -16.92 -27.40 -11.93
CA PHE B 81 -16.87 -27.05 -10.50
C PHE B 81 -15.59 -26.30 -10.17
N VAL B 82 -15.74 -25.07 -9.69
CA VAL B 82 -14.59 -24.28 -9.30
C VAL B 82 -14.62 -23.91 -7.81
N HIS B 83 -13.56 -24.26 -7.09
CA HIS B 83 -13.36 -23.82 -5.70
C HIS B 83 -12.14 -22.89 -5.61
N PRO B 84 -12.39 -21.57 -5.75
CA PRO B 84 -11.34 -20.59 -5.56
C PRO B 84 -11.24 -20.17 -4.09
N ASN B 85 -10.02 -20.00 -3.59
CA ASN B 85 -9.83 -19.38 -2.28
C ASN B 85 -9.11 -18.01 -2.45
N LEU B 86 -9.74 -16.95 -1.95
CA LEU B 86 -9.25 -15.59 -2.17
C LEU B 86 -8.40 -15.07 -1.02
N THR B 87 -7.99 -15.96 -0.12
CA THR B 87 -6.97 -15.62 0.87
C THR B 87 -5.67 -16.26 0.38
N SER B 88 -5.71 -17.56 0.10
CA SER B 88 -4.54 -18.21 -0.42
C SER B 88 -4.42 -18.03 -1.92
N LEU B 89 -5.11 -17.03 -2.46
CA LEU B 89 -5.13 -16.67 -3.90
C LEU B 89 -4.94 -17.79 -4.92
N ASP B 90 -5.58 -18.94 -4.72
CA ASP B 90 -5.47 -20.03 -5.70
C ASP B 90 -6.82 -20.70 -5.87
N PHE B 91 -6.85 -21.77 -6.63
CA PHE B 91 -8.10 -22.47 -6.83
C PHE B 91 -7.85 -23.91 -7.18
N VAL B 92 -8.85 -24.72 -6.86
CA VAL B 92 -8.86 -26.13 -7.17
C VAL B 92 -10.15 -26.37 -7.93
N ALA B 93 -10.16 -27.34 -8.84
CA ALA B 93 -11.36 -27.53 -9.65
C ALA B 93 -11.43 -28.89 -10.32
N SER B 94 -12.62 -29.22 -10.82
CA SER B 94 -12.88 -30.43 -11.61
C SER B 94 -14.02 -30.20 -12.61
N GLU B 95 -14.20 -31.17 -13.53
CA GLU B 95 -15.16 -31.07 -14.63
C GLU B 95 -15.51 -32.47 -15.16
N LYS B 96 -16.60 -32.57 -15.92
CA LYS B 96 -16.91 -33.74 -16.74
C LYS B 96 -17.65 -33.22 -17.96
N ILE B 97 -17.16 -33.54 -19.15
CA ILE B 97 -17.70 -32.86 -20.32
C ILE B 97 -18.31 -33.84 -21.36
N GLU B 98 -19.62 -33.79 -21.52
CA GLU B 98 -20.32 -34.79 -22.33
C GLU B 98 -20.03 -34.62 -23.83
N VAL B 99 -19.54 -35.68 -24.47
CA VAL B 99 -19.11 -35.60 -25.87
C VAL B 99 -20.00 -36.35 -26.88
N LEU B 100 -19.51 -36.52 -28.11
CA LEU B 100 -20.18 -37.32 -29.14
C LEU B 100 -19.22 -37.56 -30.31
N VAL B 101 -18.56 -38.72 -30.32
CA VAL B 101 -17.59 -39.07 -31.35
C VAL B 101 -18.25 -39.11 -32.74
N SER B 102 -17.44 -39.29 -33.79
CA SER B 102 -17.95 -39.39 -35.16
C SER B 102 -17.02 -40.21 -36.04
N ASN B 103 -15.74 -39.83 -36.08
CA ASN B 103 -14.71 -40.61 -36.75
C ASN B 103 -13.77 -41.18 -35.69
N ALA B 104 -14.24 -42.21 -34.98
CA ALA B 104 -13.62 -42.66 -33.73
C ALA B 104 -12.23 -43.26 -33.87
N THR B 105 -11.34 -42.84 -32.97
CA THR B 105 -9.97 -43.38 -32.88
C THR B 105 -9.55 -43.61 -31.41
N GLN B 106 -8.25 -43.47 -31.13
CA GLN B 106 -7.74 -43.74 -29.80
C GLN B 106 -7.54 -42.46 -28.96
N PHE B 107 -6.60 -41.62 -29.37
CA PHE B 107 -6.19 -40.45 -28.60
C PHE B 107 -7.18 -39.29 -28.70
N ILE B 108 -7.68 -38.84 -27.55
CA ILE B 108 -8.61 -37.71 -27.48
C ILE B 108 -7.84 -36.43 -27.10
N ILE B 109 -8.18 -35.31 -27.73
CA ILE B 109 -7.31 -34.14 -27.74
C ILE B 109 -7.95 -32.84 -27.19
N LEU B 110 -7.16 -32.08 -26.43
CA LEU B 110 -7.69 -30.96 -25.65
C LEU B 110 -6.73 -29.80 -25.47
N HIS B 111 -7.27 -28.70 -24.92
CA HIS B 111 -6.49 -27.51 -24.57
C HIS B 111 -6.21 -27.41 -23.06
N SER B 112 -4.99 -27.07 -22.69
CA SER B 112 -4.67 -26.78 -21.28
C SER B 112 -3.37 -26.00 -21.14
N LYS B 113 -3.39 -24.92 -20.38
CA LYS B 113 -2.18 -24.13 -20.18
C LYS B 113 -2.07 -23.64 -18.75
N ASP B 114 -0.92 -23.87 -18.14
CA ASP B 114 -0.62 -23.47 -16.78
C ASP B 114 -1.56 -24.12 -15.75
N LEU B 115 -2.34 -25.09 -16.19
CA LEU B 115 -3.14 -25.89 -15.29
C LEU B 115 -2.39 -27.15 -14.88
N GLU B 116 -2.75 -27.70 -13.73
CA GLU B 116 -2.13 -28.94 -13.30
C GLU B 116 -3.18 -30.01 -13.25
N ILE B 117 -2.95 -31.12 -13.95
CA ILE B 117 -3.95 -32.19 -14.04
C ILE B 117 -3.70 -33.31 -13.03
N THR B 118 -4.69 -33.59 -12.20
CA THR B 118 -4.55 -34.50 -11.05
C THR B 118 -5.04 -35.91 -11.39
N ASN B 119 -6.35 -36.11 -11.34
CA ASN B 119 -6.94 -37.37 -11.83
C ASN B 119 -7.24 -37.24 -13.33
N ALA B 120 -7.71 -38.31 -13.96
CA ALA B 120 -8.06 -38.32 -15.38
C ALA B 120 -8.76 -39.63 -15.75
N THR B 121 -10.08 -39.60 -15.91
CA THR B 121 -10.86 -40.82 -15.96
C THR B 121 -11.98 -40.83 -17.00
N LEU B 122 -11.90 -41.74 -17.97
CA LEU B 122 -13.00 -41.89 -18.92
C LEU B 122 -14.03 -42.88 -18.36
N GLN B 123 -15.29 -42.45 -18.33
CA GLN B 123 -16.40 -43.31 -17.95
C GLN B 123 -17.39 -43.32 -19.11
N SER B 124 -18.17 -44.39 -19.22
CA SER B 124 -18.96 -44.59 -20.42
C SER B 124 -20.46 -44.78 -20.18
N GLU B 125 -21.24 -44.31 -21.14
CA GLU B 125 -22.70 -44.40 -21.05
C GLU B 125 -23.31 -45.28 -22.13
N GLU B 126 -23.16 -44.87 -23.39
CA GLU B 126 -23.63 -45.64 -24.54
C GLU B 126 -22.60 -46.70 -24.92
N ASP B 127 -21.96 -47.26 -23.90
CA ASP B 127 -20.89 -48.25 -24.03
C ASP B 127 -20.59 -48.73 -22.60
N SER B 128 -20.23 -49.99 -22.45
CA SER B 128 -19.95 -50.52 -21.12
C SER B 128 -18.55 -51.11 -21.03
N ARG B 129 -17.69 -50.72 -21.97
CA ARG B 129 -16.29 -51.12 -21.95
C ARG B 129 -15.54 -50.30 -20.91
N TYR B 130 -16.17 -49.20 -20.50
CA TYR B 130 -15.75 -48.41 -19.35
C TYR B 130 -16.86 -48.44 -18.31
N MET B 131 -18.10 -48.50 -18.82
CA MET B 131 -19.34 -48.42 -18.04
C MET B 131 -19.20 -47.56 -16.78
N LYS B 132 -18.99 -48.21 -15.64
CA LYS B 132 -18.74 -47.53 -14.39
C LYS B 132 -17.72 -48.32 -13.57
N PRO B 133 -16.81 -47.62 -12.88
CA PRO B 133 -16.73 -46.16 -12.83
C PRO B 133 -15.81 -45.59 -13.92
N GLY B 134 -15.03 -46.45 -14.57
CA GLY B 134 -14.14 -46.03 -15.63
C GLY B 134 -12.67 -46.12 -15.25
N LYS B 135 -11.82 -46.43 -16.22
CA LYS B 135 -10.39 -46.58 -15.94
C LYS B 135 -9.63 -45.29 -16.19
N GLU B 136 -8.36 -45.27 -15.82
CA GLU B 136 -7.58 -44.03 -15.79
C GLU B 136 -6.78 -43.78 -17.07
N LEU B 137 -6.61 -42.51 -17.41
CA LEU B 137 -5.95 -42.10 -18.65
C LEU B 137 -4.58 -41.48 -18.39
N LYS B 138 -3.56 -42.06 -19.02
CA LYS B 138 -2.23 -41.45 -19.04
C LYS B 138 -2.35 -40.13 -19.79
N VAL B 139 -1.66 -39.12 -19.28
CA VAL B 139 -1.83 -37.78 -19.82
C VAL B 139 -0.50 -37.16 -20.20
N LEU B 140 -0.43 -36.69 -21.43
CA LEU B 140 0.74 -35.99 -21.95
C LEU B 140 0.44 -34.54 -22.28
N SER B 141 1.34 -33.66 -21.85
CA SER B 141 1.22 -32.25 -22.16
C SER B 141 1.96 -31.93 -23.46
N TYR B 142 1.63 -30.78 -24.03
CA TYR B 142 2.38 -30.25 -25.16
C TYR B 142 2.36 -28.73 -25.05
N PRO B 143 3.43 -28.17 -24.44
CA PRO B 143 3.63 -26.74 -24.18
C PRO B 143 3.31 -25.84 -25.36
N ALA B 144 4.29 -25.59 -26.23
CA ALA B 144 4.17 -24.56 -27.27
C ALA B 144 2.88 -24.64 -28.10
N HIS B 145 2.23 -25.81 -28.12
CA HIS B 145 0.95 -25.95 -28.80
C HIS B 145 -0.24 -25.84 -27.84
N GLU B 146 0.05 -25.67 -26.55
CA GLU B 146 -0.97 -25.51 -25.50
C GLU B 146 -2.05 -26.58 -25.57
N GLN B 147 -1.63 -27.83 -25.59
CA GLN B 147 -2.59 -28.95 -25.71
C GLN B 147 -2.22 -30.14 -24.83
N ILE B 148 -3.21 -30.95 -24.54
CA ILE B 148 -2.95 -32.21 -23.85
C ILE B 148 -3.52 -33.41 -24.60
N ALA B 149 -2.93 -34.57 -24.37
CA ALA B 149 -3.45 -35.82 -24.91
C ALA B 149 -3.93 -36.72 -23.78
N LEU B 150 -5.12 -37.27 -23.94
CA LEU B 150 -5.67 -38.21 -22.99
C LEU B 150 -5.63 -39.63 -23.56
N LEU B 151 -4.53 -40.34 -23.31
CA LEU B 151 -4.31 -41.67 -23.87
C LEU B 151 -5.36 -42.68 -23.45
N VAL B 152 -6.34 -42.90 -24.32
CA VAL B 152 -7.38 -43.91 -24.12
C VAL B 152 -6.80 -45.34 -24.10
N PRO B 153 -7.31 -46.20 -23.19
CA PRO B 153 -6.83 -47.59 -23.08
C PRO B 153 -7.38 -48.51 -24.18
N GLU B 154 -8.65 -48.37 -24.53
CA GLU B 154 -9.27 -49.23 -25.55
C GLU B 154 -10.10 -48.43 -26.56
N LYS B 155 -9.44 -47.93 -27.60
CA LYS B 155 -9.99 -47.08 -28.67
C LYS B 155 -11.51 -47.05 -28.80
N LEU B 156 -12.07 -45.84 -28.79
CA LEU B 156 -13.51 -45.67 -28.59
C LEU B 156 -14.38 -46.02 -29.81
N THR B 157 -15.69 -45.92 -29.61
CA THR B 157 -16.70 -46.39 -30.57
C THR B 157 -17.63 -45.26 -31.02
N PRO B 158 -17.63 -44.97 -32.33
CA PRO B 158 -18.22 -43.73 -32.87
C PRO B 158 -19.72 -43.56 -32.61
N HIS B 159 -20.22 -42.37 -32.93
CA HIS B 159 -21.65 -42.06 -32.91
C HIS B 159 -22.33 -42.25 -31.54
N LEU B 160 -21.55 -42.30 -30.47
CA LEU B 160 -22.10 -42.47 -29.12
C LEU B 160 -21.58 -41.45 -28.10
N LYS B 161 -22.30 -41.31 -26.99
CA LYS B 161 -22.05 -40.25 -26.00
C LYS B 161 -21.26 -40.72 -24.77
N TYR B 162 -20.09 -40.11 -24.56
CA TYR B 162 -19.17 -40.46 -23.46
C TYR B 162 -19.01 -39.36 -22.39
N TYR B 163 -18.13 -39.64 -21.42
CA TYR B 163 -17.79 -38.71 -20.35
C TYR B 163 -16.27 -38.76 -20.08
N VAL B 164 -15.62 -37.61 -20.13
CA VAL B 164 -14.22 -37.44 -19.68
C VAL B 164 -14.23 -36.57 -18.43
N ALA B 165 -13.32 -36.84 -17.50
CA ALA B 165 -13.29 -36.13 -16.23
C ALA B 165 -11.90 -36.12 -15.63
N MET B 166 -11.53 -35.00 -15.02
CA MET B 166 -10.21 -34.81 -14.43
C MET B 166 -10.23 -33.73 -13.36
N ASP B 167 -9.25 -33.77 -12.47
CA ASP B 167 -9.14 -32.74 -11.45
C ASP B 167 -7.98 -31.82 -11.81
N PHE B 168 -8.23 -30.51 -11.82
CA PHE B 168 -7.18 -29.55 -12.16
C PHE B 168 -7.04 -28.48 -11.09
N GLN B 169 -5.88 -27.80 -11.07
CA GLN B 169 -5.66 -26.70 -10.13
C GLN B 169 -4.57 -25.71 -10.61
N ALA B 170 -4.60 -24.50 -10.04
CA ALA B 170 -3.66 -23.44 -10.39
C ALA B 170 -3.70 -22.28 -9.41
N LYS B 171 -2.70 -21.40 -9.49
CA LYS B 171 -2.78 -20.13 -8.79
C LYS B 171 -3.69 -19.21 -9.56
N LEU B 172 -4.25 -18.20 -8.89
CA LEU B 172 -5.01 -17.21 -9.59
C LEU B 172 -4.05 -16.45 -10.44
N GLY B 173 -4.55 -15.82 -11.49
CA GLY B 173 -3.70 -15.12 -12.42
C GLY B 173 -3.06 -13.88 -11.84
N ASP B 174 -1.84 -13.62 -12.30
CA ASP B 174 -1.07 -12.44 -11.94
C ASP B 174 -1.46 -11.26 -12.83
N GLY B 175 -1.90 -11.58 -14.05
CA GLY B 175 -2.13 -10.55 -15.04
C GLY B 175 -3.57 -10.12 -15.33
N PHE B 176 -3.98 -10.28 -16.58
CA PHE B 176 -5.35 -9.98 -16.95
C PHE B 176 -5.95 -11.13 -17.75
N GLU B 177 -5.47 -12.36 -17.54
CA GLU B 177 -5.93 -13.46 -18.37
C GLU B 177 -6.39 -14.64 -17.55
N GLY B 178 -7.38 -15.35 -18.05
CA GLY B 178 -7.82 -16.56 -17.39
C GLY B 178 -8.64 -16.23 -16.17
N PHE B 179 -8.43 -17.02 -15.13
CA PHE B 179 -9.05 -16.79 -13.85
C PHE B 179 -8.01 -16.10 -12.96
N TYR B 180 -8.18 -14.79 -12.72
CA TYR B 180 -7.13 -13.94 -12.14
C TYR B 180 -7.62 -13.05 -10.97
N LYS B 181 -6.68 -12.39 -10.27
CA LYS B 181 -7.06 -11.55 -9.13
C LYS B 181 -7.05 -10.06 -9.45
N SER B 182 -8.00 -9.34 -8.87
CA SER B 182 -8.08 -7.89 -9.00
C SER B 182 -8.48 -7.29 -7.65
N THR B 183 -8.00 -6.10 -7.38
CA THR B 183 -8.29 -5.45 -6.10
C THR B 183 -8.94 -4.11 -6.33
N TYR B 184 -9.52 -3.56 -5.29
CA TYR B 184 -9.98 -2.19 -5.38
C TYR B 184 -9.75 -1.56 -4.03
N ARG B 185 -10.14 -0.30 -3.95
CA ARG B 185 -10.01 0.48 -2.73
C ARG B 185 -11.40 0.88 -2.27
N THR B 186 -11.70 0.74 -0.98
CA THR B 186 -13.01 1.14 -0.45
C THR B 186 -12.96 2.59 -0.02
N LEU B 187 -14.11 3.17 0.32
CA LEU B 187 -14.15 4.58 0.70
C LEU B 187 -13.31 4.86 1.93
N GLY B 188 -13.08 3.82 2.73
CA GLY B 188 -12.30 3.99 3.94
C GLY B 188 -10.81 3.76 3.82
N GLY B 189 -10.36 3.13 2.74
CA GLY B 189 -8.94 2.83 2.62
C GLY B 189 -8.62 1.35 2.66
N GLU B 190 -9.64 0.50 2.79
CA GLU B 190 -9.43 -0.93 2.75
C GLU B 190 -9.15 -1.41 1.33
N THR B 191 -8.38 -2.48 1.19
CA THR B 191 -8.08 -3.12 -0.10
C THR B 191 -8.77 -4.47 -0.13
N ARG B 192 -9.75 -4.66 -0.99
CA ARG B 192 -10.45 -5.95 -1.09
C ARG B 192 -10.11 -6.68 -2.38
N ILE B 193 -10.26 -7.98 -2.37
CA ILE B 193 -9.86 -8.81 -3.48
C ILE B 193 -11.07 -9.42 -4.17
N LEU B 194 -11.04 -9.53 -5.50
CA LEU B 194 -12.04 -10.32 -6.24
C LEU B 194 -11.34 -11.22 -7.21
N ALA B 195 -12.04 -12.27 -7.61
CA ALA B 195 -11.52 -13.15 -8.64
C ALA B 195 -12.50 -13.16 -9.82
N VAL B 196 -11.97 -13.07 -11.03
CA VAL B 196 -12.74 -12.79 -12.24
C VAL B 196 -12.10 -13.48 -13.45
N THR B 197 -12.92 -13.79 -14.46
CA THR B 197 -12.42 -14.44 -15.66
C THR B 197 -12.41 -13.51 -16.85
N ASP B 198 -11.45 -13.71 -17.73
CA ASP B 198 -11.47 -13.08 -19.04
C ASP B 198 -10.83 -14.04 -20.02
N PHE B 199 -11.60 -14.47 -21.01
CA PHE B 199 -11.26 -15.66 -21.77
C PHE B 199 -10.87 -15.44 -23.22
N GLU B 200 -11.37 -14.36 -23.82
CA GLU B 200 -11.14 -14.13 -25.25
C GLU B 200 -9.70 -13.71 -25.52
N PRO B 201 -9.05 -14.38 -26.48
CA PRO B 201 -9.61 -15.45 -27.30
C PRO B 201 -9.31 -16.87 -26.83
N THR B 202 -8.07 -17.13 -26.42
CA THR B 202 -7.64 -18.48 -26.09
C THR B 202 -7.17 -18.62 -24.65
N GLN B 203 -7.98 -18.16 -23.70
CA GLN B 203 -7.55 -18.14 -22.30
C GLN B 203 -8.40 -18.99 -21.35
N ALA B 204 -9.58 -19.41 -21.80
CA ALA B 204 -10.41 -20.32 -21.00
C ALA B 204 -9.65 -21.58 -20.63
N ARG B 205 -8.64 -21.93 -21.44
CA ARG B 205 -7.86 -23.15 -21.25
C ARG B 205 -6.85 -23.00 -20.13
N MET B 206 -6.77 -21.79 -19.59
CA MET B 206 -5.94 -21.49 -18.42
C MET B 206 -6.78 -21.58 -17.15
N ALA B 207 -8.01 -22.07 -17.27
CA ALA B 207 -8.95 -22.06 -16.16
C ALA B 207 -9.76 -23.34 -16.08
N PHE B 208 -9.83 -24.04 -17.21
CA PHE B 208 -10.37 -25.41 -17.27
C PHE B 208 -10.04 -25.99 -18.63
N PRO B 209 -9.53 -27.23 -18.65
CA PRO B 209 -9.23 -27.82 -19.95
C PRO B 209 -10.52 -27.94 -20.75
N CYS B 210 -10.46 -27.49 -22.00
CA CYS B 210 -11.69 -27.45 -22.76
C CYS B 210 -11.42 -27.44 -24.24
N PHE B 211 -12.49 -27.67 -25.00
CA PHE B 211 -12.42 -27.57 -26.44
C PHE B 211 -12.50 -26.09 -26.75
N ASP B 212 -11.32 -25.48 -26.92
CA ASP B 212 -11.21 -24.02 -26.85
C ASP B 212 -11.01 -23.33 -28.19
N GLU B 213 -12.00 -23.51 -29.06
CA GLU B 213 -12.15 -22.80 -30.33
C GLU B 213 -13.65 -22.53 -30.45
N PRO B 214 -14.01 -21.36 -30.99
CA PRO B 214 -15.41 -20.89 -30.95
C PRO B 214 -16.42 -21.89 -31.50
N LEU B 215 -15.96 -22.82 -32.34
CA LEU B 215 -16.78 -23.90 -32.88
C LEU B 215 -17.47 -24.74 -31.78
N PHE B 216 -16.70 -25.57 -31.10
CA PHE B 216 -17.21 -26.47 -30.08
C PHE B 216 -18.12 -25.82 -29.04
N LYS B 217 -19.18 -25.17 -29.52
CA LYS B 217 -20.22 -24.62 -28.65
C LYS B 217 -20.88 -25.73 -27.85
N ALA B 218 -21.23 -25.44 -26.59
CA ALA B 218 -21.76 -26.48 -25.70
C ALA B 218 -22.57 -25.92 -24.53
N ASN B 219 -23.00 -26.81 -23.65
CA ASN B 219 -23.79 -26.46 -22.47
C ASN B 219 -22.94 -26.45 -21.20
N PHE B 220 -23.13 -25.46 -20.34
CA PHE B 220 -22.18 -25.30 -19.25
C PHE B 220 -22.85 -25.32 -17.89
N SER B 221 -22.58 -26.38 -17.15
CA SER B 221 -23.11 -26.55 -15.79
C SER B 221 -22.08 -26.12 -14.75
N ILE B 222 -22.34 -25.00 -14.09
CA ILE B 222 -21.33 -24.31 -13.29
C ILE B 222 -21.73 -24.18 -11.82
N LYS B 223 -20.89 -24.73 -10.93
CA LYS B 223 -21.03 -24.58 -9.48
C LYS B 223 -19.80 -23.89 -8.86
N ILE B 224 -20.03 -23.02 -7.86
CA ILE B 224 -18.94 -22.25 -7.26
C ILE B 224 -18.93 -22.35 -5.73
N ARG B 225 -17.80 -22.80 -5.16
CA ARG B 225 -17.63 -22.84 -3.71
C ARG B 225 -16.96 -21.56 -3.18
N ARG B 226 -17.45 -21.02 -2.06
CA ARG B 226 -17.09 -19.68 -1.62
C ARG B 226 -17.44 -19.45 -0.18
N GLU B 227 -17.00 -18.31 0.35
CA GLU B 227 -17.27 -17.95 1.72
C GLU B 227 -18.50 -17.09 1.76
N SER B 228 -18.93 -16.75 2.98
CA SER B 228 -20.13 -15.97 3.17
C SER B 228 -19.88 -14.51 2.83
N ARG B 229 -18.65 -14.04 3.02
CA ARG B 229 -18.33 -12.62 2.78
C ARG B 229 -18.43 -12.29 1.29
N HIS B 230 -18.59 -13.32 0.46
CA HIS B 230 -18.58 -13.17 -0.99
C HIS B 230 -19.88 -13.57 -1.66
N ILE B 231 -20.04 -13.17 -2.91
CA ILE B 231 -21.07 -13.66 -3.79
C ILE B 231 -20.37 -14.27 -4.98
N ALA B 232 -21.09 -15.05 -5.78
CA ALA B 232 -20.49 -15.64 -6.95
C ALA B 232 -21.43 -15.49 -8.15
N LEU B 233 -21.06 -14.59 -9.06
CA LEU B 233 -21.81 -14.36 -10.30
C LEU B 233 -21.29 -15.31 -11.36
N SER B 234 -22.16 -15.68 -12.29
CA SER B 234 -21.74 -16.43 -13.47
C SER B 234 -22.65 -16.04 -14.63
N ASN B 235 -22.53 -16.77 -15.73
CA ASN B 235 -23.34 -16.50 -16.94
C ASN B 235 -24.85 -16.44 -16.68
N MET B 236 -25.38 -17.56 -16.18
CA MET B 236 -26.82 -17.72 -15.95
C MET B 236 -27.20 -17.26 -14.55
N PRO B 237 -28.47 -17.41 -14.16
CA PRO B 237 -28.72 -17.03 -12.75
C PRO B 237 -28.46 -18.16 -11.76
N LYS B 238 -28.53 -17.79 -10.48
CA LYS B 238 -28.26 -18.71 -9.38
C LYS B 238 -29.55 -19.36 -8.88
N VAL B 239 -29.73 -20.63 -9.22
CA VAL B 239 -30.88 -21.36 -8.73
C VAL B 239 -30.75 -21.64 -7.22
N LYS B 240 -29.71 -22.36 -6.80
CA LYS B 240 -29.58 -22.69 -5.38
C LYS B 240 -28.18 -22.58 -4.77
N THR B 241 -28.14 -22.10 -3.53
CA THR B 241 -26.96 -22.15 -2.68
C THR B 241 -27.11 -23.17 -1.54
N ILE B 242 -26.23 -24.17 -1.50
CA ILE B 242 -26.30 -25.17 -0.45
C ILE B 242 -25.16 -25.05 0.58
N GLU B 243 -25.48 -24.69 1.82
CA GLU B 243 -24.46 -24.49 2.86
C GLU B 243 -23.72 -25.79 3.18
N LEU B 244 -22.40 -25.80 3.04
CA LEU B 244 -21.66 -27.03 3.29
C LEU B 244 -21.35 -27.12 4.76
N GLU B 245 -20.78 -28.24 5.17
CA GLU B 245 -20.54 -28.49 6.58
C GLU B 245 -19.68 -27.38 7.18
N GLY B 246 -18.41 -27.33 6.80
CA GLY B 246 -17.46 -26.40 7.42
C GLY B 246 -17.92 -24.96 7.65
N GLY B 247 -18.82 -24.47 6.80
CA GLY B 247 -19.23 -23.08 6.85
C GLY B 247 -19.23 -22.41 5.48
N LEU B 248 -18.77 -23.15 4.48
CA LEU B 248 -18.68 -22.63 3.13
C LEU B 248 -19.97 -22.84 2.32
N LEU B 249 -20.32 -21.86 1.50
CA LEU B 249 -21.50 -21.95 0.67
C LEU B 249 -21.10 -22.44 -0.71
N GLU B 250 -22.04 -23.07 -1.41
CA GLU B 250 -21.79 -23.53 -2.77
C GLU B 250 -22.96 -23.16 -3.69
N ASP B 251 -22.75 -22.16 -4.57
CA ASP B 251 -23.77 -21.66 -5.50
C ASP B 251 -23.89 -22.52 -6.76
N HIS B 252 -25.12 -22.78 -7.18
CA HIS B 252 -25.38 -23.57 -8.39
C HIS B 252 -26.02 -22.67 -9.44
N PHE B 253 -25.76 -22.94 -10.72
CA PHE B 253 -26.23 -22.07 -11.81
C PHE B 253 -26.94 -22.86 -12.89
N GLU B 254 -27.85 -22.22 -13.63
CA GLU B 254 -28.58 -22.90 -14.73
C GLU B 254 -27.63 -23.37 -15.79
N THR B 255 -27.90 -24.54 -16.35
CA THR B 255 -27.10 -24.94 -17.50
C THR B 255 -27.32 -23.89 -18.58
N THR B 256 -26.23 -23.47 -19.23
CA THR B 256 -26.31 -22.41 -20.22
C THR B 256 -27.03 -22.87 -21.50
N VAL B 257 -27.11 -21.96 -22.46
CA VAL B 257 -27.46 -22.32 -23.82
C VAL B 257 -26.17 -22.84 -24.44
N LYS B 258 -26.18 -23.16 -25.73
CA LYS B 258 -24.93 -23.57 -26.35
C LYS B 258 -24.15 -22.31 -26.71
N MET B 259 -22.91 -22.25 -26.25
CA MET B 259 -22.04 -21.09 -26.43
C MET B 259 -20.62 -21.58 -26.59
N SER B 260 -19.77 -20.74 -27.15
CA SER B 260 -18.36 -21.06 -27.28
C SER B 260 -17.65 -20.80 -25.95
N THR B 261 -16.48 -21.40 -25.75
CA THR B 261 -15.81 -21.35 -24.46
C THR B 261 -15.44 -19.92 -24.03
N TYR B 262 -14.88 -19.12 -24.94
CA TYR B 262 -14.42 -17.78 -24.58
C TYR B 262 -15.51 -16.90 -23.96
N LEU B 263 -16.72 -17.42 -23.79
CA LEU B 263 -17.79 -16.62 -23.19
C LEU B 263 -18.22 -17.10 -21.82
N VAL B 264 -17.66 -18.22 -21.40
CA VAL B 264 -17.85 -18.71 -20.03
C VAL B 264 -17.27 -17.73 -19.02
N ALA B 265 -18.06 -17.32 -18.05
CA ALA B 265 -17.54 -16.42 -17.03
C ALA B 265 -18.02 -16.76 -15.61
N TYR B 266 -17.12 -16.62 -14.65
CA TYR B 266 -17.50 -16.67 -13.25
C TYR B 266 -16.69 -15.66 -12.45
N ILE B 267 -17.32 -15.08 -11.44
CA ILE B 267 -16.70 -14.07 -10.61
C ILE B 267 -17.02 -14.29 -9.12
N VAL B 268 -16.01 -14.26 -8.24
CA VAL B 268 -16.28 -14.16 -6.81
C VAL B 268 -15.87 -12.78 -6.28
N CYS B 269 -16.79 -12.12 -5.59
CA CYS B 269 -16.53 -10.78 -5.09
C CYS B 269 -17.51 -10.36 -3.98
N ASP B 270 -17.38 -9.13 -3.52
CA ASP B 270 -18.22 -8.63 -2.45
C ASP B 270 -18.99 -7.41 -2.91
N PHE B 271 -19.53 -7.46 -4.12
CA PHE B 271 -20.07 -6.26 -4.74
C PHE B 271 -21.54 -6.05 -4.37
N HIS B 272 -21.93 -4.79 -4.17
CA HIS B 272 -23.34 -4.45 -4.01
C HIS B 272 -23.95 -4.26 -5.40
N SER B 273 -25.25 -4.55 -5.54
CA SER B 273 -25.91 -4.37 -6.83
C SER B 273 -27.07 -3.37 -6.77
N LEU B 274 -27.47 -2.92 -7.96
CA LEU B 274 -28.61 -2.05 -8.14
C LEU B 274 -29.46 -2.68 -9.22
N SER B 275 -30.61 -3.19 -8.80
CA SER B 275 -31.42 -4.07 -9.63
C SER B 275 -32.42 -3.29 -10.48
N GLY B 276 -32.75 -3.84 -11.64
CA GLY B 276 -33.73 -3.23 -12.52
C GLY B 276 -34.45 -4.20 -13.43
N PHE B 277 -35.72 -3.89 -13.71
CA PHE B 277 -36.56 -4.74 -14.54
C PHE B 277 -36.94 -4.04 -15.84
N THR B 278 -37.09 -4.81 -16.91
CA THR B 278 -37.45 -4.24 -18.21
C THR B 278 -38.84 -4.69 -18.66
N SER B 279 -39.11 -4.60 -19.95
CA SER B 279 -40.39 -5.02 -20.52
C SER B 279 -40.44 -6.53 -20.74
N SER B 280 -39.40 -7.08 -21.36
CA SER B 280 -39.30 -8.52 -21.55
C SER B 280 -38.91 -9.19 -20.24
N GLY B 281 -38.41 -10.42 -20.31
CA GLY B 281 -38.04 -11.17 -19.11
C GLY B 281 -36.96 -10.54 -18.23
N VAL B 282 -35.94 -9.99 -18.88
CA VAL B 282 -34.65 -9.61 -18.30
C VAL B 282 -34.57 -8.83 -16.97
N LYS B 283 -33.90 -9.42 -15.99
CA LYS B 283 -33.43 -8.65 -14.85
C LYS B 283 -32.04 -8.09 -15.17
N VAL B 284 -31.96 -6.76 -15.20
CA VAL B 284 -30.72 -6.06 -15.47
C VAL B 284 -30.14 -5.53 -14.17
N SER B 285 -28.90 -5.92 -13.89
CA SER B 285 -28.26 -5.50 -12.66
C SER B 285 -26.85 -4.96 -12.94
N ILE B 286 -26.61 -3.74 -12.45
CA ILE B 286 -25.31 -3.09 -12.56
C ILE B 286 -24.51 -3.32 -11.27
N TYR B 287 -23.42 -4.08 -11.38
CA TYR B 287 -22.61 -4.47 -10.24
C TYR B 287 -21.34 -3.66 -10.12
N ALA B 288 -21.15 -2.98 -9.00
CA ALA B 288 -19.86 -2.36 -8.72
C ALA B 288 -19.40 -2.56 -7.27
N SER B 289 -18.20 -2.09 -6.96
CA SER B 289 -17.68 -2.13 -5.61
C SER B 289 -18.68 -1.43 -4.69
N PRO B 290 -18.73 -1.83 -3.41
CA PRO B 290 -19.84 -1.41 -2.54
C PRO B 290 -19.96 0.08 -2.40
N ASP B 291 -18.82 0.77 -2.30
CA ASP B 291 -18.84 2.22 -2.09
C ASP B 291 -19.15 3.00 -3.37
N LYS B 292 -19.53 2.30 -4.44
CA LYS B 292 -19.68 2.96 -5.73
C LYS B 292 -21.09 2.85 -6.30
N ARG B 293 -21.95 2.12 -5.59
CA ARG B 293 -23.33 1.88 -6.03
C ARG B 293 -24.02 3.17 -6.51
N ASN B 294 -23.69 4.30 -5.89
CA ASN B 294 -24.25 5.60 -6.24
C ASN B 294 -24.04 5.94 -7.72
N GLN B 295 -22.86 5.65 -8.26
CA GLN B 295 -22.60 5.99 -9.67
C GLN B 295 -22.85 4.84 -10.64
N THR B 296 -23.82 4.00 -10.34
CA THR B 296 -24.20 2.92 -11.25
C THR B 296 -25.52 3.19 -11.99
N HIS B 297 -26.13 4.33 -11.70
CA HIS B 297 -27.51 4.63 -12.18
C HIS B 297 -27.62 4.79 -13.69
N TYR B 298 -26.83 5.68 -14.27
CA TYR B 298 -26.92 5.93 -15.70
C TYR B 298 -26.78 4.60 -16.42
N ALA B 299 -25.85 3.78 -15.97
CA ALA B 299 -25.62 2.49 -16.59
C ALA B 299 -26.90 1.67 -16.57
N LEU B 300 -27.71 1.83 -15.52
CA LEU B 300 -28.98 1.11 -15.40
C LEU B 300 -30.01 1.64 -16.39
N GLN B 301 -30.29 2.94 -16.30
CA GLN B 301 -31.23 3.61 -17.21
C GLN B 301 -30.94 3.26 -18.68
N ALA B 302 -29.68 3.41 -19.08
CA ALA B 302 -29.31 3.21 -20.47
C ALA B 302 -29.26 1.75 -20.82
N SER B 303 -29.05 0.88 -19.83
CA SER B 303 -29.01 -0.55 -20.12
C SER B 303 -30.43 -1.07 -20.24
N LEU B 304 -31.35 -0.44 -19.53
CA LEU B 304 -32.74 -0.82 -19.63
C LEU B 304 -33.24 -0.37 -21.00
N LYS B 305 -33.14 0.93 -21.28
CA LYS B 305 -33.56 1.50 -22.57
C LYS B 305 -32.90 0.83 -23.79
N LEU B 306 -31.58 0.60 -23.71
CA LEU B 306 -30.82 0.08 -24.84
C LEU B 306 -31.12 -1.37 -25.12
N LEU B 307 -31.43 -2.13 -24.08
CA LEU B 307 -31.72 -3.54 -24.32
C LEU B 307 -33.03 -3.62 -25.05
N ASP B 308 -33.94 -2.72 -24.70
CA ASP B 308 -35.22 -2.62 -25.39
C ASP B 308 -34.96 -2.50 -26.88
N PHE B 309 -34.39 -1.38 -27.33
CA PHE B 309 -34.07 -1.18 -28.76
C PHE B 309 -33.53 -2.44 -29.44
N TYR B 310 -32.74 -3.24 -28.72
CA TYR B 310 -32.18 -4.42 -29.36
C TYR B 310 -33.20 -5.55 -29.42
N GLU B 311 -34.24 -5.48 -28.59
CA GLU B 311 -35.30 -6.49 -28.66
C GLU B 311 -36.17 -6.24 -29.88
N LYS B 312 -36.64 -5.00 -30.01
CA LYS B 312 -37.44 -4.61 -31.16
C LYS B 312 -36.62 -4.72 -32.45
N TYR B 313 -35.69 -3.79 -32.65
CA TYR B 313 -34.88 -3.70 -33.88
C TYR B 313 -34.35 -5.05 -34.38
N PHE B 314 -34.26 -6.02 -33.49
CA PHE B 314 -33.76 -7.34 -33.85
C PHE B 314 -34.88 -8.39 -34.03
N ASP B 315 -36.10 -8.04 -33.62
CA ASP B 315 -37.26 -8.96 -33.58
C ASP B 315 -37.13 -10.00 -32.45
N ILE B 316 -35.91 -10.15 -31.94
CA ILE B 316 -35.56 -11.24 -31.03
C ILE B 316 -35.48 -10.83 -29.55
N TYR B 317 -36.16 -11.61 -28.71
CA TYR B 317 -36.10 -11.41 -27.27
C TYR B 317 -34.76 -11.94 -26.74
N TYR B 318 -34.27 -11.32 -25.67
CA TYR B 318 -33.02 -11.75 -25.03
C TYR B 318 -33.30 -12.97 -24.13
N PRO B 319 -32.61 -14.11 -24.40
CA PRO B 319 -32.93 -15.45 -23.86
C PRO B 319 -32.98 -15.55 -22.33
N LEU B 320 -31.90 -15.19 -21.64
CA LEU B 320 -31.80 -15.48 -20.22
C LEU B 320 -32.62 -14.55 -19.31
N SER B 321 -32.96 -15.09 -18.15
CA SER B 321 -33.69 -14.36 -17.13
C SER B 321 -32.96 -13.07 -16.69
N LYS B 322 -31.63 -13.08 -16.68
CA LYS B 322 -30.88 -11.91 -16.22
C LYS B 322 -29.83 -11.43 -17.22
N LEU B 323 -29.60 -10.13 -17.19
CA LEU B 323 -28.40 -9.56 -17.78
C LEU B 323 -27.66 -8.83 -16.69
N ASP B 324 -26.42 -9.24 -16.44
CA ASP B 324 -25.60 -8.53 -15.46
C ASP B 324 -24.44 -7.81 -16.13
N LEU B 325 -24.22 -6.57 -15.71
CA LEU B 325 -23.08 -5.79 -16.15
C LEU B 325 -22.26 -5.49 -14.93
N ILE B 326 -20.94 -5.74 -14.94
CA ILE B 326 -20.18 -5.46 -13.72
C ILE B 326 -18.90 -4.64 -13.96
N ALA B 327 -18.71 -3.61 -13.14
CA ALA B 327 -17.53 -2.76 -13.22
C ALA B 327 -16.34 -3.36 -12.49
N ILE B 328 -15.44 -3.96 -13.26
CA ILE B 328 -14.25 -4.60 -12.75
C ILE B 328 -13.11 -3.58 -12.58
N PRO B 329 -12.44 -3.61 -11.42
CA PRO B 329 -11.40 -2.63 -11.06
C PRO B 329 -10.10 -2.72 -11.87
N ASP B 330 -9.57 -3.93 -12.06
CA ASP B 330 -8.44 -4.16 -12.97
C ASP B 330 -8.89 -4.93 -14.20
N PHE B 331 -9.22 -4.20 -15.26
CA PHE B 331 -9.71 -4.86 -16.44
C PHE B 331 -8.95 -4.34 -17.67
N ALA B 332 -8.33 -5.25 -18.41
CA ALA B 332 -7.44 -4.89 -19.51
C ALA B 332 -8.21 -4.37 -20.71
N PRO B 333 -9.22 -5.14 -21.18
CA PRO B 333 -9.95 -4.51 -22.28
C PRO B 333 -11.00 -3.56 -21.76
N GLY B 334 -11.59 -2.75 -22.61
CA GLY B 334 -12.55 -1.75 -22.16
C GLY B 334 -13.85 -2.40 -21.71
N ALA B 335 -14.11 -3.60 -22.24
CA ALA B 335 -15.18 -4.50 -21.83
C ALA B 335 -15.05 -5.85 -22.51
N MET B 336 -15.80 -6.83 -22.05
CA MET B 336 -15.77 -8.16 -22.63
C MET B 336 -17.18 -8.70 -22.51
N GLU B 337 -17.66 -9.33 -23.58
CA GLU B 337 -19.10 -9.51 -23.80
C GLU B 337 -19.72 -10.84 -23.27
N ASN B 338 -19.28 -11.31 -22.11
CA ASN B 338 -19.67 -12.63 -21.65
C ASN B 338 -21.18 -12.70 -21.45
N TRP B 339 -21.78 -13.75 -22.00
CA TRP B 339 -23.24 -14.03 -21.94
C TRP B 339 -23.89 -13.77 -20.57
N GLY B 340 -24.63 -12.69 -20.45
CA GLY B 340 -25.34 -12.42 -19.21
C GLY B 340 -24.49 -11.85 -18.09
N LEU B 341 -23.18 -12.01 -18.22
CA LEU B 341 -22.19 -11.44 -17.28
C LEU B 341 -21.14 -10.62 -18.02
N ILE B 342 -21.45 -9.35 -18.27
CA ILE B 342 -20.56 -8.47 -19.03
C ILE B 342 -19.65 -7.64 -18.14
N THR B 343 -18.36 -7.83 -18.37
CA THR B 343 -17.34 -7.20 -17.56
C THR B 343 -16.87 -5.92 -18.19
N TYR B 344 -16.91 -4.83 -17.43
CA TYR B 344 -16.43 -3.53 -17.87
C TYR B 344 -15.29 -2.93 -17.06
N ARG B 345 -14.47 -2.15 -17.74
CA ARG B 345 -13.55 -1.25 -17.11
C ARG B 345 -14.43 -0.24 -16.40
N GLU B 346 -13.99 0.33 -15.28
CA GLU B 346 -14.84 1.18 -14.49
C GLU B 346 -15.19 2.46 -15.20
N THR B 347 -14.29 2.95 -16.04
CA THR B 347 -14.53 4.17 -16.80
C THR B 347 -15.47 3.92 -17.97
N SER B 348 -15.69 2.64 -18.27
CA SER B 348 -16.55 2.19 -19.34
C SER B 348 -17.99 1.96 -18.88
N LEU B 349 -18.31 2.24 -17.63
CA LEU B 349 -19.66 1.89 -17.17
C LEU B 349 -20.18 2.76 -16.03
N LEU B 350 -19.29 3.34 -15.25
CA LEU B 350 -19.69 4.10 -14.06
C LEU B 350 -19.74 5.59 -14.38
N PHE B 351 -20.78 6.25 -13.89
CA PHE B 351 -20.99 7.65 -14.19
C PHE B 351 -21.32 8.45 -12.94
N ASP B 352 -20.53 9.49 -12.69
CA ASP B 352 -20.70 10.38 -11.55
C ASP B 352 -20.73 11.84 -11.97
N PRO B 353 -21.94 12.43 -12.01
CA PRO B 353 -22.26 13.79 -12.49
C PRO B 353 -21.33 14.87 -11.95
N LYS B 354 -20.70 14.61 -10.81
CA LYS B 354 -19.86 15.60 -10.17
C LYS B 354 -18.45 15.62 -10.78
N THR B 355 -18.11 14.58 -11.55
CA THR B 355 -16.78 14.44 -12.12
C THR B 355 -16.80 13.80 -13.50
N SER B 356 -17.98 13.43 -13.96
CA SER B 356 -18.10 12.83 -15.29
C SER B 356 -18.59 13.87 -16.31
N SER B 357 -17.86 13.99 -17.41
CA SER B 357 -18.18 15.01 -18.40
C SER B 357 -19.16 14.49 -19.45
N ALA B 358 -19.53 15.38 -20.37
CA ALA B 358 -20.44 15.05 -21.45
C ALA B 358 -19.87 13.94 -22.32
N SER B 359 -18.60 14.12 -22.70
CA SER B 359 -17.86 13.19 -23.53
C SER B 359 -17.77 11.79 -22.92
N ASP B 360 -17.80 11.72 -21.59
CA ASP B 360 -17.77 10.43 -20.90
C ASP B 360 -19.09 9.73 -21.10
N LYS B 361 -20.17 10.47 -20.91
CA LYS B 361 -21.51 9.92 -21.08
C LYS B 361 -21.69 9.25 -22.43
N LEU B 362 -21.10 9.83 -23.47
CA LEU B 362 -21.21 9.28 -24.81
C LEU B 362 -20.38 8.01 -24.92
N TRP B 363 -19.29 7.97 -24.15
CA TRP B 363 -18.44 6.80 -24.13
C TRP B 363 -19.14 5.65 -23.42
N VAL B 364 -19.70 5.91 -22.24
CA VAL B 364 -20.37 4.86 -21.48
C VAL B 364 -21.50 4.26 -22.27
N THR B 365 -22.31 5.15 -22.85
CA THR B 365 -23.39 4.72 -23.70
C THR B 365 -22.85 3.85 -24.84
N ARG B 366 -21.80 4.33 -25.50
CA ARG B 366 -21.22 3.61 -26.64
C ARG B 366 -20.87 2.13 -26.33
N VAL B 367 -20.04 1.90 -25.32
CA VAL B 367 -19.60 0.53 -25.02
C VAL B 367 -20.71 -0.34 -24.42
N ILE B 368 -21.61 0.26 -23.64
CA ILE B 368 -22.79 -0.51 -23.23
C ILE B 368 -23.49 -1.06 -24.47
N ALA B 369 -23.84 -0.14 -25.37
CA ALA B 369 -24.43 -0.48 -26.66
C ALA B 369 -23.63 -1.56 -27.33
N HIS B 370 -22.32 -1.32 -27.46
CA HIS B 370 -21.42 -2.27 -28.11
C HIS B 370 -21.44 -3.64 -27.48
N GLU B 371 -21.55 -3.70 -26.16
CA GLU B 371 -21.47 -4.98 -25.46
C GLU B 371 -22.80 -5.74 -25.51
N LEU B 372 -23.93 -5.04 -25.37
CA LEU B 372 -25.22 -5.71 -25.59
C LEU B 372 -25.33 -6.18 -27.06
N ALA B 373 -24.95 -5.31 -28.00
CA ALA B 373 -24.98 -5.64 -29.42
C ALA B 373 -24.23 -6.94 -29.69
N HIS B 374 -23.22 -7.18 -28.87
CA HIS B 374 -22.46 -8.40 -28.94
C HIS B 374 -23.31 -9.63 -28.56
N GLN B 375 -24.33 -9.41 -27.72
CA GLN B 375 -25.13 -10.51 -27.19
C GLN B 375 -25.79 -11.23 -28.35
N TRP B 376 -26.26 -10.46 -29.33
CA TRP B 376 -26.76 -11.04 -30.57
C TRP B 376 -25.62 -11.31 -31.54
N PHE B 377 -24.74 -10.32 -31.69
CA PHE B 377 -23.67 -10.40 -32.67
C PHE B 377 -22.34 -10.88 -32.09
N GLY B 378 -22.24 -12.20 -31.97
CA GLY B 378 -21.05 -12.80 -31.41
C GLY B 378 -21.46 -13.95 -30.54
N ASN B 379 -22.36 -13.68 -29.58
CA ASN B 379 -22.80 -14.71 -28.66
C ASN B 379 -23.66 -15.79 -29.36
N LEU B 380 -24.78 -15.36 -29.96
CA LEU B 380 -25.61 -16.21 -30.83
C LEU B 380 -24.86 -16.70 -32.05
N VAL B 381 -24.35 -15.77 -32.84
CA VAL B 381 -23.69 -16.15 -34.07
C VAL B 381 -22.18 -16.15 -33.85
N THR B 382 -21.71 -17.20 -33.20
CA THR B 382 -20.29 -17.37 -33.00
C THR B 382 -19.61 -17.58 -34.37
N MET B 383 -18.60 -16.76 -34.66
CA MET B 383 -17.82 -16.89 -35.88
C MET B 383 -17.24 -18.29 -35.99
N GLU B 384 -17.05 -18.75 -37.22
CA GLU B 384 -16.43 -20.05 -37.45
C GLU B 384 -15.08 -20.14 -36.74
N TRP B 385 -14.27 -19.10 -36.92
CA TRP B 385 -12.90 -19.11 -36.44
C TRP B 385 -12.33 -17.68 -36.44
N TRP B 386 -11.23 -17.49 -35.74
CA TRP B 386 -10.65 -16.17 -35.56
C TRP B 386 -10.07 -15.63 -36.85
N ASN B 387 -10.68 -15.97 -37.99
CA ASN B 387 -10.33 -15.31 -39.23
C ASN B 387 -11.48 -14.40 -39.68
N ASP B 388 -12.69 -14.74 -39.25
CA ASP B 388 -13.82 -13.89 -39.55
C ASP B 388 -14.33 -13.25 -38.26
N ILE B 389 -13.40 -12.59 -37.58
CA ILE B 389 -13.65 -11.92 -36.30
C ILE B 389 -14.47 -10.68 -36.49
N TRP B 390 -14.33 -10.10 -37.67
CA TRP B 390 -14.97 -8.84 -37.99
C TRP B 390 -16.48 -9.02 -37.93
N LEU B 391 -16.96 -10.24 -38.15
CA LEU B 391 -18.40 -10.54 -38.08
C LEU B 391 -18.97 -10.05 -36.77
N LYS B 392 -18.15 -10.24 -35.74
CA LYS B 392 -18.47 -9.89 -34.37
C LYS B 392 -18.14 -8.42 -34.11
N GLU B 393 -16.86 -8.08 -34.30
CA GLU B 393 -16.38 -6.81 -33.84
C GLU B 393 -16.72 -5.72 -34.82
N GLY B 394 -16.66 -6.03 -36.11
CA GLY B 394 -17.16 -5.12 -37.12
C GLY B 394 -18.62 -4.78 -36.90
N PHE B 395 -19.45 -5.80 -36.75
CA PHE B 395 -20.89 -5.56 -36.62
C PHE B 395 -21.30 -4.93 -35.29
N ALA B 396 -20.65 -5.32 -34.21
CA ALA B 396 -20.91 -4.70 -32.93
C ALA B 396 -20.53 -3.21 -33.00
N LYS B 397 -19.39 -2.93 -33.64
CA LYS B 397 -18.96 -1.55 -33.89
C LYS B 397 -20.01 -0.78 -34.70
N TYR B 398 -20.65 -1.48 -35.62
CA TYR B 398 -21.69 -0.92 -36.45
C TYR B 398 -22.90 -0.54 -35.62
N MET B 399 -23.37 -1.50 -34.83
CA MET B 399 -24.62 -1.35 -34.11
C MET B 399 -24.56 -0.27 -33.02
N GLU B 400 -23.36 0.16 -32.66
CA GLU B 400 -23.22 1.35 -31.82
C GLU B 400 -23.97 2.50 -32.46
N LEU B 401 -23.73 2.68 -33.76
CA LEU B 401 -24.26 3.81 -34.51
C LEU B 401 -25.78 3.88 -34.46
N ILE B 402 -26.41 2.77 -34.83
CA ILE B 402 -27.85 2.71 -34.93
C ILE B 402 -28.53 2.95 -33.57
N ALA B 403 -28.09 2.22 -32.56
CA ALA B 403 -28.78 2.15 -31.28
C ALA B 403 -28.75 3.46 -30.49
N VAL B 404 -27.60 4.12 -30.47
CA VAL B 404 -27.46 5.33 -29.68
C VAL B 404 -28.21 6.48 -30.34
N ASN B 405 -28.05 6.59 -31.66
CA ASN B 405 -28.72 7.63 -32.44
C ASN B 405 -30.23 7.37 -32.45
N ALA B 406 -30.62 6.15 -32.12
CA ALA B 406 -32.02 5.80 -31.90
C ALA B 406 -32.45 6.07 -30.44
N THR B 407 -31.68 5.56 -29.48
CA THR B 407 -32.10 5.62 -28.07
C THR B 407 -31.76 6.91 -27.32
N TYR B 408 -30.52 7.39 -27.50
CA TYR B 408 -30.07 8.64 -26.87
C TYR B 408 -29.62 9.63 -27.94
N PRO B 409 -30.54 10.04 -28.83
CA PRO B 409 -30.09 10.84 -29.96
C PRO B 409 -29.76 12.26 -29.52
N GLU B 410 -30.04 12.56 -28.25
CA GLU B 410 -29.68 13.85 -27.68
C GLU B 410 -28.17 13.94 -27.54
N LEU B 411 -27.49 12.81 -27.77
CA LEU B 411 -26.03 12.73 -27.73
C LEU B 411 -25.40 12.89 -29.12
N GLN B 412 -26.24 12.83 -30.16
CA GLN B 412 -25.80 13.05 -31.54
C GLN B 412 -24.56 12.25 -31.90
N PHE B 413 -24.71 10.94 -32.05
CA PHE B 413 -23.56 10.08 -32.28
C PHE B 413 -23.29 9.86 -33.77
N ASP B 414 -24.28 10.15 -34.61
CA ASP B 414 -24.12 10.04 -36.07
C ASP B 414 -23.05 11.02 -36.52
N ASP B 415 -22.99 12.15 -35.84
CA ASP B 415 -21.99 13.17 -36.14
C ASP B 415 -20.61 12.78 -35.62
N TYR B 416 -20.53 11.69 -34.86
CA TYR B 416 -19.25 11.26 -34.34
C TYR B 416 -18.75 9.94 -34.93
N PHE B 417 -19.63 9.15 -35.54
CA PHE B 417 -19.22 7.90 -36.17
C PHE B 417 -18.25 8.17 -37.33
N LEU B 418 -18.31 9.40 -37.84
CA LEU B 418 -17.49 9.82 -38.96
C LEU B 418 -16.01 9.57 -38.69
N ASN B 419 -15.56 10.06 -37.54
CA ASN B 419 -14.17 9.93 -37.14
C ASN B 419 -13.72 8.49 -37.21
N VAL B 420 -14.51 7.62 -36.58
CA VAL B 420 -14.24 6.19 -36.51
C VAL B 420 -13.79 5.62 -37.85
N CYS B 421 -14.48 6.02 -38.91
CA CYS B 421 -14.13 5.56 -40.24
C CYS B 421 -12.92 6.30 -40.78
N PHE B 422 -12.78 7.57 -40.41
CA PHE B 422 -11.64 8.35 -40.86
C PHE B 422 -10.36 7.89 -40.18
N GLU B 423 -10.43 7.53 -38.91
CA GLU B 423 -9.24 7.18 -38.15
C GLU B 423 -8.52 5.97 -38.73
N VAL B 424 -9.29 5.01 -39.27
CA VAL B 424 -8.69 3.85 -39.92
C VAL B 424 -7.90 4.24 -41.16
N ILE B 425 -8.44 5.20 -41.92
CA ILE B 425 -7.82 5.66 -43.15
C ILE B 425 -6.36 6.06 -42.91
N THR B 426 -6.07 6.57 -41.72
CA THR B 426 -4.69 6.85 -41.34
C THR B 426 -3.88 5.55 -41.35
N LYS B 427 -4.52 4.43 -41.02
CA LYS B 427 -3.86 3.13 -40.95
C LYS B 427 -4.11 2.25 -42.18
N ASP B 428 -5.32 2.29 -42.74
CA ASP B 428 -5.66 1.45 -43.89
C ASP B 428 -4.87 1.91 -45.11
N SER B 429 -4.81 3.23 -45.30
CA SER B 429 -3.99 3.80 -46.37
C SER B 429 -2.51 3.60 -46.11
N LEU B 430 -2.04 2.36 -46.32
CA LEU B 430 -0.66 2.00 -46.01
C LEU B 430 -0.38 0.56 -46.44
N ASN B 431 0.83 0.31 -46.93
CA ASN B 431 1.20 -1.02 -47.43
C ASN B 431 1.15 -2.08 -46.32
N SER B 432 1.41 -1.67 -45.08
CA SER B 432 1.42 -2.60 -43.96
C SER B 432 0.03 -2.79 -43.35
N SER B 433 -1.00 -2.59 -44.15
CA SER B 433 -2.37 -2.80 -43.71
C SER B 433 -2.77 -4.26 -43.87
N ARG B 434 -4.08 -4.53 -43.85
CA ARG B 434 -4.55 -5.90 -43.78
C ARG B 434 -6.03 -6.06 -44.20
N PRO B 435 -6.35 -7.22 -44.77
CA PRO B 435 -7.74 -7.63 -44.99
C PRO B 435 -8.49 -7.90 -43.69
N ILE B 436 -9.76 -7.54 -43.61
CA ILE B 436 -10.54 -7.92 -42.44
C ILE B 436 -11.02 -9.37 -42.54
N SER B 437 -10.22 -10.22 -43.18
CA SER B 437 -10.51 -11.66 -43.12
C SER B 437 -9.27 -12.50 -43.41
N LYS B 438 -8.13 -12.02 -42.91
CA LYS B 438 -6.90 -12.82 -42.88
C LYS B 438 -7.02 -13.94 -41.86
N PRO B 439 -6.51 -15.13 -42.21
CA PRO B 439 -6.41 -16.24 -41.25
C PRO B 439 -5.44 -15.96 -40.09
N ALA B 440 -5.64 -16.64 -38.96
CA ALA B 440 -4.82 -16.44 -37.78
C ALA B 440 -4.56 -17.77 -37.06
N GLU B 441 -3.34 -17.95 -36.55
CA GLU B 441 -2.93 -19.25 -36.01
C GLU B 441 -2.25 -19.20 -34.63
N THR B 442 -1.05 -18.63 -34.56
CA THR B 442 -0.37 -18.42 -33.28
C THR B 442 -1.30 -17.64 -32.37
N PRO B 443 -1.41 -18.05 -31.09
CA PRO B 443 -2.40 -17.42 -30.21
C PRO B 443 -2.23 -15.90 -30.11
N THR B 444 -1.06 -15.39 -30.47
CA THR B 444 -0.78 -13.95 -30.36
C THR B 444 -1.33 -13.21 -31.56
N GLN B 445 -1.14 -13.74 -32.77
CA GLN B 445 -1.61 -13.05 -33.96
C GLN B 445 -3.12 -13.08 -34.03
N ILE B 446 -3.73 -13.87 -33.16
CA ILE B 446 -5.16 -13.81 -32.95
C ILE B 446 -5.49 -12.56 -32.13
N GLN B 447 -4.71 -12.34 -31.08
CA GLN B 447 -4.78 -11.11 -30.30
C GLN B 447 -4.48 -9.90 -31.20
N GLU B 448 -3.67 -10.12 -32.24
CA GLU B 448 -3.27 -9.04 -33.14
C GLU B 448 -4.42 -8.53 -34.01
N MET B 449 -5.53 -9.27 -34.04
CA MET B 449 -6.61 -8.94 -34.96
C MET B 449 -7.74 -8.15 -34.31
N PHE B 450 -7.51 -7.66 -33.10
CA PHE B 450 -8.51 -6.81 -32.47
C PHE B 450 -8.09 -5.35 -32.64
N ASP B 451 -8.16 -4.86 -33.87
CA ASP B 451 -7.66 -3.53 -34.21
C ASP B 451 -8.69 -2.68 -34.93
N GLU B 452 -8.25 -1.52 -35.42
CA GLU B 452 -9.14 -0.56 -36.06
C GLU B 452 -9.66 -1.12 -37.37
N VAL B 453 -8.86 -2.00 -37.95
CA VAL B 453 -9.23 -2.69 -39.17
C VAL B 453 -10.49 -3.52 -38.91
N SER B 454 -10.36 -4.65 -38.23
CA SER B 454 -11.50 -5.54 -37.95
C SER B 454 -12.70 -4.81 -37.36
N TYR B 455 -12.41 -3.75 -36.60
CA TYR B 455 -13.43 -3.04 -35.85
C TYR B 455 -14.07 -1.90 -36.63
N ASN B 456 -13.25 -0.99 -37.16
CA ASN B 456 -13.78 0.21 -37.81
C ASN B 456 -13.99 0.04 -39.32
N LYS B 457 -12.99 -0.54 -39.98
CA LYS B 457 -13.13 -0.90 -41.38
C LYS B 457 -14.30 -1.87 -41.50
N GLY B 458 -14.41 -2.77 -40.54
CA GLY B 458 -15.54 -3.67 -40.51
C GLY B 458 -16.84 -2.93 -40.25
N ALA B 459 -16.77 -1.82 -39.53
CA ALA B 459 -17.97 -1.07 -39.16
C ALA B 459 -18.43 -0.18 -40.28
N CYS B 460 -17.50 0.17 -41.15
CA CYS B 460 -17.76 1.12 -42.23
C CYS B 460 -18.20 0.45 -43.52
N ILE B 461 -17.46 -0.56 -43.97
CA ILE B 461 -17.83 -1.26 -45.20
C ILE B 461 -19.13 -2.02 -45.00
N LEU B 462 -19.69 -1.94 -43.79
CA LEU B 462 -21.04 -2.36 -43.57
C LEU B 462 -21.98 -1.15 -43.70
N ASN B 463 -21.50 0.03 -43.30
CA ASN B 463 -22.38 1.20 -43.36
C ASN B 463 -22.63 1.63 -44.80
N MET B 464 -21.69 1.32 -45.69
CA MET B 464 -21.91 1.53 -47.10
C MET B 464 -23.10 0.70 -47.54
N LEU B 465 -23.13 -0.54 -47.07
CA LEU B 465 -24.20 -1.47 -47.39
C LEU B 465 -25.51 -1.07 -46.72
N LYS B 466 -25.48 -0.04 -45.88
CA LYS B 466 -26.68 0.55 -45.28
C LYS B 466 -27.23 1.68 -46.15
N ASP B 467 -26.33 2.27 -46.95
CA ASP B 467 -26.72 3.25 -47.95
C ASP B 467 -27.15 2.54 -49.22
N PHE B 468 -26.21 1.79 -49.80
CA PHE B 468 -26.35 1.01 -51.03
C PHE B 468 -27.57 0.08 -51.09
N LEU B 469 -28.08 -0.32 -49.93
CA LEU B 469 -29.20 -1.24 -49.85
C LEU B 469 -30.31 -0.78 -48.90
N GLY B 470 -30.20 0.45 -48.40
CA GLY B 470 -31.24 1.07 -47.59
C GLY B 470 -31.45 0.45 -46.22
N GLU B 471 -32.02 1.23 -45.31
CA GLU B 471 -32.26 0.79 -43.93
C GLU B 471 -33.09 -0.49 -43.85
N GLU B 472 -34.22 -0.51 -44.56
CA GLU B 472 -35.23 -1.56 -44.39
C GLU B 472 -34.86 -2.93 -44.98
N LYS B 473 -33.93 -2.97 -45.93
CA LYS B 473 -33.63 -4.23 -46.58
C LYS B 473 -32.90 -5.18 -45.66
N PHE B 474 -31.90 -4.70 -44.92
CA PHE B 474 -31.25 -5.63 -43.99
C PHE B 474 -31.61 -5.41 -42.52
N GLN B 475 -32.38 -4.38 -42.18
CA GLN B 475 -32.93 -4.32 -40.82
C GLN B 475 -33.71 -5.61 -40.59
N LYS B 476 -34.33 -6.11 -41.65
CA LYS B 476 -34.95 -7.41 -41.64
C LYS B 476 -33.99 -8.47 -42.18
N GLY B 477 -33.29 -8.14 -43.26
CA GLY B 477 -32.31 -9.05 -43.86
C GLY B 477 -31.29 -9.60 -42.88
N ILE B 478 -31.04 -8.86 -41.81
CA ILE B 478 -30.21 -9.31 -40.69
C ILE B 478 -30.93 -10.43 -39.94
N ILE B 479 -32.24 -10.24 -39.72
CA ILE B 479 -33.01 -11.15 -38.88
C ILE B 479 -33.14 -12.55 -39.49
N GLN B 480 -32.77 -12.70 -40.76
CA GLN B 480 -32.81 -14.01 -41.42
C GLN B 480 -31.40 -14.53 -41.70
N TYR B 481 -30.46 -14.01 -40.92
CA TYR B 481 -29.09 -14.49 -40.91
C TYR B 481 -28.76 -14.97 -39.51
N LEU B 482 -29.27 -14.21 -38.54
CA LEU B 482 -29.15 -14.56 -37.13
C LEU B 482 -29.81 -15.89 -36.86
N LYS B 483 -31.14 -15.87 -36.82
CA LYS B 483 -31.98 -17.05 -36.59
C LYS B 483 -31.56 -18.23 -37.46
N LYS B 484 -31.08 -17.94 -38.67
CA LYS B 484 -30.49 -18.95 -39.52
C LYS B 484 -29.32 -19.63 -38.80
N PHE B 485 -28.26 -18.85 -38.56
CA PHE B 485 -27.00 -19.38 -38.06
C PHE B 485 -26.81 -19.21 -36.55
N SER B 486 -27.90 -19.28 -35.80
CA SER B 486 -27.86 -19.18 -34.35
C SER B 486 -27.22 -20.42 -33.74
N TYR B 487 -26.73 -20.28 -32.51
CA TYR B 487 -26.29 -21.40 -31.67
C TYR B 487 -25.29 -22.32 -32.36
N ARG B 488 -24.59 -21.75 -33.35
CA ARG B 488 -23.53 -22.44 -34.05
C ARG B 488 -22.69 -21.43 -34.82
N ASN B 489 -21.95 -21.91 -35.81
CA ASN B 489 -20.96 -21.09 -36.50
C ASN B 489 -21.25 -20.78 -37.97
N ALA B 490 -21.61 -19.51 -38.22
CA ALA B 490 -21.66 -18.97 -39.56
C ALA B 490 -20.25 -18.64 -40.03
N LYS B 491 -20.03 -18.69 -41.33
CA LYS B 491 -18.71 -18.47 -41.89
C LYS B 491 -18.67 -17.10 -42.58
N ASN B 492 -17.59 -16.81 -43.30
CA ASN B 492 -17.43 -15.48 -43.87
C ASN B 492 -18.52 -15.12 -44.89
N ASP B 493 -18.76 -16.04 -45.82
CA ASP B 493 -19.72 -15.81 -46.89
C ASP B 493 -21.16 -15.70 -46.36
N ASP B 494 -21.49 -16.54 -45.37
CA ASP B 494 -22.84 -16.65 -44.81
C ASP B 494 -23.59 -15.32 -44.59
N LEU B 495 -22.86 -14.27 -44.26
CA LEU B 495 -23.48 -12.96 -44.04
C LEU B 495 -23.80 -12.28 -45.38
N TRP B 496 -23.09 -12.70 -46.41
CA TRP B 496 -23.36 -12.20 -47.75
C TRP B 496 -24.47 -13.01 -48.43
N SER B 497 -24.53 -14.31 -48.13
CA SER B 497 -25.54 -15.19 -48.69
C SER B 497 -26.88 -15.09 -47.94
N SER B 498 -26.97 -14.17 -46.98
CA SER B 498 -28.18 -14.03 -46.18
C SER B 498 -28.60 -12.58 -46.05
N LEU B 499 -28.00 -11.73 -46.86
CA LEU B 499 -28.38 -10.33 -46.91
C LEU B 499 -28.87 -10.01 -48.33
N SER B 500 -28.58 -10.92 -49.26
CA SER B 500 -29.17 -10.88 -50.60
C SER B 500 -30.65 -11.25 -50.52
N ASN B 501 -30.89 -12.47 -50.03
CA ASN B 501 -32.24 -12.97 -49.80
C ASN B 501 -33.09 -12.01 -48.96
N SER B 502 -34.05 -11.36 -49.62
CA SER B 502 -34.97 -10.45 -48.95
C SER B 502 -36.17 -10.13 -49.86
N ALA B 532 -30.36 -7.21 -55.99
CA ALA B 532 -28.93 -7.43 -56.17
C ALA B 532 -28.51 -8.85 -55.76
N GLU B 533 -27.38 -9.29 -56.29
CA GLU B 533 -26.78 -10.57 -55.89
C GLU B 533 -25.63 -10.32 -54.92
N VAL B 534 -25.15 -9.08 -54.88
CA VAL B 534 -24.09 -8.60 -53.96
C VAL B 534 -22.87 -9.52 -53.95
N LYS B 535 -22.65 -10.18 -52.81
CA LYS B 535 -21.57 -11.16 -52.59
C LYS B 535 -20.25 -10.72 -53.19
N GLU B 536 -19.91 -11.33 -54.33
CA GLU B 536 -18.83 -10.92 -55.24
C GLU B 536 -18.23 -9.53 -54.99
N MET B 537 -19.10 -8.54 -54.80
CA MET B 537 -18.69 -7.17 -54.54
C MET B 537 -17.86 -7.01 -53.27
N MET B 538 -18.25 -7.73 -52.24
CA MET B 538 -17.64 -7.61 -50.93
C MET B 538 -16.44 -8.53 -50.80
N THR B 539 -16.38 -9.57 -51.63
CA THR B 539 -15.22 -10.47 -51.69
C THR B 539 -13.99 -9.68 -52.16
N THR B 540 -14.22 -8.43 -52.56
CA THR B 540 -13.15 -7.52 -52.92
C THR B 540 -12.80 -6.58 -51.74
N TRP B 541 -13.73 -6.43 -50.80
CA TRP B 541 -13.52 -5.61 -49.60
C TRP B 541 -12.87 -6.39 -48.46
N THR B 542 -13.46 -7.53 -48.11
CA THR B 542 -12.74 -8.51 -47.32
C THR B 542 -11.63 -9.04 -48.22
N LEU B 543 -10.71 -9.80 -47.65
CA LEU B 543 -9.73 -10.54 -48.45
C LEU B 543 -8.73 -9.65 -49.24
N GLN B 544 -8.94 -8.33 -49.24
CA GLN B 544 -8.01 -7.42 -49.93
C GLN B 544 -7.74 -6.14 -49.15
N LYS B 545 -6.54 -5.62 -49.34
CA LYS B 545 -5.86 -4.72 -48.39
C LYS B 545 -6.30 -3.25 -48.37
N GLY B 546 -7.14 -2.83 -49.28
CA GLY B 546 -7.15 -1.40 -49.62
C GLY B 546 -8.19 -0.41 -49.14
N ILE B 547 -8.06 0.80 -49.68
CA ILE B 547 -8.98 1.88 -49.47
C ILE B 547 -8.99 2.62 -50.78
N PRO B 548 -10.09 2.34 -51.61
CA PRO B 548 -9.94 2.88 -52.97
C PRO B 548 -9.85 4.38 -53.05
N LEU B 549 -9.12 4.85 -54.04
CA LEU B 549 -8.99 6.27 -54.31
C LEU B 549 -9.64 6.62 -55.63
N LEU B 550 -10.34 7.74 -55.64
CA LEU B 550 -10.93 8.27 -56.85
C LEU B 550 -10.28 9.60 -57.18
N VAL B 551 -9.86 9.78 -58.43
CA VAL B 551 -9.34 11.08 -58.83
C VAL B 551 -10.38 11.82 -59.62
N VAL B 552 -10.46 13.14 -59.48
CA VAL B 552 -11.36 13.93 -60.33
C VAL B 552 -10.54 14.86 -61.24
N LYS B 553 -10.83 14.87 -62.53
CA LYS B 553 -10.03 15.68 -63.44
C LYS B 553 -10.38 15.58 -64.92
N GLN B 554 -9.75 16.45 -65.72
CA GLN B 554 -9.78 16.50 -67.20
C GLN B 554 -10.72 17.54 -67.83
N ASP B 555 -11.44 17.14 -68.88
CA ASP B 555 -12.00 18.08 -69.85
C ASP B 555 -13.46 18.52 -69.67
N GLY B 556 -13.64 19.78 -69.25
CA GLY B 556 -14.93 20.46 -69.31
C GLY B 556 -16.10 19.96 -68.47
N CYS B 557 -17.19 19.61 -69.14
CA CYS B 557 -18.42 19.17 -68.48
C CYS B 557 -18.59 17.66 -68.47
N SER B 558 -17.69 16.96 -69.15
CA SER B 558 -17.64 15.49 -69.07
C SER B 558 -16.46 15.07 -68.17
N LEU B 559 -16.77 14.74 -66.92
CA LEU B 559 -15.76 14.54 -65.87
C LEU B 559 -15.26 13.08 -65.79
N ARG B 560 -13.95 12.91 -65.72
CA ARG B 560 -13.34 11.57 -65.72
C ARG B 560 -13.03 11.07 -64.31
N LEU B 561 -13.32 9.79 -64.08
CA LEU B 561 -13.13 9.14 -62.79
C LEU B 561 -12.45 7.79 -62.95
N GLN B 562 -11.47 7.51 -62.09
CA GLN B 562 -10.79 6.21 -62.12
C GLN B 562 -10.63 5.54 -60.76
N GLN B 563 -10.64 4.20 -60.76
CA GLN B 563 -10.43 3.40 -59.56
C GLN B 563 -8.94 3.23 -59.41
N GLU B 564 -8.36 4.10 -58.59
CA GLU B 564 -6.96 4.00 -58.24
C GLU B 564 -6.90 3.76 -56.75
N ARG B 565 -6.17 2.73 -56.36
CA ARG B 565 -5.93 2.48 -54.95
C ARG B 565 -5.11 3.63 -54.39
N PHE B 566 -5.33 3.96 -53.13
CA PHE B 566 -4.71 5.11 -52.53
C PHE B 566 -3.44 4.75 -51.77
N LEU B 567 -2.72 5.77 -51.33
CA LEU B 567 -1.56 5.52 -50.50
C LEU B 567 -1.12 6.83 -49.85
N GLN B 568 -0.04 6.80 -49.08
CA GLN B 568 0.36 7.96 -48.30
C GLN B 568 1.87 8.15 -48.25
N GLY B 569 2.59 7.18 -48.76
CA GLY B 569 4.04 7.25 -48.80
C GLY B 569 4.58 7.42 -50.20
N VAL B 570 3.72 7.16 -51.19
CA VAL B 570 4.07 7.30 -52.60
C VAL B 570 3.94 8.74 -53.08
N PHE B 571 5.05 9.28 -53.58
CA PHE B 571 5.18 10.69 -53.92
C PHE B 571 4.31 11.10 -55.12
N GLN B 572 4.96 11.34 -56.27
CA GLN B 572 4.26 11.75 -57.49
C GLN B 572 3.68 10.53 -58.22
N GLU B 573 2.76 9.82 -57.54
CA GLU B 573 2.28 8.49 -57.94
C GLU B 573 3.38 7.63 -58.57
N ASP B 574 4.51 7.57 -57.88
CA ASP B 574 5.77 6.97 -58.34
C ASP B 574 6.82 7.18 -57.23
N PRO B 575 8.04 6.59 -57.35
CA PRO B 575 8.66 5.68 -58.33
C PRO B 575 8.36 4.23 -57.99
N GLU B 576 7.67 4.01 -56.88
CA GLU B 576 7.28 2.68 -56.48
C GLU B 576 5.88 2.34 -56.97
N TRP B 577 5.06 3.37 -57.21
CA TRP B 577 3.64 3.19 -57.49
C TRP B 577 3.33 2.25 -58.65
N ARG B 578 4.16 2.17 -59.67
CA ARG B 578 3.73 1.26 -60.70
C ARG B 578 3.68 -0.07 -59.99
N ALA B 579 4.74 -0.33 -59.23
CA ALA B 579 4.77 -1.36 -58.24
C ALA B 579 3.96 -0.75 -57.15
N LEU B 580 3.52 -1.57 -56.21
CA LEU B 580 2.66 -1.09 -55.16
C LEU B 580 1.26 -0.87 -55.71
N GLN B 581 0.96 -1.47 -56.85
CA GLN B 581 -0.36 -1.33 -57.47
C GLN B 581 -0.75 -2.64 -58.12
N GLU B 582 -1.81 -3.27 -57.60
CA GLU B 582 -2.08 -4.64 -57.98
C GLU B 582 -3.51 -4.92 -58.38
N ARG B 583 -3.96 -6.12 -58.03
CA ARG B 583 -5.28 -6.63 -58.37
C ARG B 583 -6.39 -5.76 -57.80
N TYR B 584 -5.97 -4.68 -57.14
CA TYR B 584 -6.84 -3.73 -56.48
C TYR B 584 -8.01 -3.29 -57.34
N LEU B 585 -8.95 -4.22 -57.54
CA LEU B 585 -10.14 -3.98 -58.32
C LEU B 585 -11.35 -4.14 -57.43
N TRP B 586 -11.93 -3.02 -57.00
CA TRP B 586 -13.02 -3.03 -56.04
C TRP B 586 -14.36 -2.65 -56.70
N HIS B 587 -15.41 -3.41 -56.38
CA HIS B 587 -16.76 -3.09 -56.82
C HIS B 587 -17.39 -2.03 -55.90
N ILE B 588 -16.70 -0.89 -55.77
CA ILE B 588 -17.10 0.20 -54.91
C ILE B 588 -18.34 0.95 -55.44
N PRO B 589 -19.42 0.97 -54.64
CA PRO B 589 -20.62 1.76 -54.96
C PRO B 589 -20.43 3.27 -54.75
N LEU B 590 -21.21 4.07 -55.47
CA LEU B 590 -20.92 5.50 -55.62
C LEU B 590 -22.07 6.46 -55.33
N THR B 591 -21.72 7.73 -55.15
CA THR B 591 -22.65 8.82 -54.87
C THR B 591 -22.09 10.16 -55.38
N TYR B 592 -22.89 10.93 -56.11
CA TYR B 592 -22.47 12.28 -56.50
C TYR B 592 -23.46 13.36 -56.07
N SER B 593 -22.92 14.49 -55.63
CA SER B 593 -23.74 15.62 -55.20
C SER B 593 -23.27 16.91 -55.85
N THR B 594 -23.50 17.05 -57.16
CA THR B 594 -23.15 18.27 -57.87
C THR B 594 -24.06 19.41 -57.40
N SER B 595 -23.53 20.63 -57.38
CA SER B 595 -24.24 21.79 -56.82
C SER B 595 -25.63 22.02 -57.41
N SER B 596 -25.72 21.91 -58.73
CA SER B 596 -26.95 22.22 -59.47
C SER B 596 -28.08 21.24 -59.17
N SER B 597 -27.81 19.95 -59.32
CA SER B 597 -28.85 18.92 -59.17
C SER B 597 -29.41 18.83 -57.75
N ASN B 598 -28.64 19.36 -56.78
CA ASN B 598 -28.95 19.31 -55.34
C ASN B 598 -29.60 18.01 -54.83
N VAL B 599 -29.30 16.91 -55.51
CA VAL B 599 -29.84 15.59 -55.17
C VAL B 599 -28.73 14.58 -55.43
N ILE B 600 -28.99 13.30 -55.15
CA ILE B 600 -27.94 12.30 -55.32
C ILE B 600 -28.44 11.05 -56.02
N HIS B 601 -27.81 10.75 -57.16
CA HIS B 601 -28.03 9.48 -57.84
C HIS B 601 -26.94 8.50 -57.41
N ARG B 602 -27.35 7.32 -56.95
CA ARG B 602 -26.41 6.26 -56.60
C ARG B 602 -26.11 5.38 -57.82
N HIS B 603 -24.96 4.72 -57.84
CA HIS B 603 -24.51 4.00 -59.03
C HIS B 603 -23.99 2.59 -58.72
N ILE B 604 -23.14 2.07 -59.61
CA ILE B 604 -22.48 0.77 -59.42
C ILE B 604 -21.23 0.66 -60.29
N LEU B 605 -20.07 0.61 -59.65
CA LEU B 605 -18.80 0.46 -60.37
C LEU B 605 -18.49 -1.03 -60.53
N LYS B 606 -17.53 -1.38 -61.38
CA LYS B 606 -17.14 -2.78 -61.64
C LYS B 606 -15.69 -2.91 -62.13
N SER B 607 -15.04 -1.76 -62.33
CA SER B 607 -13.63 -1.65 -62.72
C SER B 607 -13.25 -0.16 -62.74
N LYS B 608 -12.35 0.26 -63.64
CA LYS B 608 -12.08 1.69 -63.78
C LYS B 608 -12.41 2.24 -65.19
N THR B 609 -13.53 2.97 -65.27
CA THR B 609 -13.98 3.63 -66.50
C THR B 609 -14.42 5.06 -66.18
N ASP B 610 -14.69 5.88 -67.19
CA ASP B 610 -15.01 7.31 -66.97
C ASP B 610 -16.40 7.73 -67.47
N THR B 611 -17.39 6.84 -67.36
CA THR B 611 -18.64 6.97 -68.12
C THR B 611 -19.79 7.79 -67.49
N LEU B 612 -19.52 8.97 -66.93
CA LEU B 612 -20.62 9.77 -66.36
C LEU B 612 -20.60 11.29 -66.68
N ASP B 613 -21.78 11.77 -67.06
CA ASP B 613 -22.11 13.18 -67.33
C ASP B 613 -23.63 13.27 -67.53
N LEU B 614 -24.19 14.47 -67.61
CA LEU B 614 -25.61 14.69 -67.90
C LEU B 614 -26.51 14.20 -66.75
N PRO B 615 -27.81 14.58 -66.74
CA PRO B 615 -28.65 15.38 -67.65
C PRO B 615 -28.19 16.83 -67.89
N GLU B 616 -27.35 17.38 -67.03
CA GLU B 616 -26.91 18.77 -67.19
C GLU B 616 -25.43 18.99 -66.87
N LYS B 617 -24.82 19.94 -67.56
CA LYS B 617 -23.54 20.48 -67.14
C LYS B 617 -23.79 21.28 -65.87
N THR B 618 -22.89 21.14 -64.90
CA THR B 618 -23.03 21.89 -63.64
C THR B 618 -21.77 22.71 -63.31
N SER B 619 -21.84 23.52 -62.27
CA SER B 619 -20.69 24.31 -61.84
C SER B 619 -19.64 23.39 -61.20
N TRP B 620 -19.97 22.81 -60.06
CA TRP B 620 -19.09 21.84 -59.43
C TRP B 620 -19.78 20.52 -59.06
N VAL B 621 -18.96 19.51 -58.74
CA VAL B 621 -19.45 18.21 -58.32
C VAL B 621 -18.75 17.78 -57.03
N LYS B 622 -19.49 17.14 -56.12
CA LYS B 622 -18.94 16.65 -54.87
C LYS B 622 -19.23 15.17 -54.66
N PHE B 623 -18.20 14.34 -54.79
CA PHE B 623 -18.31 12.91 -54.56
C PHE B 623 -18.26 12.58 -53.06
N ASN B 624 -18.84 11.43 -52.69
CA ASN B 624 -18.89 10.91 -51.30
C ASN B 624 -19.92 11.68 -50.46
N VAL B 625 -21.19 11.36 -50.63
CA VAL B 625 -22.25 12.11 -49.95
C VAL B 625 -22.32 11.79 -48.46
N ASP B 626 -22.00 12.80 -47.63
CA ASP B 626 -21.84 12.65 -46.17
C ASP B 626 -20.69 11.70 -45.84
N SER B 627 -19.88 11.41 -46.86
CA SER B 627 -18.78 10.46 -46.78
C SER B 627 -19.20 9.10 -46.21
N ASN B 628 -20.35 8.60 -46.67
CA ASN B 628 -20.85 7.27 -46.31
C ASN B 628 -20.26 6.16 -47.14
N GLY B 629 -19.09 6.41 -47.71
CA GLY B 629 -18.39 5.44 -48.53
C GLY B 629 -16.93 5.40 -48.16
N TYR B 630 -16.33 4.22 -48.24
CA TYR B 630 -14.95 4.09 -47.80
C TYR B 630 -14.01 4.23 -49.00
N TYR B 631 -13.91 5.46 -49.50
CA TYR B 631 -13.03 5.79 -50.62
C TYR B 631 -12.64 7.26 -50.54
N ILE B 632 -11.71 7.64 -51.38
CA ILE B 632 -11.33 9.02 -51.50
C ILE B 632 -11.51 9.50 -52.93
N VAL B 633 -11.83 10.79 -53.10
CA VAL B 633 -11.76 11.42 -54.39
C VAL B 633 -10.87 12.64 -54.36
N HIS B 634 -10.00 12.76 -55.37
CA HIS B 634 -9.14 13.93 -55.52
C HIS B 634 -9.44 14.66 -56.82
N TYR B 635 -8.94 15.89 -56.90
CA TYR B 635 -9.22 16.73 -58.06
C TYR B 635 -7.89 17.37 -58.50
N GLU B 636 -7.44 17.05 -59.72
CA GLU B 636 -6.08 17.36 -60.19
C GLU B 636 -5.66 18.83 -60.01
N GLY B 637 -6.65 19.72 -60.08
CA GLY B 637 -6.42 21.15 -60.12
C GLY B 637 -7.26 21.65 -61.27
N HIS B 638 -7.34 20.81 -62.29
CA HIS B 638 -8.27 21.00 -63.38
C HIS B 638 -9.61 20.37 -62.99
N GLY B 639 -9.58 19.56 -61.93
CA GLY B 639 -10.80 19.07 -61.31
C GLY B 639 -11.65 20.24 -60.89
N TRP B 640 -11.09 21.10 -60.03
CA TRP B 640 -11.72 22.38 -59.71
C TRP B 640 -10.77 23.36 -59.02
N ASP B 641 -11.37 24.46 -58.57
CA ASP B 641 -10.81 25.37 -57.58
C ASP B 641 -12.02 26.03 -56.96
N GLN B 642 -13.19 25.48 -57.31
CA GLN B 642 -14.48 26.12 -57.10
C GLN B 642 -15.13 25.81 -55.76
N LEU B 643 -14.93 24.60 -55.27
CA LEU B 643 -15.58 24.20 -54.03
C LEU B 643 -15.06 25.07 -52.90
N ILE B 644 -13.78 25.40 -52.96
CA ILE B 644 -13.15 26.30 -52.00
C ILE B 644 -13.71 27.72 -52.07
N THR B 645 -14.22 28.08 -53.23
CA THR B 645 -14.76 29.43 -53.47
C THR B 645 -16.17 29.58 -52.90
N GLN B 646 -16.99 28.56 -53.09
CA GLN B 646 -18.33 28.58 -52.55
C GLN B 646 -18.31 28.28 -51.05
N LEU B 647 -17.31 27.51 -50.63
CA LEU B 647 -17.17 27.11 -49.22
C LEU B 647 -17.11 28.32 -48.28
N ASN B 648 -16.54 29.42 -48.77
CA ASN B 648 -16.53 30.67 -48.02
C ASN B 648 -17.78 31.49 -48.33
N GLN B 649 -18.94 31.01 -47.86
CA GLN B 649 -20.25 31.63 -48.06
C GLN B 649 -20.68 31.66 -49.53
N ASN B 650 -21.80 31.01 -49.85
CA ASN B 650 -22.55 30.21 -48.90
C ASN B 650 -21.98 28.80 -48.80
N HIS B 651 -21.82 28.30 -47.59
CA HIS B 651 -21.47 26.89 -47.41
C HIS B 651 -22.69 26.06 -47.01
N THR B 652 -23.73 26.71 -46.50
CA THR B 652 -24.94 26.01 -46.05
C THR B 652 -25.60 25.21 -47.18
N LEU B 653 -25.34 25.62 -48.41
CA LEU B 653 -25.80 24.87 -49.56
C LEU B 653 -25.02 23.57 -49.64
N LEU B 654 -23.71 23.69 -49.43
CA LEU B 654 -22.78 22.57 -49.39
C LEU B 654 -22.86 21.82 -48.04
N ARG B 655 -23.68 20.77 -48.01
CA ARG B 655 -24.11 20.06 -46.77
C ARG B 655 -23.11 20.04 -45.60
N PRO B 656 -23.60 20.27 -44.37
CA PRO B 656 -22.79 20.23 -43.14
C PRO B 656 -21.85 19.04 -43.08
N LYS B 657 -22.38 17.84 -43.26
CA LYS B 657 -21.57 16.64 -43.19
C LYS B 657 -20.84 16.38 -44.50
N ASP B 658 -21.06 17.23 -45.49
CA ASP B 658 -20.25 17.19 -46.71
C ASP B 658 -19.02 18.06 -46.49
N ARG B 659 -19.19 19.13 -45.72
CA ARG B 659 -18.10 20.04 -45.37
C ARG B 659 -16.96 19.30 -44.68
N VAL B 660 -17.33 18.52 -43.67
CA VAL B 660 -16.36 17.85 -42.80
C VAL B 660 -15.45 16.98 -43.64
N GLY B 661 -16.03 15.95 -44.26
CA GLY B 661 -15.27 15.01 -45.06
C GLY B 661 -14.43 15.71 -46.10
N LEU B 662 -15.00 16.77 -46.67
CA LEU B 662 -14.26 17.64 -47.58
C LEU B 662 -12.94 18.05 -46.96
N ILE B 663 -12.99 18.52 -45.71
CA ILE B 663 -11.77 18.92 -45.02
C ILE B 663 -10.83 17.73 -44.85
N HIS B 664 -11.39 16.58 -44.49
CA HIS B 664 -10.60 15.36 -44.32
C HIS B 664 -10.07 14.86 -45.67
N ASP B 665 -10.97 14.69 -46.62
CA ASP B 665 -10.61 14.15 -47.93
C ASP B 665 -9.49 14.96 -48.57
N VAL B 666 -9.57 16.29 -48.46
CA VAL B 666 -8.58 17.16 -49.08
C VAL B 666 -7.19 17.02 -48.44
N PHE B 667 -7.12 17.10 -47.12
CA PHE B 667 -5.84 17.04 -46.44
C PHE B 667 -5.08 15.73 -46.63
N GLN B 668 -5.80 14.71 -47.10
CA GLN B 668 -5.17 13.42 -47.34
C GLN B 668 -4.71 13.35 -48.79
N LEU B 669 -5.24 14.26 -49.61
CA LEU B 669 -4.72 14.43 -50.96
C LEU B 669 -3.34 15.06 -50.85
N VAL B 670 -3.20 15.97 -49.89
CA VAL B 670 -1.90 16.54 -49.58
C VAL B 670 -0.92 15.43 -49.21
N GLY B 671 -1.44 14.39 -48.56
CA GLY B 671 -0.65 13.26 -48.16
C GLY B 671 -0.04 12.54 -49.34
N ALA B 672 -0.86 12.19 -50.32
CA ALA B 672 -0.37 11.55 -51.54
C ALA B 672 0.44 12.54 -52.38
N GLY B 673 0.57 13.77 -51.87
CA GLY B 673 1.44 14.79 -52.45
C GLY B 673 0.83 15.58 -53.61
N ARG B 674 -0.34 15.17 -54.07
CA ARG B 674 -0.94 15.76 -55.26
C ARG B 674 -2.01 16.81 -54.97
N LEU B 675 -1.74 17.51 -53.90
CA LEU B 675 -2.15 18.89 -53.66
C LEU B 675 -1.16 19.56 -52.71
N THR B 676 -1.10 20.89 -52.73
CA THR B 676 -0.16 21.60 -51.88
C THR B 676 -0.91 22.16 -50.67
N LEU B 677 -0.17 22.29 -49.57
CA LEU B 677 -0.71 22.65 -48.26
C LEU B 677 -1.57 23.91 -48.25
N ASP B 678 -1.06 24.97 -48.88
CA ASP B 678 -1.71 26.28 -48.87
C ASP B 678 -3.06 26.28 -49.58
N LYS B 679 -3.33 25.24 -50.35
CA LYS B 679 -4.66 25.06 -50.90
C LYS B 679 -5.64 24.86 -49.74
N ALA B 680 -5.15 24.16 -48.72
CA ALA B 680 -5.97 23.75 -47.59
C ALA B 680 -5.94 24.75 -46.43
N LEU B 681 -4.78 25.35 -46.18
CA LEU B 681 -4.68 26.36 -45.14
C LEU B 681 -5.50 27.59 -45.51
N ASP B 682 -5.57 27.88 -46.81
CA ASP B 682 -6.39 28.98 -47.33
C ASP B 682 -7.87 28.64 -47.16
N MET B 683 -8.17 27.35 -47.14
CA MET B 683 -9.54 26.86 -47.07
C MET B 683 -10.22 27.33 -45.78
N THR B 684 -9.55 27.12 -44.66
CA THR B 684 -10.11 27.39 -43.33
C THR B 684 -10.02 28.85 -42.89
N TYR B 685 -10.48 29.76 -43.75
CA TYR B 685 -10.62 31.15 -43.34
C TYR B 685 -12.07 31.38 -42.97
N TYR B 686 -12.90 30.37 -43.23
CA TYR B 686 -14.34 30.48 -43.09
C TYR B 686 -14.87 29.96 -41.76
N LEU B 687 -13.96 29.55 -40.88
CA LEU B 687 -14.34 28.90 -39.63
C LEU B 687 -14.74 29.88 -38.52
N GLN B 688 -15.19 31.07 -38.90
CA GLN B 688 -15.89 31.96 -37.98
C GLN B 688 -17.36 32.01 -38.38
N HIS B 689 -17.61 31.75 -39.67
CA HIS B 689 -18.94 31.73 -40.24
C HIS B 689 -19.51 30.33 -40.17
N GLU B 690 -18.73 29.42 -39.61
CA GLU B 690 -19.12 28.02 -39.46
C GLU B 690 -19.73 27.77 -38.10
N THR B 691 -20.86 27.07 -38.10
CA THR B 691 -21.56 26.74 -36.86
C THR B 691 -22.05 25.30 -36.87
N SER B 692 -21.45 24.47 -37.73
CA SER B 692 -21.70 23.03 -37.72
C SER B 692 -20.49 22.30 -37.16
N SER B 693 -20.45 22.17 -35.84
CA SER B 693 -19.30 21.67 -35.09
C SER B 693 -18.46 20.53 -35.72
N PRO B 694 -19.11 19.50 -36.31
CA PRO B 694 -18.33 18.45 -37.01
C PRO B 694 -17.22 18.98 -37.92
N ALA B 695 -17.59 19.79 -38.91
CA ALA B 695 -16.61 20.37 -39.81
C ALA B 695 -15.64 21.30 -39.06
N LEU B 696 -16.17 22.16 -38.20
CA LEU B 696 -15.37 23.17 -37.51
C LEU B 696 -14.19 22.56 -36.74
N LEU B 697 -14.49 21.57 -35.92
CA LEU B 697 -13.49 20.92 -35.09
C LEU B 697 -12.52 20.09 -35.93
N GLU B 698 -13.02 19.52 -37.03
CA GLU B 698 -12.16 18.75 -37.93
C GLU B 698 -11.07 19.63 -38.54
N GLY B 699 -11.39 20.88 -38.82
CA GLY B 699 -10.40 21.80 -39.36
C GLY B 699 -9.35 22.11 -38.31
N LEU B 700 -9.81 22.59 -37.16
CA LEU B 700 -8.93 22.94 -36.06
C LEU B 700 -8.15 21.74 -35.55
N SER B 701 -8.67 20.55 -35.84
CA SER B 701 -7.97 19.32 -35.50
C SER B 701 -6.67 19.23 -36.30
N TYR B 702 -6.78 19.49 -37.60
CA TYR B 702 -5.62 19.46 -38.48
C TYR B 702 -4.64 20.56 -38.17
N LEU B 703 -5.16 21.71 -37.75
CA LEU B 703 -4.30 22.82 -37.35
C LEU B 703 -3.45 22.45 -36.13
N GLU B 704 -4.13 22.14 -35.03
CA GLU B 704 -3.51 21.68 -33.80
C GLU B 704 -2.42 20.64 -34.05
N SER B 705 -2.69 19.69 -34.93
CA SER B 705 -1.70 18.70 -35.33
C SER B 705 -0.39 19.36 -35.71
N PHE B 706 -0.48 20.47 -36.44
CA PHE B 706 0.71 21.17 -36.91
C PHE B 706 1.49 21.83 -35.77
N TYR B 707 0.80 22.58 -34.92
CA TYR B 707 1.43 23.25 -33.78
C TYR B 707 2.15 22.26 -32.87
N HIS B 708 1.62 21.05 -32.77
CA HIS B 708 2.19 20.02 -31.90
C HIS B 708 3.21 19.18 -32.68
N MET B 709 3.08 19.15 -34.00
CA MET B 709 4.14 18.64 -34.86
C MET B 709 5.34 19.56 -34.74
N MET B 710 5.06 20.86 -34.56
CA MET B 710 6.07 21.88 -34.44
C MET B 710 6.76 21.89 -33.08
N ASP B 711 6.05 22.38 -32.05
CA ASP B 711 6.52 22.46 -30.66
C ASP B 711 7.30 21.22 -30.20
N ARG B 712 6.88 20.04 -30.66
CA ARG B 712 7.56 18.77 -30.39
C ARG B 712 9.00 18.78 -30.93
N ARG B 713 9.25 19.65 -31.91
CA ARG B 713 10.60 19.94 -32.37
C ARG B 713 10.94 21.36 -31.93
N ASN B 714 12.22 21.69 -31.81
CA ASN B 714 12.60 23.02 -31.31
C ASN B 714 12.40 24.15 -32.34
N ILE B 715 11.19 24.25 -32.90
CA ILE B 715 10.87 25.24 -33.96
C ILE B 715 9.96 26.37 -33.44
N SER B 716 10.52 27.22 -32.59
CA SER B 716 9.75 28.23 -31.87
C SER B 716 9.05 29.29 -32.73
N ASP B 717 9.41 29.38 -34.01
CA ASP B 717 8.90 30.45 -34.84
C ASP B 717 7.61 30.07 -35.55
N ILE B 718 7.57 28.91 -36.20
CA ILE B 718 6.32 28.42 -36.79
C ILE B 718 5.32 28.07 -35.67
N SER B 719 5.87 27.63 -34.54
CA SER B 719 5.11 27.42 -33.32
C SER B 719 4.44 28.72 -32.88
N GLU B 720 5.23 29.72 -32.48
CA GLU B 720 4.67 30.97 -31.96
C GLU B 720 3.85 31.73 -33.00
N ASN B 721 4.09 31.46 -34.28
CA ASN B 721 3.35 32.12 -35.35
C ASN B 721 2.02 31.45 -35.65
N LEU B 722 1.91 30.17 -35.33
CA LEU B 722 0.63 29.48 -35.39
C LEU B 722 -0.13 29.75 -34.08
N LYS B 723 0.63 29.83 -33.00
CA LYS B 723 0.11 30.10 -31.65
C LYS B 723 -0.57 31.48 -31.58
N ARG B 724 -0.12 32.42 -32.41
CA ARG B 724 -0.71 33.76 -32.46
C ARG B 724 -1.75 33.89 -33.59
N TYR B 725 -1.56 33.15 -34.67
CA TYR B 725 -2.56 33.14 -35.73
C TYR B 725 -3.85 32.66 -35.12
N LEU B 726 -3.76 31.50 -34.46
CA LEU B 726 -4.93 30.79 -33.95
C LEU B 726 -5.74 31.56 -32.89
N LEU B 727 -5.06 32.39 -32.09
CA LEU B 727 -5.70 33.11 -30.99
C LEU B 727 -6.40 34.42 -31.41
N GLN B 728 -5.80 35.14 -32.35
CA GLN B 728 -6.42 36.36 -32.88
C GLN B 728 -7.41 35.97 -33.99
N TYR B 729 -7.22 34.79 -34.55
CA TYR B 729 -8.25 34.16 -35.35
C TYR B 729 -9.12 33.39 -34.37
N PHE B 730 -10.29 32.92 -34.80
CA PHE B 730 -11.15 32.06 -33.98
C PHE B 730 -11.44 32.61 -32.57
N LYS B 731 -11.00 33.83 -32.31
CA LYS B 731 -11.34 34.54 -31.08
C LYS B 731 -12.86 34.76 -30.91
N PRO B 732 -13.63 34.87 -32.03
CA PRO B 732 -15.09 34.83 -31.90
C PRO B 732 -15.62 33.73 -30.97
N VAL B 733 -15.41 32.47 -31.33
CA VAL B 733 -15.88 31.34 -30.52
C VAL B 733 -15.11 31.22 -29.19
N ILE B 734 -13.81 31.49 -29.22
CA ILE B 734 -12.92 31.30 -28.07
C ILE B 734 -13.25 32.19 -26.87
N ASP B 735 -13.44 33.48 -27.11
CA ASP B 735 -13.82 34.40 -26.06
C ASP B 735 -15.29 34.20 -25.66
N ARG B 736 -16.02 33.51 -26.54
CA ARG B 736 -17.46 33.27 -26.40
C ARG B 736 -17.82 32.06 -25.51
N GLN B 737 -16.81 31.36 -25.01
CA GLN B 737 -16.99 30.06 -24.34
C GLN B 737 -17.14 30.17 -22.83
N SER B 738 -17.87 29.22 -22.23
CA SER B 738 -18.26 29.30 -20.83
C SER B 738 -17.66 28.24 -19.90
N TRP B 739 -16.94 28.69 -18.88
CA TRP B 739 -16.42 27.76 -17.89
C TRP B 739 -17.55 27.17 -17.06
N SER B 740 -18.34 26.30 -17.69
CA SER B 740 -19.48 25.63 -17.06
C SER B 740 -19.96 24.47 -17.92
N ASP B 741 -20.98 23.73 -17.45
CA ASP B 741 -21.49 22.56 -18.18
C ASP B 741 -22.86 22.80 -18.81
N LYS B 742 -23.17 24.06 -19.13
CA LYS B 742 -24.49 24.41 -19.66
C LYS B 742 -24.63 24.06 -21.14
N GLY B 743 -25.85 24.13 -21.65
CA GLY B 743 -26.10 23.88 -23.05
C GLY B 743 -26.13 22.40 -23.36
N SER B 744 -26.49 22.08 -24.60
CA SER B 744 -26.72 20.69 -24.97
C SER B 744 -25.43 19.94 -25.23
N VAL B 745 -25.53 18.81 -25.92
CA VAL B 745 -24.42 17.89 -26.01
C VAL B 745 -23.33 18.38 -26.95
N TRP B 746 -23.70 18.72 -28.18
CA TRP B 746 -22.70 19.19 -29.13
C TRP B 746 -22.12 20.51 -28.69
N ASP B 747 -22.86 21.20 -27.83
CA ASP B 747 -22.37 22.43 -27.21
C ASP B 747 -21.17 22.14 -26.30
N ARG B 748 -21.35 21.25 -25.34
CA ARG B 748 -20.31 20.95 -24.36
C ARG B 748 -19.04 20.41 -24.98
N MET B 749 -19.15 19.66 -26.07
CA MET B 749 -17.98 19.06 -26.71
C MET B 749 -17.05 20.09 -27.33
N LEU B 750 -17.65 20.99 -28.12
CA LEU B 750 -16.90 22.05 -28.78
C LEU B 750 -16.20 22.93 -27.76
N ARG B 751 -16.84 23.09 -26.60
CA ARG B 751 -16.34 23.99 -25.55
C ARG B 751 -15.06 23.50 -24.87
N SER B 752 -15.00 22.22 -24.51
CA SER B 752 -13.81 21.68 -23.84
C SER B 752 -12.76 21.25 -24.87
N ALA B 753 -13.07 21.50 -26.14
CA ALA B 753 -12.06 21.47 -27.19
C ALA B 753 -11.40 22.83 -27.23
N LEU B 754 -12.21 23.86 -27.39
CA LEU B 754 -11.70 25.22 -27.50
C LEU B 754 -11.00 25.70 -26.23
N LEU B 755 -11.68 25.57 -25.09
CA LEU B 755 -11.17 26.16 -23.86
C LEU B 755 -9.85 25.51 -23.41
N LYS B 756 -9.57 24.33 -23.91
CA LYS B 756 -8.27 23.71 -23.65
C LYS B 756 -7.27 24.09 -24.72
N LEU B 757 -7.75 24.18 -25.95
CA LEU B 757 -6.92 24.55 -27.09
C LEU B 757 -6.33 25.93 -26.84
N ALA B 758 -7.15 26.82 -26.30
CA ALA B 758 -6.71 28.15 -25.93
C ALA B 758 -5.72 28.09 -24.78
N CYS B 759 -5.98 27.22 -23.81
CA CYS B 759 -5.16 27.15 -22.61
C CYS B 759 -3.87 26.39 -22.85
N ASP B 760 -3.82 25.61 -23.92
CA ASP B 760 -2.61 24.85 -24.26
C ASP B 760 -1.68 25.69 -25.17
N LEU B 761 -1.99 26.98 -25.25
CA LEU B 761 -1.21 27.94 -26.02
C LEU B 761 -0.83 29.15 -25.16
N ASN B 762 -1.02 29.00 -23.84
CA ASN B 762 -0.71 30.03 -22.85
C ASN B 762 -1.51 31.33 -23.02
N HIS B 763 -2.77 31.19 -23.40
CA HIS B 763 -3.66 32.34 -23.56
C HIS B 763 -4.09 32.86 -22.20
N ALA B 764 -3.38 33.87 -21.70
CA ALA B 764 -3.47 34.34 -20.31
C ALA B 764 -4.88 34.47 -19.70
N PRO B 765 -5.89 34.89 -20.47
CA PRO B 765 -7.23 34.90 -19.87
C PRO B 765 -7.70 33.53 -19.35
N CYS B 766 -7.67 32.52 -20.20
CA CYS B 766 -8.03 31.14 -19.84
C CYS B 766 -7.20 30.62 -18.67
N ILE B 767 -5.90 30.87 -18.70
CA ILE B 767 -5.00 30.41 -17.65
C ILE B 767 -5.32 31.06 -16.30
N GLN B 768 -5.69 32.34 -16.32
CA GLN B 768 -5.99 33.06 -15.07
C GLN B 768 -7.26 32.53 -14.42
N LYS B 769 -8.24 32.15 -15.23
CA LYS B 769 -9.50 31.57 -14.74
C LYS B 769 -9.28 30.15 -14.18
N ALA B 770 -8.42 29.40 -14.85
CA ALA B 770 -8.11 28.04 -14.44
C ALA B 770 -7.30 28.01 -13.15
N ALA B 771 -6.27 28.85 -13.05
CA ALA B 771 -5.43 28.91 -11.87
C ALA B 771 -6.23 29.34 -10.64
N GLU B 772 -7.24 30.18 -10.87
CA GLU B 772 -8.14 30.64 -9.80
C GLU B 772 -9.16 29.57 -9.39
N LEU B 773 -9.73 28.86 -10.37
CA LEU B 773 -10.64 27.75 -10.12
C LEU B 773 -9.94 26.60 -9.40
N PHE B 774 -8.65 26.46 -9.65
CA PHE B 774 -7.82 25.47 -9.00
C PHE B 774 -7.52 25.84 -7.54
N SER B 775 -7.64 27.13 -7.24
CA SER B 775 -7.40 27.62 -5.88
C SER B 775 -8.60 27.36 -4.98
N GLN B 776 -9.78 27.76 -5.45
CA GLN B 776 -11.03 27.53 -4.72
C GLN B 776 -11.19 26.04 -4.40
N TRP B 777 -11.13 25.23 -5.46
CA TRP B 777 -11.33 23.80 -5.36
C TRP B 777 -10.31 23.13 -4.46
N MET B 778 -9.13 23.73 -4.33
CA MET B 778 -8.12 23.18 -3.43
C MET B 778 -8.27 23.77 -2.02
N GLU B 779 -8.45 25.08 -1.93
CA GLU B 779 -8.59 25.76 -0.63
C GLU B 779 -10.03 25.63 -0.09
N SER B 780 -10.77 24.65 -0.60
CA SER B 780 -12.02 24.25 0.04
C SER B 780 -11.97 22.75 0.31
N SER B 781 -10.77 22.17 0.14
CA SER B 781 -10.52 20.74 0.33
C SER B 781 -11.36 19.83 -0.59
N GLY B 782 -11.77 20.37 -1.74
CA GLY B 782 -12.53 19.62 -2.73
C GLY B 782 -14.01 19.93 -2.69
N LYS B 783 -14.39 20.89 -1.86
CA LYS B 783 -15.79 21.24 -1.63
C LYS B 783 -16.27 22.36 -2.56
N LEU B 784 -15.56 22.53 -3.68
CA LEU B 784 -15.96 23.49 -4.71
C LEU B 784 -16.27 22.75 -6.01
N ASN B 785 -17.36 23.14 -6.66
CA ASN B 785 -17.79 22.53 -7.90
C ASN B 785 -17.05 23.09 -9.12
N ILE B 786 -16.03 22.37 -9.58
CA ILE B 786 -15.44 22.64 -10.88
C ILE B 786 -16.25 21.91 -11.94
N PRO B 787 -16.77 22.65 -12.94
CA PRO B 787 -17.59 22.05 -14.02
C PRO B 787 -16.87 20.91 -14.73
N THR B 788 -17.59 19.83 -15.01
CA THR B 788 -17.00 18.62 -15.57
C THR B 788 -16.31 18.87 -16.92
N ASP B 789 -16.88 19.76 -17.72
CA ASP B 789 -16.35 20.02 -19.06
C ASP B 789 -15.01 20.75 -19.03
N VAL B 790 -14.80 21.62 -18.04
CA VAL B 790 -13.54 22.33 -17.92
C VAL B 790 -12.53 21.56 -17.10
N LEU B 791 -12.95 20.38 -16.62
CA LEU B 791 -12.17 19.64 -15.62
C LEU B 791 -10.77 19.28 -16.10
N LYS B 792 -10.70 18.65 -17.28
CA LYS B 792 -9.42 18.23 -17.85
C LYS B 792 -8.45 19.40 -18.00
N ILE B 793 -8.96 20.62 -17.93
CA ILE B 793 -8.15 21.80 -18.17
C ILE B 793 -7.67 22.45 -16.88
N VAL B 794 -8.55 22.45 -15.87
CA VAL B 794 -8.25 23.10 -14.60
C VAL B 794 -7.23 22.31 -13.78
N TYR B 795 -7.41 20.99 -13.69
CA TYR B 795 -6.43 20.14 -13.00
C TYR B 795 -5.11 20.21 -13.71
N SER B 796 -5.17 20.33 -15.03
CA SER B 796 -3.96 20.38 -15.87
C SER B 796 -3.16 21.64 -15.62
N VAL B 797 -3.86 22.76 -15.69
CA VAL B 797 -3.29 24.04 -15.30
C VAL B 797 -2.67 23.92 -13.89
N GLY B 798 -3.49 23.73 -12.86
CA GLY B 798 -3.03 23.64 -11.48
C GLY B 798 -1.88 22.69 -11.17
N ALA B 799 -1.42 21.95 -12.16
CA ALA B 799 -0.34 21.01 -11.95
C ALA B 799 0.99 21.54 -12.49
N GLN B 800 0.93 22.65 -13.22
CA GLN B 800 2.14 23.26 -13.77
C GLN B 800 2.95 23.95 -12.67
N THR B 801 2.26 24.26 -11.58
CA THR B 801 2.92 24.59 -10.33
C THR B 801 3.46 23.30 -9.74
N THR B 802 4.69 23.32 -9.25
CA THR B 802 5.26 22.13 -8.63
C THR B 802 4.64 21.84 -7.28
N ALA B 803 3.62 22.60 -6.91
CA ALA B 803 3.00 22.53 -5.60
C ALA B 803 1.66 21.77 -5.62
N GLY B 804 0.74 22.19 -6.47
CA GLY B 804 -0.58 21.60 -6.55
C GLY B 804 -0.54 20.22 -7.17
N TRP B 805 0.54 19.97 -7.91
CA TRP B 805 0.78 18.67 -8.51
C TRP B 805 0.73 17.56 -7.48
N ASN B 806 1.27 17.84 -6.30
CA ASN B 806 1.28 16.86 -5.21
C ASN B 806 -0.03 16.84 -4.44
N TYR B 807 -0.95 17.72 -4.82
CA TYR B 807 -2.27 17.69 -4.22
C TYR B 807 -3.18 16.80 -5.05
N LEU B 808 -2.93 16.78 -6.36
CA LEU B 808 -3.78 16.03 -7.27
C LEU B 808 -3.42 14.55 -7.24
N LEU B 809 -2.15 14.25 -7.01
CA LEU B 809 -1.68 12.88 -6.85
C LEU B 809 -2.11 12.38 -5.49
N GLU B 810 -2.36 13.32 -4.59
CA GLU B 810 -2.95 13.02 -3.30
C GLU B 810 -4.46 12.82 -3.46
N GLN B 811 -5.09 13.76 -4.16
CA GLN B 811 -6.53 13.67 -4.43
C GLN B 811 -6.85 12.43 -5.28
N TYR B 812 -5.88 12.02 -6.08
CA TYR B 812 -6.01 10.86 -6.98
C TYR B 812 -6.35 9.57 -6.26
N GLU B 813 -5.42 9.05 -5.46
CA GLU B 813 -5.58 7.75 -4.82
C GLU B 813 -6.79 7.69 -3.88
N LEU B 814 -7.24 8.86 -3.44
CA LEU B 814 -8.32 8.92 -2.48
C LEU B 814 -9.67 9.10 -3.17
N SER B 815 -9.66 9.12 -4.51
CA SER B 815 -10.86 9.41 -5.32
C SER B 815 -11.72 8.20 -5.64
N MET B 816 -13.02 8.31 -5.38
CA MET B 816 -13.95 7.23 -5.69
C MET B 816 -14.45 7.30 -7.14
N SER B 817 -13.84 8.13 -7.98
CA SER B 817 -14.26 8.17 -9.37
C SER B 817 -13.08 7.87 -10.28
N SER B 818 -13.09 6.69 -10.91
CA SER B 818 -12.02 6.35 -11.86
C SER B 818 -12.10 7.25 -13.09
N ALA B 819 -13.25 7.91 -13.26
CA ALA B 819 -13.42 8.91 -14.32
C ALA B 819 -12.65 10.16 -13.97
N GLU B 820 -12.91 10.70 -12.79
CA GLU B 820 -12.12 11.81 -12.30
C GLU B 820 -10.64 11.39 -12.28
N GLN B 821 -10.37 10.16 -11.85
CA GLN B 821 -9.02 9.62 -11.78
C GLN B 821 -8.29 9.66 -13.11
N ASN B 822 -9.04 9.36 -14.17
CA ASN B 822 -8.50 9.43 -15.51
C ASN B 822 -7.98 10.82 -15.83
N LYS B 823 -8.83 11.82 -15.55
CA LYS B 823 -8.50 13.19 -15.88
C LYS B 823 -7.35 13.72 -15.03
N ILE B 824 -7.32 13.35 -13.75
CA ILE B 824 -6.22 13.71 -12.88
C ILE B 824 -4.90 13.14 -13.41
N LEU B 825 -4.94 11.87 -13.81
CA LEU B 825 -3.75 11.19 -14.32
C LEU B 825 -3.24 11.85 -15.58
N TYR B 826 -4.14 12.13 -16.53
CA TYR B 826 -3.76 12.87 -17.73
C TYR B 826 -3.21 14.23 -17.35
N ALA B 827 -3.93 14.91 -16.46
CA ALA B 827 -3.54 16.24 -16.03
C ALA B 827 -2.15 16.22 -15.45
N LEU B 828 -1.91 15.23 -14.59
CA LEU B 828 -0.61 15.07 -13.94
C LEU B 828 0.51 14.74 -14.93
N SER B 829 0.17 14.43 -16.16
CA SER B 829 1.19 14.00 -17.11
C SER B 829 1.75 15.18 -17.88
N THR B 830 1.03 16.29 -17.86
CA THR B 830 1.40 17.46 -18.62
C THR B 830 2.42 18.31 -17.90
N SER B 831 3.13 17.73 -16.94
CA SER B 831 4.12 18.47 -16.15
C SER B 831 5.46 18.62 -16.85
N LYS B 832 6.26 19.55 -16.32
CA LYS B 832 7.53 19.94 -16.92
C LYS B 832 8.73 19.27 -16.23
N HIS B 833 8.61 19.02 -14.93
CA HIS B 833 9.64 18.28 -14.19
C HIS B 833 9.85 16.90 -14.80
N GLN B 834 10.98 16.70 -15.47
CA GLN B 834 11.23 15.42 -16.14
C GLN B 834 11.38 14.23 -15.18
N GLU B 835 11.25 14.47 -13.87
CA GLU B 835 11.31 13.36 -12.91
C GLU B 835 9.95 13.13 -12.25
N LYS B 836 9.08 14.14 -12.28
CA LYS B 836 7.71 14.01 -11.80
C LYS B 836 6.87 13.32 -12.88
N LEU B 837 7.46 13.21 -14.06
CA LEU B 837 6.93 12.41 -15.14
C LEU B 837 7.34 10.94 -14.95
N LEU B 838 8.60 10.73 -14.61
CA LEU B 838 9.11 9.38 -14.40
C LEU B 838 8.50 8.74 -13.16
N LYS B 839 8.19 9.55 -12.16
CA LYS B 839 7.54 9.05 -10.96
C LYS B 839 6.23 8.38 -11.36
N LEU B 840 5.48 9.04 -12.23
CA LEU B 840 4.23 8.51 -12.76
C LEU B 840 4.44 7.13 -13.39
N ILE B 841 5.34 7.06 -14.37
CA ILE B 841 5.65 5.79 -15.01
C ILE B 841 6.17 4.78 -13.99
N GLU B 842 6.96 5.25 -13.02
CA GLU B 842 7.49 4.37 -11.98
C GLU B 842 6.33 3.85 -11.14
N LEU B 843 5.38 4.73 -10.81
CA LEU B 843 4.22 4.31 -10.02
C LEU B 843 3.32 3.33 -10.79
N GLY B 844 3.23 3.54 -12.09
CA GLY B 844 2.42 2.69 -12.96
C GLY B 844 2.97 1.30 -13.17
N MET B 845 4.28 1.13 -13.03
CA MET B 845 4.86 -0.21 -13.03
C MET B 845 4.39 -0.98 -11.80
N GLU B 846 4.52 -0.36 -10.62
CA GLU B 846 4.08 -0.99 -9.37
C GLU B 846 2.62 -1.42 -9.43
N GLY B 847 1.80 -0.60 -10.08
CA GLY B 847 0.41 -0.91 -10.20
C GLY B 847 -0.35 -0.89 -8.90
N LYS B 848 0.20 -0.24 -7.87
CA LYS B 848 -0.51 -0.10 -6.60
C LYS B 848 -1.28 1.21 -6.57
N VAL B 849 -0.63 2.28 -7.03
CA VAL B 849 -1.24 3.60 -6.96
C VAL B 849 -1.89 3.97 -8.30
N ILE B 850 -1.07 3.91 -9.34
CA ILE B 850 -1.57 3.99 -10.70
C ILE B 850 -1.69 2.54 -11.18
N LYS B 851 -2.93 2.06 -11.33
CA LYS B 851 -3.15 0.66 -11.68
C LYS B 851 -2.50 0.33 -12.99
N THR B 852 -1.99 -0.89 -13.09
CA THR B 852 -1.30 -1.34 -14.29
C THR B 852 -2.12 -1.19 -15.57
N GLN B 853 -3.44 -1.15 -15.46
CA GLN B 853 -4.29 -1.12 -16.66
C GLN B 853 -4.25 0.25 -17.34
N ASN B 854 -3.75 1.24 -16.60
CA ASN B 854 -3.61 2.60 -17.09
C ASN B 854 -2.19 2.88 -17.57
N LEU B 855 -1.29 1.89 -17.48
CA LEU B 855 0.11 2.11 -17.83
C LEU B 855 0.30 2.64 -19.25
N ALA B 856 -0.19 1.92 -20.25
CA ALA B 856 0.08 2.25 -21.66
C ALA B 856 -0.61 3.51 -22.11
N ALA B 857 -1.61 3.97 -21.38
CA ALA B 857 -2.23 5.25 -21.72
C ALA B 857 -1.44 6.35 -21.06
N LEU B 858 -0.86 6.05 -19.90
CA LEU B 858 0.03 6.99 -19.24
C LEU B 858 1.27 7.21 -20.08
N LEU B 859 1.76 6.14 -20.73
CA LEU B 859 2.93 6.27 -21.59
C LEU B 859 2.59 7.18 -22.76
N HIS B 860 1.60 6.74 -23.53
CA HIS B 860 1.02 7.51 -24.64
C HIS B 860 0.83 9.00 -24.36
N ALA B 861 0.38 9.33 -23.16
CA ALA B 861 0.12 10.72 -22.81
C ALA B 861 1.41 11.46 -22.57
N ILE B 862 2.28 10.83 -21.79
CA ILE B 862 3.53 11.44 -21.40
C ILE B 862 4.42 11.69 -22.60
N ALA B 863 4.31 10.83 -23.62
CA ALA B 863 5.15 10.95 -24.81
C ALA B 863 4.49 11.75 -25.95
N ARG B 864 3.50 12.56 -25.63
CA ARG B 864 2.89 13.41 -26.65
C ARG B 864 3.56 14.78 -26.63
N ARG B 865 3.70 15.34 -25.44
CA ARG B 865 4.32 16.64 -25.27
C ARG B 865 5.84 16.52 -25.43
N PRO B 866 6.54 17.66 -25.62
CA PRO B 866 8.00 17.59 -25.80
C PRO B 866 8.76 17.32 -24.51
N LYS B 867 8.22 17.75 -23.38
CA LYS B 867 8.88 17.58 -22.08
C LYS B 867 9.02 16.10 -21.67
N GLY B 868 8.32 15.21 -22.37
CA GLY B 868 8.32 13.81 -22.00
C GLY B 868 8.49 12.76 -23.10
N GLN B 869 8.62 13.19 -24.35
CA GLN B 869 8.68 12.23 -25.45
C GLN B 869 9.94 11.36 -25.39
N GLN B 870 11.05 11.94 -24.96
CA GLN B 870 12.31 11.21 -24.92
C GLN B 870 12.36 10.29 -23.73
N LEU B 871 11.89 10.79 -22.59
CA LEU B 871 11.80 10.00 -21.38
C LEU B 871 11.09 8.69 -21.66
N ALA B 872 9.95 8.79 -22.32
CA ALA B 872 9.12 7.62 -22.58
C ALA B 872 9.78 6.63 -23.51
N TRP B 873 10.35 7.12 -24.60
CA TRP B 873 10.95 6.24 -25.59
C TRP B 873 12.18 5.55 -25.03
N ASP B 874 12.92 6.25 -24.17
CA ASP B 874 14.04 5.62 -23.48
C ASP B 874 13.51 4.44 -22.66
N PHE B 875 12.53 4.73 -21.82
CA PHE B 875 11.95 3.76 -20.90
C PHE B 875 11.45 2.48 -21.56
N VAL B 876 10.82 2.58 -22.71
CA VAL B 876 10.29 1.38 -23.35
C VAL B 876 11.46 0.48 -23.75
N ARG B 877 12.60 1.08 -24.06
CA ARG B 877 13.77 0.32 -24.47
C ARG B 877 14.48 -0.30 -23.25
N GLU B 878 14.81 0.55 -22.29
CA GLU B 878 15.55 0.15 -21.07
C GLU B 878 14.77 -0.81 -20.17
N ASN B 879 13.45 -0.92 -20.41
CA ASN B 879 12.60 -1.69 -19.51
C ASN B 879 11.68 -2.69 -20.22
N TRP B 880 11.90 -2.90 -21.51
CA TRP B 880 11.05 -3.77 -22.33
C TRP B 880 10.69 -5.10 -21.68
N THR B 881 11.69 -5.83 -21.20
CA THR B 881 11.45 -7.19 -20.74
C THR B 881 10.42 -7.16 -19.60
N HIS B 882 10.45 -6.11 -18.77
CA HIS B 882 9.47 -5.95 -17.70
C HIS B 882 8.06 -5.78 -18.24
N LEU B 883 7.95 -5.07 -19.35
CA LEU B 883 6.69 -4.84 -19.98
C LEU B 883 6.18 -6.14 -20.61
N LEU B 884 7.09 -6.97 -21.09
CA LEU B 884 6.73 -8.27 -21.67
C LEU B 884 6.26 -9.25 -20.60
N LYS B 885 6.56 -8.94 -19.35
CA LYS B 885 6.11 -9.74 -18.21
C LYS B 885 4.70 -9.34 -17.74
N LYS B 886 4.48 -8.05 -17.52
CA LYS B 886 3.18 -7.53 -17.10
C LYS B 886 2.09 -7.69 -18.15
N PHE B 887 2.47 -7.59 -19.42
CA PHE B 887 1.54 -7.80 -20.53
C PHE B 887 2.07 -8.89 -21.46
N ASP B 888 1.18 -9.46 -22.26
CA ASP B 888 1.56 -10.49 -23.22
C ASP B 888 1.48 -9.96 -24.66
N LEU B 889 2.61 -9.57 -25.27
CA LEU B 889 2.60 -9.21 -26.69
C LEU B 889 2.06 -10.39 -27.48
N GLY B 890 1.11 -10.14 -28.39
CA GLY B 890 0.64 -8.81 -28.71
C GLY B 890 -0.66 -8.42 -28.03
N SER B 891 -0.53 -8.24 -26.72
CA SER B 891 -1.49 -7.50 -25.92
C SER B 891 -1.82 -6.18 -26.59
N TYR B 892 -3.09 -5.78 -26.56
CA TYR B 892 -3.42 -4.48 -27.09
C TYR B 892 -2.60 -3.44 -26.34
N ASP B 893 -2.41 -3.66 -25.04
CA ASP B 893 -1.53 -2.84 -24.20
C ASP B 893 -0.11 -2.71 -24.78
N ILE B 894 0.46 -3.84 -25.18
CA ILE B 894 1.80 -3.87 -25.77
C ILE B 894 1.89 -3.07 -27.06
N ARG B 895 0.92 -3.23 -27.94
CA ARG B 895 0.93 -2.47 -29.18
C ARG B 895 0.83 -0.97 -28.92
N MET B 896 0.01 -0.57 -27.96
CA MET B 896 -0.15 0.86 -27.71
C MET B 896 1.06 1.44 -27.03
N ILE B 897 1.82 0.61 -26.30
CA ILE B 897 3.07 1.06 -25.69
C ILE B 897 4.10 1.39 -26.75
N ILE B 898 4.19 0.52 -27.76
CA ILE B 898 5.06 0.72 -28.91
C ILE B 898 4.62 1.93 -29.73
N SER B 899 3.49 1.78 -30.41
CA SER B 899 2.92 2.81 -31.25
C SER B 899 2.92 4.18 -30.56
N GLY B 900 2.69 4.18 -29.26
CA GLY B 900 2.39 5.40 -28.54
C GLY B 900 3.56 6.24 -28.10
N THR B 901 4.77 5.77 -28.40
CA THR B 901 5.97 6.48 -28.00
C THR B 901 6.84 6.81 -29.22
N THR B 902 6.48 6.26 -30.37
CA THR B 902 7.34 6.31 -31.53
C THR B 902 6.69 6.85 -32.81
N ALA B 903 5.36 6.73 -32.93
CA ALA B 903 4.68 7.14 -34.16
C ALA B 903 4.75 8.64 -34.38
N HIS B 904 4.78 9.42 -33.30
CA HIS B 904 4.79 10.87 -33.41
C HIS B 904 6.18 11.38 -33.81
N PHE B 905 7.16 10.48 -33.76
CA PHE B 905 8.52 10.79 -34.20
C PHE B 905 8.56 11.12 -35.69
N SER B 906 9.32 12.16 -36.02
CA SER B 906 9.35 12.74 -37.36
C SER B 906 10.76 13.16 -37.82
N SER B 907 11.78 12.62 -37.17
CA SER B 907 13.17 12.94 -37.52
C SER B 907 13.82 11.84 -38.35
N LYS B 908 14.62 12.24 -39.35
CA LYS B 908 15.40 11.26 -40.12
C LYS B 908 16.46 10.67 -39.20
N ASP B 909 16.92 11.48 -38.25
CA ASP B 909 17.97 11.10 -37.31
C ASP B 909 17.42 10.45 -36.04
N LYS B 910 16.10 10.26 -35.97
CA LYS B 910 15.46 9.51 -34.88
C LYS B 910 14.78 8.27 -35.42
N LEU B 911 14.47 8.30 -36.72
CA LEU B 911 13.79 7.22 -37.42
C LEU B 911 14.54 5.91 -37.30
N GLN B 912 15.85 6.00 -37.10
CA GLN B 912 16.69 4.81 -37.12
C GLN B 912 16.67 4.02 -35.82
N GLU B 913 16.51 4.69 -34.70
CA GLU B 913 16.42 3.99 -33.42
C GLU B 913 15.21 3.06 -33.44
N VAL B 914 14.12 3.53 -34.05
CA VAL B 914 12.89 2.76 -34.21
C VAL B 914 13.05 1.70 -35.30
N LYS B 915 13.95 1.94 -36.25
CA LYS B 915 14.26 0.93 -37.26
C LYS B 915 15.13 -0.17 -36.66
N LEU B 916 16.04 0.22 -35.76
CA LEU B 916 16.95 -0.71 -35.09
C LEU B 916 16.27 -1.45 -33.96
N PHE B 917 15.31 -0.79 -33.31
CA PHE B 917 14.63 -1.39 -32.17
C PHE B 917 13.77 -2.56 -32.61
N PHE B 918 13.00 -2.35 -33.66
CA PHE B 918 12.05 -3.34 -34.16
C PHE B 918 12.71 -4.60 -34.72
N GLU B 919 14.03 -4.61 -34.79
CA GLU B 919 14.78 -5.75 -35.31
C GLU B 919 15.52 -6.50 -34.20
N SER B 920 16.00 -5.77 -33.20
CA SER B 920 16.64 -6.37 -32.03
C SER B 920 15.70 -7.39 -31.41
N LEU B 921 14.47 -6.98 -31.17
CA LEU B 921 13.45 -7.83 -30.57
C LEU B 921 12.82 -8.79 -31.57
N GLU B 922 13.56 -9.16 -32.60
CA GLU B 922 13.16 -10.22 -33.50
C GLU B 922 13.99 -11.43 -33.16
N ALA B 923 15.27 -11.15 -32.88
CA ALA B 923 16.18 -12.12 -32.32
C ALA B 923 15.65 -12.61 -30.99
N GLN B 924 15.28 -11.68 -30.13
CA GLN B 924 14.71 -12.00 -28.83
C GLN B 924 13.36 -12.70 -29.01
N GLY B 925 12.40 -11.99 -29.61
CA GLY B 925 11.10 -12.57 -29.90
C GLY B 925 9.88 -11.74 -29.52
N SER B 926 8.94 -11.59 -30.46
CA SER B 926 9.09 -12.10 -31.82
C SER B 926 8.43 -11.13 -32.80
N HIS B 927 7.72 -11.67 -33.80
CA HIS B 927 7.14 -10.86 -34.87
C HIS B 927 5.78 -10.27 -34.51
N LEU B 928 5.64 -8.96 -34.75
CA LEU B 928 4.34 -8.27 -34.72
C LEU B 928 4.09 -7.49 -36.02
N ASP B 929 2.85 -7.48 -36.49
CA ASP B 929 2.46 -6.63 -37.61
C ASP B 929 2.73 -5.16 -37.34
N ILE B 930 2.56 -4.75 -36.09
CA ILE B 930 2.56 -3.34 -35.74
C ILE B 930 3.95 -2.74 -35.94
N PHE B 931 4.97 -3.58 -35.96
CA PHE B 931 6.31 -3.11 -36.26
C PHE B 931 6.34 -2.40 -37.64
N GLN B 932 5.80 -3.09 -38.64
CA GLN B 932 5.65 -2.56 -40.00
C GLN B 932 4.89 -1.26 -40.00
N THR B 933 3.66 -1.29 -39.46
CA THR B 933 2.80 -0.12 -39.40
C THR B 933 3.46 1.08 -38.73
N VAL B 934 4.30 0.83 -37.73
CA VAL B 934 4.99 1.93 -37.04
C VAL B 934 6.19 2.40 -37.87
N LEU B 935 6.85 1.48 -38.55
CA LEU B 935 7.97 1.87 -39.39
C LEU B 935 7.51 2.72 -40.59
N GLU B 936 6.49 2.23 -41.29
CA GLU B 936 5.98 2.91 -42.47
C GLU B 936 5.06 4.09 -42.11
N THR B 937 5.25 4.66 -40.92
CA THR B 937 4.45 5.80 -40.45
C THR B 937 5.36 6.93 -40.01
N ILE B 938 6.53 6.60 -39.46
CA ILE B 938 7.57 7.59 -39.29
C ILE B 938 8.18 7.88 -40.68
N THR B 939 8.07 6.91 -41.59
CA THR B 939 8.42 7.15 -42.99
C THR B 939 7.55 8.31 -43.51
N LYS B 940 6.23 8.15 -43.46
CA LYS B 940 5.32 9.18 -43.94
C LYS B 940 5.31 10.42 -43.04
N ASN B 941 6.06 10.38 -41.95
CA ASN B 941 6.14 11.49 -41.02
C ASN B 941 7.31 12.45 -41.32
N ILE B 942 8.43 11.89 -41.75
CA ILE B 942 9.57 12.70 -42.16
C ILE B 942 9.31 13.17 -43.58
N LYS B 943 8.68 12.29 -44.36
CA LYS B 943 8.35 12.53 -45.76
C LYS B 943 7.37 13.69 -45.94
N TRP B 944 6.55 13.93 -44.93
CA TRP B 944 5.64 15.07 -44.94
C TRP B 944 6.39 16.35 -44.60
N LEU B 945 7.38 16.24 -43.72
CA LEU B 945 8.17 17.39 -43.27
C LEU B 945 9.01 18.02 -44.39
N GLU B 946 9.57 17.20 -45.27
CA GLU B 946 10.44 17.73 -46.32
C GLU B 946 9.62 18.52 -47.33
N LYS B 947 8.41 18.04 -47.64
CA LYS B 947 7.55 18.73 -48.59
C LYS B 947 6.98 20.07 -48.09
N ASN B 948 5.93 19.99 -47.28
CA ASN B 948 5.10 21.16 -46.98
C ASN B 948 5.60 22.14 -45.91
N LEU B 949 6.82 21.95 -45.39
CA LEU B 949 7.30 22.84 -44.33
C LEU B 949 7.63 24.29 -44.79
N PRO B 950 8.30 24.46 -45.96
CA PRO B 950 8.51 25.85 -46.39
C PRO B 950 7.19 26.53 -46.67
N THR B 951 6.26 25.73 -47.19
CA THR B 951 4.93 26.17 -47.58
C THR B 951 4.11 26.58 -46.35
N LEU B 952 4.61 26.24 -45.16
CA LEU B 952 3.89 26.52 -43.92
C LEU B 952 4.42 27.76 -43.18
N ARG B 953 5.75 27.92 -43.14
CA ARG B 953 6.35 29.04 -42.41
C ARG B 953 6.06 30.37 -43.08
N THR B 954 6.41 30.46 -44.36
CA THR B 954 6.18 31.67 -45.15
C THR B 954 4.68 32.02 -45.15
N TRP B 955 3.85 30.98 -45.22
CA TRP B 955 2.40 31.11 -45.28
C TRP B 955 1.80 31.81 -44.06
N LEU B 956 2.37 31.56 -42.88
CA LEU B 956 1.89 32.19 -41.65
C LEU B 956 2.21 33.69 -41.65
N MET B 957 3.28 34.06 -42.34
CA MET B 957 3.70 35.44 -42.39
C MET B 957 2.80 36.24 -43.30
N VAL B 958 2.10 35.53 -44.17
CA VAL B 958 1.22 36.16 -45.13
C VAL B 958 0.23 37.04 -44.40
N ASN B 959 -0.36 36.48 -43.35
CA ASN B 959 -1.39 37.17 -42.58
C ASN B 959 -0.94 38.42 -41.84
N THR B 960 0.25 38.39 -41.26
CA THR B 960 0.81 39.58 -40.66
C THR B 960 1.15 40.58 -41.75
N ARG B 961 2.17 41.31 -41.57
N GLY C 1 2.90 2.03 30.41
CA GLY C 1 4.33 1.67 30.27
C GLY C 1 4.75 0.30 29.73
N PRO C 2 5.48 0.26 28.59
N PRO C 2 5.59 0.23 28.70
CA PRO C 2 6.12 -0.77 27.72
CA PRO C 2 6.35 1.21 27.88
C PRO C 2 7.30 -1.56 28.39
C PRO C 2 5.47 2.27 27.17
N GLY C 3 8.11 -2.43 27.74
N GLY C 3 6.07 3.26 26.49
CA GLY C 3 8.13 -2.77 26.32
CA GLY C 3 7.51 3.48 26.45
C GLY C 3 9.05 -1.76 25.62
C GLY C 3 8.20 3.01 25.17
N ARG C 4 8.61 -1.31 24.44
N ARG C 4 9.05 1.99 25.31
CA ARG C 4 8.84 0.04 23.85
CA ARG C 4 10.12 1.66 24.35
C ARG C 4 8.96 0.27 22.30
C ARG C 4 9.65 1.04 23.02
N ALA C 5 9.05 -0.73 21.41
N ALA C 5 10.34 -0.02 22.63
CA ALA C 5 9.49 -2.12 21.58
CA ALA C 5 10.06 -0.76 21.39
C ALA C 5 10.63 -2.38 20.58
C ALA C 5 10.92 -2.04 21.29
N PHE C 6 11.83 -2.63 21.12
N PHE C 6 12.17 -1.97 21.77
CA PHE C 6 13.13 -2.87 20.42
CA PHE C 6 13.07 -3.13 21.88
C PHE C 6 14.03 -1.64 20.53
C PHE C 6 14.26 -2.83 22.81
N GLY D 1 -14.27 -8.21 -27.09
CA GLY D 1 -14.02 -7.03 -27.92
C GLY D 1 -14.82 -5.83 -27.46
N PRO D 2 -14.18 -4.70 -27.11
CA PRO D 2 -12.76 -4.30 -27.17
C PRO D 2 -11.84 -5.18 -26.29
N GLY D 3 -10.52 -4.97 -26.27
CA GLY D 3 -9.79 -3.96 -27.02
C GLY D 3 -9.41 -2.69 -26.26
N ARG D 4 -9.64 -1.53 -26.89
CA ARG D 4 -9.43 -0.21 -26.28
C ARG D 4 -10.53 0.37 -25.39
N ALA D 5 -10.11 1.25 -24.48
CA ALA D 5 -11.00 2.14 -23.73
C ALA D 5 -10.61 3.61 -24.00
N PHE D 6 -11.45 4.28 -24.78
CA PHE D 6 -11.37 5.68 -25.27
C PHE D 6 -10.70 5.68 -26.64
#